data_2EA5
#
_entry.id   2EA5
#
loop_
_entity.id
_entity.type
_entity.pdbx_description
1 polymer 'Cell growth regulator with RING finger domain protein 1'
2 non-polymer 'ZINC ION'
#
_entity_poly.entity_id   1
_entity_poly.type   'polypeptide(L)'
_entity_poly.pdbx_seq_one_letter_code
;GSSGSSGVEPSEENSKDCVVCQNGTVNWVLLPCRHTCLCDGCVKYFQQCPMCRQFVQESFALSGPSSG
;
_entity_poly.pdbx_strand_id   A
#
# COMPACT_ATOMS: atom_id res chain seq x y z
N GLY A 1 -9.68 35.94 -8.77
CA GLY A 1 -9.08 37.05 -8.06
C GLY A 1 -7.81 36.66 -7.32
N SER A 2 -6.82 36.18 -8.07
CA SER A 2 -5.56 35.76 -7.47
C SER A 2 -4.39 36.57 -8.04
N SER A 3 -3.20 36.33 -7.50
CA SER A 3 -2.01 37.05 -7.94
C SER A 3 -1.29 36.27 -9.03
N GLY A 4 -0.91 35.03 -8.72
CA GLY A 4 -0.22 34.20 -9.69
C GLY A 4 0.34 32.93 -9.07
N SER A 5 -0.44 32.32 -8.18
CA SER A 5 -0.01 31.09 -7.51
C SER A 5 -0.53 29.87 -8.24
N SER A 6 0.28 29.33 -9.15
CA SER A 6 -0.11 28.15 -9.93
C SER A 6 0.49 26.89 -9.31
N GLY A 7 0.43 26.80 -7.98
CA GLY A 7 0.97 25.64 -7.30
C GLY A 7 0.51 25.56 -5.86
N VAL A 8 -0.63 24.91 -5.63
CA VAL A 8 -1.17 24.76 -4.29
C VAL A 8 -1.16 23.30 -3.84
N GLU A 9 -0.17 22.95 -3.03
CA GLU A 9 -0.04 21.58 -2.54
C GLU A 9 0.37 21.57 -1.07
N PRO A 10 -0.08 20.54 -0.33
CA PRO A 10 0.23 20.38 1.10
C PRO A 10 1.70 20.05 1.34
N SER A 11 2.11 20.11 2.60
CA SER A 11 3.49 19.82 2.97
C SER A 11 3.97 18.53 2.32
N GLU A 12 3.19 17.46 2.50
CA GLU A 12 3.53 16.16 1.94
C GLU A 12 2.28 15.42 1.48
N GLU A 13 2.21 15.13 0.18
CA GLU A 13 1.07 14.42 -0.39
C GLU A 13 1.44 13.00 -0.77
N ASN A 14 2.18 12.33 0.11
CA ASN A 14 2.61 10.95 -0.13
C ASN A 14 2.86 10.22 1.18
N SER A 15 2.08 9.17 1.43
CA SER A 15 2.22 8.39 2.65
C SER A 15 1.31 7.16 2.61
N LYS A 16 1.87 6.01 2.98
CA LYS A 16 1.12 4.76 2.98
C LYS A 16 0.20 4.67 1.76
N ASP A 17 0.73 5.04 0.60
CA ASP A 17 -0.03 5.01 -0.63
C ASP A 17 0.51 3.93 -1.57
N CYS A 18 -0.24 3.65 -2.64
CA CYS A 18 0.17 2.64 -3.61
C CYS A 18 1.43 3.08 -4.34
N VAL A 19 2.41 2.18 -4.40
CA VAL A 19 3.67 2.48 -5.07
C VAL A 19 3.66 1.98 -6.51
N VAL A 20 2.46 1.83 -7.06
CA VAL A 20 2.29 1.37 -8.44
C VAL A 20 1.59 2.41 -9.30
N CYS A 21 0.43 2.87 -8.83
CA CYS A 21 -0.34 3.87 -9.54
C CYS A 21 -0.44 5.16 -8.74
N GLN A 22 -0.11 5.08 -7.46
CA GLN A 22 -0.16 6.25 -6.58
C GLN A 22 -1.38 7.11 -6.90
N ASN A 23 -2.49 6.46 -7.21
CA ASN A 23 -3.72 7.17 -7.53
C ASN A 23 -4.84 6.79 -6.55
N GLY A 24 -4.85 5.53 -6.13
CA GLY A 24 -5.86 5.07 -5.20
C GLY A 24 -5.28 4.71 -3.85
N THR A 25 -6.14 4.64 -2.84
CA THR A 25 -5.71 4.31 -1.48
C THR A 25 -5.62 2.80 -1.30
N VAL A 26 -4.44 2.32 -0.90
CA VAL A 26 -4.22 0.89 -0.68
C VAL A 26 -5.01 0.40 0.53
N ASN A 27 -5.87 -0.58 0.31
CA ASN A 27 -6.68 -1.14 1.39
C ASN A 27 -6.58 -2.66 1.41
N TRP A 28 -5.39 -3.18 1.16
CA TRP A 28 -5.15 -4.62 1.15
C TRP A 28 -3.73 -4.95 1.59
N VAL A 29 -3.59 -5.92 2.48
CA VAL A 29 -2.28 -6.33 2.97
C VAL A 29 -1.77 -7.56 2.22
N LEU A 30 -0.48 -7.58 1.96
CA LEU A 30 0.14 -8.71 1.25
C LEU A 30 0.87 -9.63 2.22
N LEU A 31 0.10 -10.48 2.91
CA LEU A 31 0.68 -11.42 3.87
C LEU A 31 1.64 -12.38 3.19
N PRO A 32 2.56 -12.96 3.97
CA PRO A 32 2.67 -12.68 5.40
C PRO A 32 3.16 -11.26 5.69
N CYS A 33 4.24 -10.87 5.01
CA CYS A 33 4.81 -9.55 5.18
C CYS A 33 3.73 -8.55 5.60
N ARG A 34 2.56 -8.64 4.99
CA ARG A 34 1.46 -7.74 5.29
C ARG A 34 1.77 -6.32 4.85
N HIS A 35 2.14 -6.16 3.59
CA HIS A 35 2.47 -4.85 3.04
C HIS A 35 1.31 -4.29 2.22
N THR A 36 0.92 -3.07 2.53
CA THR A 36 -0.17 -2.41 1.82
C THR A 36 0.34 -1.43 0.77
N CYS A 37 0.73 -1.97 -0.38
CA CYS A 37 1.24 -1.15 -1.47
C CYS A 37 0.57 -1.50 -2.79
N LEU A 38 -0.66 -1.99 -2.70
CA LEU A 38 -1.42 -2.38 -3.90
C LEU A 38 -2.91 -2.10 -3.69
N CYS A 39 -3.43 -1.14 -4.45
CA CYS A 39 -4.84 -0.78 -4.36
C CYS A 39 -5.73 -2.01 -4.55
N ASP A 40 -6.99 -1.89 -4.15
CA ASP A 40 -7.94 -2.98 -4.28
C ASP A 40 -7.80 -3.67 -5.63
N GLY A 41 -7.26 -2.94 -6.61
CA GLY A 41 -7.07 -3.50 -7.94
C GLY A 41 -5.65 -3.94 -8.19
N CYS A 42 -4.69 -3.09 -7.83
CA CYS A 42 -3.28 -3.38 -8.02
C CYS A 42 -2.88 -4.63 -7.23
N VAL A 43 -3.73 -5.03 -6.30
CA VAL A 43 -3.47 -6.21 -5.49
C VAL A 43 -3.39 -7.46 -6.34
N LYS A 44 -4.16 -7.48 -7.42
CA LYS A 44 -4.18 -8.63 -8.33
C LYS A 44 -3.15 -8.46 -9.44
N TYR A 45 -2.75 -7.21 -9.68
CA TYR A 45 -1.78 -6.90 -10.73
C TYR A 45 -0.48 -7.68 -10.50
N PHE A 46 -0.02 -7.70 -9.26
CA PHE A 46 1.21 -8.39 -8.91
C PHE A 46 0.95 -9.48 -7.86
N GLN A 47 1.13 -10.73 -8.25
CA GLN A 47 0.92 -11.85 -7.34
C GLN A 47 1.85 -11.77 -6.14
N GLN A 48 2.93 -11.00 -6.28
CA GLN A 48 3.89 -10.84 -5.20
C GLN A 48 3.92 -9.41 -4.70
N CYS A 49 4.71 -9.15 -3.66
CA CYS A 49 4.82 -7.82 -3.09
C CYS A 49 5.82 -6.97 -3.86
N PRO A 50 5.38 -5.80 -4.33
CA PRO A 50 6.22 -4.87 -5.08
C PRO A 50 7.31 -4.23 -4.22
N MET A 51 7.44 -4.72 -3.00
CA MET A 51 8.44 -4.19 -2.07
C MET A 51 9.39 -5.29 -1.60
N CYS A 52 8.84 -6.31 -0.95
CA CYS A 52 9.64 -7.41 -0.46
C CYS A 52 9.63 -8.58 -1.45
N ARG A 53 8.68 -8.55 -2.38
CA ARG A 53 8.56 -9.60 -3.38
C ARG A 53 8.38 -10.96 -2.73
N GLN A 54 7.42 -11.04 -1.81
CA GLN A 54 7.15 -12.29 -1.10
C GLN A 54 5.87 -12.94 -1.62
N PHE A 55 5.96 -14.21 -2.01
CA PHE A 55 4.82 -14.93 -2.53
C PHE A 55 3.58 -14.68 -1.67
N VAL A 56 2.61 -13.97 -2.25
CA VAL A 56 1.38 -13.64 -1.54
C VAL A 56 0.49 -14.87 -1.40
N GLN A 57 0.42 -15.41 -0.18
CA GLN A 57 -0.40 -16.59 0.09
C GLN A 57 -1.79 -16.19 0.54
N GLU A 58 -1.88 -15.07 1.26
CA GLU A 58 -3.17 -14.58 1.76
C GLU A 58 -3.22 -13.05 1.73
N SER A 59 -4.41 -12.52 1.50
CA SER A 59 -4.59 -11.06 1.45
C SER A 59 -5.98 -10.67 1.95
N PHE A 60 -6.02 -9.67 2.82
CA PHE A 60 -7.27 -9.19 3.38
C PHE A 60 -7.32 -7.66 3.41
N ALA A 61 -8.52 -7.11 3.31
CA ALA A 61 -8.70 -5.67 3.34
C ALA A 61 -8.72 -5.14 4.76
N LEU A 62 -7.97 -4.07 5.01
CA LEU A 62 -7.91 -3.47 6.34
C LEU A 62 -9.31 -3.15 6.86
N SER A 63 -10.00 -2.26 6.16
CA SER A 63 -11.34 -1.86 6.54
C SER A 63 -11.44 -1.69 8.06
N GLY A 64 -10.48 -0.97 8.62
CA GLY A 64 -10.48 -0.74 10.06
C GLY A 64 -10.47 0.73 10.41
N PRO A 65 -10.22 1.04 11.69
CA PRO A 65 -10.18 2.42 12.17
C PRO A 65 -8.97 3.19 11.65
N SER A 66 -8.18 2.53 10.81
CA SER A 66 -6.98 3.15 10.24
C SER A 66 -7.29 3.75 8.88
N SER A 67 -7.54 5.06 8.84
CA SER A 67 -7.85 5.75 7.60
C SER A 67 -7.56 7.24 7.73
N GLY A 68 -7.37 7.90 6.59
CA GLY A 68 -7.10 9.33 6.60
C GLY A 68 -8.31 10.16 6.22
N GLY A 1 32.72 27.57 3.33
CA GLY A 1 31.76 27.52 2.24
C GLY A 1 32.18 26.57 1.14
N SER A 2 31.20 25.93 0.51
CA SER A 2 31.47 24.99 -0.58
C SER A 2 30.28 24.89 -1.52
N SER A 3 30.56 24.88 -2.82
CA SER A 3 29.51 24.79 -3.82
C SER A 3 28.37 23.90 -3.35
N GLY A 4 27.19 24.50 -3.17
CA GLY A 4 26.04 23.75 -2.72
C GLY A 4 24.83 23.96 -3.61
N SER A 5 24.44 22.92 -4.33
CA SER A 5 23.29 22.99 -5.23
C SER A 5 22.30 21.87 -4.94
N SER A 6 21.15 22.23 -4.39
CA SER A 6 20.12 21.24 -4.06
C SER A 6 18.73 21.85 -4.20
N GLY A 7 17.74 20.99 -4.40
CA GLY A 7 16.37 21.45 -4.57
C GLY A 7 15.49 21.06 -3.39
N VAL A 8 14.28 21.61 -3.35
CA VAL A 8 13.34 21.33 -2.28
C VAL A 8 12.49 20.10 -2.60
N GLU A 9 13.06 18.92 -2.39
CA GLU A 9 12.35 17.67 -2.65
C GLU A 9 11.20 17.48 -1.68
N PRO A 10 10.12 16.85 -2.17
CA PRO A 10 8.92 16.58 -1.35
C PRO A 10 9.17 15.53 -0.27
N SER A 11 8.12 15.13 0.41
CA SER A 11 8.22 14.13 1.47
C SER A 11 7.34 12.93 1.17
N GLU A 12 7.81 12.06 0.27
CA GLU A 12 7.05 10.87 -0.11
C GLU A 12 7.91 9.62 0.07
N GLU A 13 8.68 9.58 1.16
CA GLU A 13 9.53 8.43 1.45
C GLU A 13 8.71 7.21 1.82
N ASN A 14 8.99 6.09 1.17
CA ASN A 14 8.27 4.85 1.43
C ASN A 14 6.78 5.11 1.60
N SER A 15 6.24 5.98 0.76
CA SER A 15 4.82 6.32 0.82
C SER A 15 3.96 5.07 1.07
N LYS A 16 3.01 5.19 1.99
CA LYS A 16 2.13 4.08 2.33
C LYS A 16 1.18 3.77 1.17
N ASP A 17 0.66 4.81 0.54
CA ASP A 17 -0.26 4.64 -0.58
C ASP A 17 0.32 3.68 -1.62
N CYS A 18 -0.45 3.39 -2.65
CA CYS A 18 -0.03 2.49 -3.70
C CYS A 18 1.23 3.03 -4.40
N VAL A 19 2.30 2.23 -4.36
CA VAL A 19 3.55 2.63 -4.99
C VAL A 19 3.61 2.19 -6.44
N VAL A 20 2.44 1.86 -6.99
CA VAL A 20 2.36 1.42 -8.39
C VAL A 20 1.65 2.47 -9.24
N CYS A 21 0.60 3.06 -8.71
CA CYS A 21 -0.17 4.07 -9.42
C CYS A 21 -0.24 5.37 -8.61
N GLN A 22 0.06 5.27 -7.32
CA GLN A 22 0.03 6.43 -6.44
C GLN A 22 -1.22 7.27 -6.69
N ASN A 23 -2.35 6.60 -6.91
CA ASN A 23 -3.61 7.29 -7.16
C ASN A 23 -4.70 6.80 -6.19
N GLY A 24 -4.79 5.49 -6.03
CA GLY A 24 -5.78 4.92 -5.14
C GLY A 24 -5.24 4.67 -3.75
N THR A 25 -6.12 4.33 -2.81
CA THR A 25 -5.73 4.07 -1.44
C THR A 25 -5.59 2.57 -1.19
N VAL A 26 -4.34 2.13 -1.00
CA VAL A 26 -4.06 0.72 -0.75
C VAL A 26 -4.83 0.22 0.47
N ASN A 27 -5.78 -0.69 0.23
CA ASN A 27 -6.58 -1.24 1.32
C ASN A 27 -6.47 -2.76 1.35
N TRP A 28 -5.29 -3.28 1.05
CA TRP A 28 -5.05 -4.71 1.03
C TRP A 28 -3.63 -5.04 1.50
N VAL A 29 -3.52 -6.02 2.40
CA VAL A 29 -2.23 -6.43 2.92
C VAL A 29 -1.73 -7.69 2.23
N LEU A 30 -0.44 -7.71 1.91
CA LEU A 30 0.16 -8.87 1.24
C LEU A 30 0.89 -9.75 2.24
N LEU A 31 0.13 -10.45 3.08
CA LEU A 31 0.69 -11.34 4.08
C LEU A 31 1.63 -12.36 3.43
N PRO A 32 2.56 -12.90 4.23
CA PRO A 32 2.70 -12.53 5.64
C PRO A 32 3.22 -11.12 5.83
N CYS A 33 4.23 -10.76 5.05
CA CYS A 33 4.82 -9.43 5.14
C CYS A 33 3.78 -8.39 5.52
N ARG A 34 2.58 -8.53 4.95
CA ARG A 34 1.49 -7.61 5.24
C ARG A 34 1.85 -6.19 4.79
N HIS A 35 2.22 -6.05 3.52
CA HIS A 35 2.59 -4.75 2.98
C HIS A 35 1.48 -4.20 2.08
N THR A 36 0.84 -3.12 2.53
CA THR A 36 -0.23 -2.50 1.77
C THR A 36 0.31 -1.53 0.72
N CYS A 37 0.72 -2.08 -0.42
CA CYS A 37 1.27 -1.27 -1.50
C CYS A 37 0.58 -1.59 -2.82
N LEU A 38 -0.69 -1.95 -2.75
CA LEU A 38 -1.46 -2.29 -3.94
C LEU A 38 -2.96 -2.06 -3.71
N CYS A 39 -3.54 -1.16 -4.48
CA CYS A 39 -4.96 -0.85 -4.36
C CYS A 39 -5.80 -2.11 -4.51
N ASP A 40 -7.10 -1.98 -4.28
CA ASP A 40 -8.03 -3.11 -4.40
C ASP A 40 -7.99 -3.70 -5.80
N GLY A 41 -7.36 -2.97 -6.73
CA GLY A 41 -7.27 -3.44 -8.10
C GLY A 41 -5.85 -3.80 -8.50
N CYS A 42 -4.88 -3.12 -7.90
CA CYS A 42 -3.47 -3.38 -8.20
C CYS A 42 -2.96 -4.57 -7.40
N VAL A 43 -3.75 -5.02 -6.44
CA VAL A 43 -3.38 -6.16 -5.60
C VAL A 43 -3.26 -7.43 -6.43
N LYS A 44 -4.05 -7.52 -7.50
CA LYS A 44 -4.03 -8.68 -8.38
C LYS A 44 -3.03 -8.49 -9.51
N TYR A 45 -2.62 -7.25 -9.73
CA TYR A 45 -1.67 -6.93 -10.78
C TYR A 45 -0.33 -7.64 -10.54
N PHE A 46 0.06 -7.72 -9.27
CA PHE A 46 1.31 -8.37 -8.91
C PHE A 46 1.09 -9.40 -7.80
N GLN A 47 0.90 -10.65 -8.20
CA GLN A 47 0.67 -11.73 -7.24
C GLN A 47 1.67 -11.66 -6.10
N GLN A 48 2.79 -10.98 -6.33
CA GLN A 48 3.84 -10.84 -5.32
C GLN A 48 3.94 -9.40 -4.85
N CYS A 49 4.62 -9.20 -3.72
CA CYS A 49 4.80 -7.86 -3.16
C CYS A 49 5.86 -7.09 -3.93
N PRO A 50 5.46 -5.95 -4.52
CA PRO A 50 6.36 -5.09 -5.29
C PRO A 50 7.40 -4.40 -4.41
N MET A 51 7.47 -4.81 -3.15
CA MET A 51 8.41 -4.22 -2.21
C MET A 51 9.37 -5.27 -1.68
N CYS A 52 8.82 -6.32 -1.09
CA CYS A 52 9.63 -7.41 -0.54
C CYS A 52 9.67 -8.60 -1.50
N ARG A 53 8.76 -8.60 -2.46
CA ARG A 53 8.69 -9.69 -3.44
C ARG A 53 8.42 -11.02 -2.75
N GLN A 54 7.44 -11.03 -1.85
CA GLN A 54 7.09 -12.24 -1.12
C GLN A 54 5.80 -12.85 -1.65
N PHE A 55 5.83 -14.14 -1.93
CA PHE A 55 4.67 -14.85 -2.46
C PHE A 55 3.44 -14.57 -1.60
N VAL A 56 2.51 -13.79 -2.14
CA VAL A 56 1.28 -13.46 -1.42
C VAL A 56 0.40 -14.68 -1.24
N GLN A 57 0.41 -15.24 -0.03
CA GLN A 57 -0.38 -16.43 0.27
C GLN A 57 -1.79 -16.03 0.70
N GLU A 58 -1.89 -14.95 1.49
CA GLU A 58 -3.18 -14.47 1.96
C GLU A 58 -3.24 -12.94 1.93
N SER A 59 -4.39 -12.42 1.55
CA SER A 59 -4.58 -10.97 1.47
C SER A 59 -5.97 -10.58 1.95
N PHE A 60 -6.01 -9.71 2.97
CA PHE A 60 -7.27 -9.25 3.53
C PHE A 60 -7.36 -7.73 3.49
N ALA A 61 -8.58 -7.21 3.39
CA ALA A 61 -8.80 -5.77 3.35
C ALA A 61 -8.78 -5.17 4.75
N LEU A 62 -8.11 -4.04 4.89
CA LEU A 62 -8.01 -3.36 6.18
C LEU A 62 -9.40 -2.97 6.71
N SER A 63 -10.22 -2.42 5.82
CA SER A 63 -11.56 -2.01 6.19
C SER A 63 -12.61 -2.71 5.34
N GLY A 64 -13.84 -2.77 5.84
CA GLY A 64 -14.91 -3.42 5.09
C GLY A 64 -16.28 -2.93 5.52
N PRO A 65 -17.31 -3.31 4.74
CA PRO A 65 -18.70 -2.91 5.03
C PRO A 65 -19.25 -3.60 6.27
N SER A 66 -18.41 -4.40 6.92
CA SER A 66 -18.82 -5.12 8.12
C SER A 66 -19.01 -4.16 9.29
N SER A 67 -19.89 -4.53 10.22
CA SER A 67 -20.17 -3.70 11.38
C SER A 67 -19.08 -3.87 12.44
N GLY A 68 -18.92 -2.85 13.28
CA GLY A 68 -17.92 -2.91 14.33
C GLY A 68 -18.50 -2.69 15.71
N GLY A 1 28.03 -0.62 -7.99
CA GLY A 1 27.68 0.78 -8.12
C GLY A 1 27.65 1.51 -6.80
N SER A 2 28.22 2.71 -6.77
CA SER A 2 28.28 3.51 -5.56
C SER A 2 27.02 4.37 -5.43
N SER A 3 26.42 4.35 -4.24
CA SER A 3 25.21 5.13 -3.99
C SER A 3 25.27 5.78 -2.61
N GLY A 4 24.85 7.04 -2.54
CA GLY A 4 24.86 7.77 -1.29
C GLY A 4 24.92 9.26 -1.48
N SER A 5 23.92 9.97 -0.95
CA SER A 5 23.85 11.42 -1.07
C SER A 5 23.45 12.06 0.26
N SER A 6 23.91 13.29 0.47
CA SER A 6 23.61 14.01 1.70
C SER A 6 22.14 14.43 1.73
N GLY A 7 21.33 13.70 2.49
CA GLY A 7 19.92 14.03 2.60
C GLY A 7 19.38 13.82 4.00
N VAL A 8 18.09 13.54 4.10
CA VAL A 8 17.45 13.32 5.39
C VAL A 8 16.27 12.36 5.27
N GLU A 9 16.23 11.37 6.16
CA GLU A 9 15.16 10.37 6.15
C GLU A 9 14.85 9.88 7.56
N PRO A 10 13.60 9.49 7.80
CA PRO A 10 13.15 8.99 9.10
C PRO A 10 13.76 7.63 9.44
N SER A 11 13.35 7.07 10.58
CA SER A 11 13.85 5.78 11.02
C SER A 11 13.61 4.71 9.94
N GLU A 12 12.36 4.59 9.50
CA GLU A 12 12.01 3.61 8.49
C GLU A 12 10.76 4.05 7.72
N GLU A 13 10.71 3.70 6.44
CA GLU A 13 9.56 4.06 5.60
C GLU A 13 8.29 3.39 6.10
N ASN A 14 7.16 3.79 5.52
CA ASN A 14 5.87 3.24 5.91
C ASN A 14 4.88 3.29 4.75
N SER A 15 4.19 2.18 4.52
CA SER A 15 3.22 2.10 3.43
C SER A 15 2.10 3.12 3.62
N LYS A 16 2.15 4.21 2.87
CA LYS A 16 1.15 5.26 2.96
C LYS A 16 0.18 5.19 1.78
N ASP A 17 0.74 5.01 0.58
CA ASP A 17 -0.06 4.92 -0.63
C ASP A 17 0.48 3.87 -1.57
N CYS A 18 -0.24 3.62 -2.66
CA CYS A 18 0.18 2.63 -3.65
C CYS A 18 1.47 3.06 -4.33
N VAL A 19 2.44 2.15 -4.37
CA VAL A 19 3.73 2.42 -4.99
C VAL A 19 3.74 1.96 -6.44
N VAL A 20 2.56 1.82 -7.03
CA VAL A 20 2.44 1.38 -8.42
C VAL A 20 1.72 2.43 -9.25
N CYS A 21 0.62 2.96 -8.74
CA CYS A 21 -0.15 3.98 -9.44
C CYS A 21 -0.32 5.22 -8.58
N GLN A 22 0.12 5.14 -7.33
CA GLN A 22 0.01 6.26 -6.41
C GLN A 22 -1.19 7.13 -6.75
N ASN A 23 -2.34 6.48 -6.97
CA ASN A 23 -3.56 7.20 -7.30
C ASN A 23 -4.69 6.82 -6.35
N GLY A 24 -4.73 5.54 -5.99
CA GLY A 24 -5.77 5.06 -5.08
C GLY A 24 -5.24 4.79 -3.69
N THR A 25 -6.14 4.45 -2.77
CA THR A 25 -5.76 4.16 -1.40
C THR A 25 -5.61 2.66 -1.17
N VAL A 26 -4.39 2.22 -0.92
CA VAL A 26 -4.11 0.81 -0.67
C VAL A 26 -4.86 0.31 0.56
N ASN A 27 -5.81 -0.59 0.33
CA ASN A 27 -6.61 -1.15 1.42
C ASN A 27 -6.49 -2.68 1.44
N TRP A 28 -5.33 -3.19 1.05
CA TRP A 28 -5.10 -4.63 1.03
C TRP A 28 -3.68 -4.95 1.48
N VAL A 29 -3.55 -5.97 2.32
CA VAL A 29 -2.24 -6.38 2.83
C VAL A 29 -1.75 -7.63 2.10
N LEU A 30 -0.44 -7.69 1.86
CA LEU A 30 0.16 -8.82 1.18
C LEU A 30 0.88 -9.74 2.17
N LEU A 31 0.11 -10.45 2.98
CA LEU A 31 0.67 -11.37 3.97
C LEU A 31 1.62 -12.36 3.32
N PRO A 32 2.53 -12.93 4.11
CA PRO A 32 2.62 -12.62 5.54
C PRO A 32 3.14 -11.21 5.80
N CYS A 33 4.20 -10.84 5.08
CA CYS A 33 4.80 -9.51 5.24
C CYS A 33 3.74 -8.50 5.67
N ARG A 34 2.55 -8.59 5.08
CA ARG A 34 1.46 -7.68 5.41
C ARG A 34 1.79 -6.26 4.98
N HIS A 35 2.14 -6.09 3.71
CA HIS A 35 2.49 -4.78 3.17
C HIS A 35 1.38 -4.26 2.27
N THR A 36 0.81 -3.11 2.63
CA THR A 36 -0.26 -2.51 1.85
C THR A 36 0.30 -1.53 0.81
N CYS A 37 0.75 -2.09 -0.32
CA CYS A 37 1.30 -1.27 -1.39
C CYS A 37 0.61 -1.57 -2.71
N LEU A 38 -0.64 -1.97 -2.64
CA LEU A 38 -1.42 -2.30 -3.84
C LEU A 38 -2.89 -2.01 -3.63
N CYS A 39 -3.44 -1.12 -4.45
CA CYS A 39 -4.86 -0.76 -4.35
C CYS A 39 -5.75 -1.98 -4.53
N ASP A 40 -7.03 -1.82 -4.23
CA ASP A 40 -7.99 -2.91 -4.36
C ASP A 40 -7.86 -3.59 -5.72
N GLY A 41 -7.24 -2.90 -6.68
CA GLY A 41 -7.06 -3.46 -8.00
C GLY A 41 -5.64 -3.92 -8.24
N CYS A 42 -4.68 -3.03 -8.02
CA CYS A 42 -3.27 -3.35 -8.22
C CYS A 42 -2.88 -4.59 -7.42
N VAL A 43 -3.71 -4.94 -6.44
CA VAL A 43 -3.44 -6.10 -5.60
C VAL A 43 -3.44 -7.39 -6.42
N LYS A 44 -4.28 -7.43 -7.45
CA LYS A 44 -4.38 -8.59 -8.31
C LYS A 44 -3.44 -8.47 -9.50
N TYR A 45 -2.95 -7.25 -9.73
CA TYR A 45 -2.05 -7.00 -10.85
C TYR A 45 -0.81 -7.88 -10.75
N PHE A 46 -0.29 -8.03 -9.53
CA PHE A 46 0.90 -8.85 -9.31
C PHE A 46 0.66 -9.85 -8.18
N GLN A 47 1.06 -11.10 -8.42
CA GLN A 47 0.89 -12.15 -7.42
C GLN A 47 2.04 -12.13 -6.40
N GLN A 48 2.55 -10.94 -6.13
CA GLN A 48 3.64 -10.79 -5.18
C GLN A 48 3.71 -9.36 -4.65
N CYS A 49 4.55 -9.14 -3.65
CA CYS A 49 4.71 -7.82 -3.05
C CYS A 49 5.71 -6.97 -3.85
N PRO A 50 5.22 -5.84 -4.37
CA PRO A 50 6.05 -4.92 -5.17
C PRO A 50 7.09 -4.20 -4.31
N MET A 51 7.25 -4.66 -3.07
CA MET A 51 8.23 -4.06 -2.15
C MET A 51 9.26 -5.09 -1.74
N CYS A 52 8.82 -6.14 -1.07
CA CYS A 52 9.72 -7.19 -0.61
C CYS A 52 9.74 -8.36 -1.59
N ARG A 53 8.74 -8.41 -2.47
CA ARG A 53 8.64 -9.47 -3.46
C ARG A 53 8.45 -10.82 -2.79
N GLN A 54 7.55 -10.87 -1.81
CA GLN A 54 7.27 -12.11 -1.09
C GLN A 54 5.99 -12.76 -1.59
N PHE A 55 6.08 -14.05 -1.92
CA PHE A 55 4.92 -14.79 -2.41
C PHE A 55 3.70 -14.52 -1.54
N VAL A 56 2.68 -13.91 -2.13
CA VAL A 56 1.45 -13.60 -1.43
C VAL A 56 0.62 -14.85 -1.19
N GLN A 57 0.59 -15.32 0.05
CA GLN A 57 -0.16 -16.51 0.41
C GLN A 57 -1.60 -16.15 0.80
N GLU A 58 -1.76 -15.03 1.47
CA GLU A 58 -3.08 -14.57 1.91
C GLU A 58 -3.18 -13.05 1.83
N SER A 59 -4.38 -12.55 1.55
CA SER A 59 -4.61 -11.11 1.44
C SER A 59 -6.02 -10.77 1.93
N PHE A 60 -6.12 -9.69 2.71
CA PHE A 60 -7.40 -9.24 3.24
C PHE A 60 -7.48 -7.72 3.23
N ALA A 61 -8.71 -7.19 3.20
CA ALA A 61 -8.92 -5.75 3.20
C ALA A 61 -8.80 -5.19 4.61
N LEU A 62 -8.01 -4.12 4.75
CA LEU A 62 -7.81 -3.49 6.04
C LEU A 62 -9.14 -3.14 6.69
N SER A 63 -9.98 -2.41 5.96
CA SER A 63 -11.29 -2.01 6.46
C SER A 63 -12.24 -3.20 6.52
N GLY A 64 -12.26 -3.99 5.44
CA GLY A 64 -13.13 -5.15 5.40
C GLY A 64 -14.26 -4.98 4.41
N PRO A 65 -15.19 -5.95 4.38
CA PRO A 65 -16.34 -5.93 3.48
C PRO A 65 -17.35 -4.85 3.87
N SER A 66 -17.26 -3.71 3.19
CA SER A 66 -18.17 -2.60 3.46
C SER A 66 -19.46 -2.75 2.67
N SER A 67 -19.34 -3.11 1.40
CA SER A 67 -20.50 -3.29 0.54
C SER A 67 -21.24 -4.57 0.88
N GLY A 68 -22.52 -4.42 1.26
CA GLY A 68 -23.32 -5.57 1.62
C GLY A 68 -24.06 -6.15 0.43
N GLY A 1 11.19 37.32 -8.97
CA GLY A 1 12.34 36.43 -8.85
C GLY A 1 12.17 35.42 -7.73
N SER A 2 11.48 34.32 -8.02
CA SER A 2 11.24 33.29 -7.03
C SER A 2 11.62 31.92 -7.57
N SER A 3 12.15 31.06 -6.70
CA SER A 3 12.56 29.72 -7.09
C SER A 3 11.44 28.72 -6.86
N GLY A 4 10.94 28.66 -5.64
CA GLY A 4 9.87 27.74 -5.30
C GLY A 4 10.27 26.74 -4.24
N SER A 5 9.28 26.05 -3.68
CA SER A 5 9.54 25.06 -2.63
C SER A 5 9.23 23.66 -3.12
N SER A 6 10.21 23.05 -3.80
CA SER A 6 10.05 21.70 -4.33
C SER A 6 10.59 20.66 -3.36
N GLY A 7 9.74 20.19 -2.46
CA GLY A 7 10.16 19.20 -1.49
C GLY A 7 9.78 19.58 -0.07
N VAL A 8 8.51 19.36 0.28
CA VAL A 8 8.03 19.67 1.61
C VAL A 8 7.60 18.42 2.36
N GLU A 9 8.58 17.68 2.87
CA GLU A 9 8.31 16.44 3.61
C GLU A 9 9.33 16.25 4.73
N PRO A 10 8.91 15.55 5.79
CA PRO A 10 9.76 15.27 6.95
C PRO A 10 10.89 14.29 6.62
N SER A 11 11.86 14.20 7.52
CA SER A 11 12.99 13.30 7.32
C SER A 11 12.60 11.85 7.64
N GLU A 12 11.48 11.41 7.08
CA GLU A 12 11.00 10.06 7.30
C GLU A 12 10.13 9.59 6.14
N GLU A 13 10.50 8.45 5.56
CA GLU A 13 9.76 7.90 4.42
C GLU A 13 9.12 6.57 4.80
N ASN A 14 7.79 6.56 4.92
CA ASN A 14 7.06 5.35 5.27
C ASN A 14 5.91 5.11 4.29
N SER A 15 6.07 4.10 3.44
CA SER A 15 5.05 3.77 2.45
C SER A 15 3.66 3.87 3.07
N LYS A 16 2.83 4.74 2.50
CA LYS A 16 1.47 4.93 2.99
C LYS A 16 0.45 4.70 1.88
N ASP A 17 0.79 5.15 0.67
CA ASP A 17 -0.09 4.99 -0.48
C ASP A 17 0.44 3.92 -1.43
N CYS A 18 -0.31 3.65 -2.48
CA CYS A 18 0.08 2.64 -3.46
C CYS A 18 1.34 3.06 -4.19
N VAL A 19 2.32 2.14 -4.26
CA VAL A 19 3.58 2.43 -4.94
C VAL A 19 3.55 1.93 -6.38
N VAL A 20 2.35 1.89 -6.96
CA VAL A 20 2.19 1.45 -8.34
C VAL A 20 1.47 2.51 -9.17
N CYS A 21 0.30 2.93 -8.71
CA CYS A 21 -0.50 3.92 -9.40
C CYS A 21 -0.50 5.25 -8.64
N GLN A 22 -0.14 5.19 -7.36
CA GLN A 22 -0.11 6.37 -6.52
C GLN A 22 -1.31 7.27 -6.79
N ASN A 23 -2.45 6.65 -7.06
CA ASN A 23 -3.68 7.40 -7.34
C ASN A 23 -4.81 6.96 -6.41
N GLY A 24 -4.80 5.69 -6.03
CA GLY A 24 -5.83 5.17 -5.15
C GLY A 24 -5.37 5.10 -3.70
N THR A 25 -6.03 4.26 -2.91
CA THR A 25 -5.69 4.11 -1.50
C THR A 25 -5.53 2.64 -1.13
N VAL A 26 -4.29 2.18 -1.05
CA VAL A 26 -4.01 0.79 -0.70
C VAL A 26 -4.92 0.31 0.43
N ASN A 27 -5.71 -0.73 0.14
CA ASN A 27 -6.63 -1.28 1.14
C ASN A 27 -6.53 -2.80 1.17
N TRP A 28 -5.32 -3.32 0.99
CA TRP A 28 -5.09 -4.76 1.00
C TRP A 28 -3.66 -5.08 1.43
N VAL A 29 -3.52 -5.97 2.41
CA VAL A 29 -2.21 -6.36 2.89
C VAL A 29 -1.72 -7.63 2.21
N LEU A 30 -0.45 -7.64 1.80
CA LEU A 30 0.13 -8.79 1.14
C LEU A 30 0.85 -9.69 2.13
N LEU A 31 0.08 -10.36 2.99
CA LEU A 31 0.64 -11.25 3.99
C LEU A 31 1.56 -12.28 3.34
N PRO A 32 2.46 -12.87 4.15
CA PRO A 32 2.58 -12.53 5.57
C PRO A 32 3.14 -11.12 5.79
N CYS A 33 4.19 -10.79 5.06
CA CYS A 33 4.81 -9.47 5.18
C CYS A 33 3.79 -8.43 5.61
N ARG A 34 2.59 -8.51 5.04
CA ARG A 34 1.53 -7.56 5.36
C ARG A 34 1.88 -6.16 4.88
N HIS A 35 2.22 -6.04 3.61
CA HIS A 35 2.58 -4.75 3.01
C HIS A 35 1.47 -4.25 2.10
N THR A 36 0.77 -3.21 2.55
CA THR A 36 -0.32 -2.63 1.77
C THR A 36 0.22 -1.69 0.70
N CYS A 37 0.83 -2.26 -0.33
CA CYS A 37 1.38 -1.48 -1.43
C CYS A 37 0.68 -1.81 -2.74
N LEU A 38 -0.61 -2.10 -2.66
CA LEU A 38 -1.40 -2.45 -3.84
C LEU A 38 -2.89 -2.18 -3.60
N CYS A 39 -3.45 -1.26 -4.37
CA CYS A 39 -4.86 -0.92 -4.24
C CYS A 39 -5.74 -2.15 -4.46
N ASP A 40 -7.02 -2.02 -4.13
CA ASP A 40 -7.97 -3.12 -4.29
C ASP A 40 -7.77 -3.81 -5.64
N GLY A 41 -7.27 -3.06 -6.61
CA GLY A 41 -7.05 -3.62 -7.94
C GLY A 41 -5.61 -4.04 -8.15
N CYS A 42 -4.68 -3.14 -7.88
CA CYS A 42 -3.26 -3.42 -8.04
C CYS A 42 -2.86 -4.67 -7.27
N VAL A 43 -3.71 -5.08 -6.33
CA VAL A 43 -3.44 -6.26 -5.52
C VAL A 43 -3.32 -7.50 -6.39
N LYS A 44 -4.13 -7.58 -7.44
CA LYS A 44 -4.10 -8.72 -8.35
C LYS A 44 -3.08 -8.49 -9.47
N TYR A 45 -2.72 -7.24 -9.68
CA TYR A 45 -1.75 -6.89 -10.72
C TYR A 45 -0.44 -7.65 -10.53
N PHE A 46 0.03 -7.69 -9.28
CA PHE A 46 1.27 -8.37 -8.96
C PHE A 46 1.04 -9.43 -7.88
N GLN A 47 1.00 -10.70 -8.31
CA GLN A 47 0.79 -11.80 -7.38
C GLN A 47 1.79 -11.74 -6.23
N GLN A 48 2.89 -11.04 -6.45
CA GLN A 48 3.93 -10.91 -5.43
C GLN A 48 4.03 -9.47 -4.93
N CYS A 49 4.66 -9.29 -3.77
CA CYS A 49 4.83 -7.96 -3.20
C CYS A 49 5.85 -7.15 -3.99
N PRO A 50 5.40 -6.01 -4.53
CA PRO A 50 6.26 -5.11 -5.32
C PRO A 50 7.30 -4.41 -4.46
N MET A 51 7.41 -4.83 -3.20
CA MET A 51 8.37 -4.23 -2.27
C MET A 51 9.37 -5.27 -1.79
N CYS A 52 8.88 -6.29 -1.08
CA CYS A 52 9.73 -7.34 -0.57
C CYS A 52 9.76 -8.53 -1.52
N ARG A 53 8.77 -8.61 -2.40
CA ARG A 53 8.69 -9.69 -3.36
C ARG A 53 8.45 -11.03 -2.66
N GLN A 54 7.43 -11.06 -1.80
CA GLN A 54 7.11 -12.28 -1.06
C GLN A 54 5.80 -12.89 -1.56
N PHE A 55 5.87 -14.13 -1.99
CA PHE A 55 4.69 -14.83 -2.50
C PHE A 55 3.47 -14.54 -1.63
N VAL A 56 2.52 -13.79 -2.18
CA VAL A 56 1.31 -13.44 -1.45
C VAL A 56 0.42 -14.67 -1.24
N GLN A 57 0.45 -15.21 -0.04
CA GLN A 57 -0.36 -16.39 0.30
C GLN A 57 -1.77 -15.98 0.70
N GLU A 58 -1.88 -14.87 1.42
CA GLU A 58 -3.17 -14.38 1.87
C GLU A 58 -3.22 -12.85 1.83
N SER A 59 -4.39 -12.31 1.51
CA SER A 59 -4.57 -10.87 1.44
C SER A 59 -5.98 -10.47 1.85
N PHE A 60 -6.08 -9.62 2.86
CA PHE A 60 -7.38 -9.16 3.34
C PHE A 60 -7.44 -7.64 3.39
N ALA A 61 -8.63 -7.08 3.20
CA ALA A 61 -8.83 -5.64 3.22
C ALA A 61 -8.82 -5.10 4.65
N LEU A 62 -8.08 -4.03 4.87
CA LEU A 62 -7.99 -3.42 6.19
C LEU A 62 -9.37 -3.03 6.70
N SER A 63 -10.16 -2.38 5.86
CA SER A 63 -11.51 -1.94 6.23
C SER A 63 -12.48 -3.12 6.18
N GLY A 64 -13.61 -2.97 6.84
CA GLY A 64 -14.62 -4.02 6.86
C GLY A 64 -14.76 -4.66 8.23
N PRO A 65 -14.70 -6.00 8.27
CA PRO A 65 -14.82 -6.76 9.51
C PRO A 65 -13.61 -6.59 10.42
N SER A 66 -13.82 -6.77 11.72
CA SER A 66 -12.74 -6.63 12.69
C SER A 66 -12.34 -7.98 13.26
N SER A 67 -13.34 -8.77 13.66
CA SER A 67 -13.10 -10.09 14.22
C SER A 67 -13.96 -11.14 13.53
N GLY A 68 -13.55 -12.40 13.65
CA GLY A 68 -14.30 -13.48 13.03
C GLY A 68 -14.64 -14.58 14.01
N GLY A 1 17.54 35.52 0.49
CA GLY A 1 16.93 35.88 1.76
C GLY A 1 16.01 34.79 2.30
N SER A 2 15.00 35.20 3.05
CA SER A 2 14.05 34.26 3.63
C SER A 2 12.81 34.12 2.74
N SER A 3 12.72 33.00 2.04
CA SER A 3 11.60 32.74 1.14
C SER A 3 10.28 33.05 1.83
N GLY A 4 9.19 33.00 1.08
CA GLY A 4 7.88 33.28 1.64
C GLY A 4 7.21 32.03 2.19
N SER A 5 6.17 31.58 1.50
CA SER A 5 5.43 30.39 1.94
C SER A 5 6.03 29.13 1.33
N SER A 6 6.21 29.16 0.01
CA SER A 6 6.78 28.02 -0.71
C SER A 6 6.25 26.70 -0.12
N GLY A 7 4.98 26.69 0.23
CA GLY A 7 4.37 25.50 0.80
C GLY A 7 4.92 25.18 2.19
N VAL A 8 4.03 25.23 3.18
CA VAL A 8 4.42 24.94 4.55
C VAL A 8 3.57 23.81 5.14
N GLU A 9 4.19 22.65 5.34
CA GLU A 9 3.51 21.50 5.90
C GLU A 9 4.46 20.64 6.73
N PRO A 10 3.89 19.94 7.73
CA PRO A 10 4.68 19.07 8.62
C PRO A 10 5.18 17.83 7.91
N SER A 11 6.31 17.30 8.37
CA SER A 11 6.91 16.11 7.77
C SER A 11 6.19 14.85 8.25
N GLU A 12 4.86 14.86 8.16
CA GLU A 12 4.07 13.72 8.59
C GLU A 12 4.42 12.47 7.79
N GLU A 13 4.14 11.30 8.36
CA GLU A 13 4.43 10.04 7.69
C GLU A 13 3.29 9.63 6.76
N ASN A 14 3.62 9.45 5.49
CA ASN A 14 2.62 9.05 4.50
C ASN A 14 2.93 7.67 3.94
N SER A 15 3.09 6.70 4.83
CA SER A 15 3.39 5.33 4.42
C SER A 15 2.10 4.53 4.21
N LYS A 16 1.03 5.24 3.86
CA LYS A 16 -0.26 4.60 3.62
C LYS A 16 -0.81 4.97 2.25
N ASP A 17 -0.18 4.43 1.21
CA ASP A 17 -0.62 4.70 -0.16
C ASP A 17 0.07 3.77 -1.15
N CYS A 18 -0.62 3.45 -2.24
CA CYS A 18 -0.08 2.56 -3.25
C CYS A 18 1.26 3.08 -3.77
N VAL A 19 2.02 2.20 -4.40
CA VAL A 19 3.33 2.56 -4.95
C VAL A 19 3.38 2.33 -6.45
N VAL A 20 2.76 1.24 -6.90
CA VAL A 20 2.74 0.91 -8.32
C VAL A 20 2.05 1.99 -9.13
N CYS A 21 1.02 2.60 -8.55
CA CYS A 21 0.27 3.66 -9.22
C CYS A 21 0.26 4.92 -8.38
N GLN A 22 0.47 4.77 -7.07
CA GLN A 22 0.47 5.90 -6.15
C GLN A 22 -0.63 6.90 -6.51
N ASN A 23 -1.77 6.37 -6.95
CA ASN A 23 -2.91 7.22 -7.31
C ASN A 23 -4.12 6.91 -6.45
N GLY A 24 -4.35 5.62 -6.19
CA GLY A 24 -5.47 5.22 -5.38
C GLY A 24 -5.05 4.77 -3.99
N THR A 25 -6.02 4.71 -3.08
CA THR A 25 -5.74 4.30 -1.70
C THR A 25 -5.64 2.78 -1.59
N VAL A 26 -4.66 2.31 -0.82
CA VAL A 26 -4.45 0.89 -0.64
C VAL A 26 -5.30 0.35 0.52
N ASN A 27 -6.13 -0.64 0.23
CA ASN A 27 -6.99 -1.24 1.25
C ASN A 27 -6.81 -2.75 1.29
N TRP A 28 -5.58 -3.21 1.05
CA TRP A 28 -5.27 -4.63 1.06
C TRP A 28 -3.86 -4.88 1.57
N VAL A 29 -3.66 -6.01 2.22
CA VAL A 29 -2.35 -6.37 2.76
C VAL A 29 -1.78 -7.59 2.04
N LEU A 30 -0.46 -7.61 1.87
CA LEU A 30 0.22 -8.71 1.21
C LEU A 30 0.95 -9.59 2.20
N LEU A 31 0.19 -10.36 2.97
CA LEU A 31 0.77 -11.25 3.97
C LEU A 31 1.71 -12.27 3.32
N PRO A 32 2.64 -12.82 4.11
CA PRO A 32 2.77 -12.46 5.52
C PRO A 32 3.30 -11.04 5.72
N CYS A 33 4.33 -10.69 4.95
CA CYS A 33 4.92 -9.35 5.04
C CYS A 33 3.88 -8.32 5.46
N ARG A 34 2.67 -8.44 4.91
CA ARG A 34 1.60 -7.52 5.23
C ARG A 34 1.95 -6.10 4.80
N HIS A 35 2.29 -5.94 3.52
CA HIS A 35 2.65 -4.63 2.99
C HIS A 35 1.53 -4.06 2.14
N THR A 36 0.86 -3.04 2.66
CA THR A 36 -0.25 -2.40 1.95
C THR A 36 0.27 -1.43 0.90
N CYS A 37 0.64 -1.95 -0.27
CA CYS A 37 1.15 -1.13 -1.35
C CYS A 37 0.48 -1.50 -2.68
N LEU A 38 -0.79 -1.87 -2.60
CA LEU A 38 -1.55 -2.24 -3.78
C LEU A 38 -3.03 -1.95 -3.60
N CYS A 39 -3.58 -1.07 -4.44
CA CYS A 39 -4.98 -0.71 -4.37
C CYS A 39 -5.87 -1.93 -4.56
N ASP A 40 -7.18 -1.73 -4.42
CA ASP A 40 -8.13 -2.82 -4.58
C ASP A 40 -8.06 -3.41 -5.98
N GLY A 41 -7.35 -2.72 -6.87
CA GLY A 41 -7.21 -3.19 -8.24
C GLY A 41 -5.79 -3.60 -8.56
N CYS A 42 -4.83 -3.07 -7.81
CA CYS A 42 -3.42 -3.38 -8.03
C CYS A 42 -3.02 -4.64 -7.27
N VAL A 43 -3.86 -5.03 -6.30
CA VAL A 43 -3.59 -6.21 -5.49
C VAL A 43 -3.64 -7.48 -6.34
N LYS A 44 -4.48 -7.46 -7.37
CA LYS A 44 -4.62 -8.61 -8.27
C LYS A 44 -3.71 -8.47 -9.48
N TYR A 45 -3.03 -7.33 -9.58
CA TYR A 45 -2.12 -7.08 -10.69
C TYR A 45 -0.81 -7.84 -10.52
N PHE A 46 -0.41 -8.02 -9.26
CA PHE A 46 0.83 -8.74 -8.96
C PHE A 46 0.59 -9.79 -7.89
N GLN A 47 0.98 -11.03 -8.18
CA GLN A 47 0.82 -12.13 -7.25
C GLN A 47 1.87 -12.06 -6.14
N GLN A 48 2.72 -11.05 -6.19
CA GLN A 48 3.76 -10.87 -5.20
C GLN A 48 3.83 -9.42 -4.74
N CYS A 49 4.70 -9.16 -3.76
CA CYS A 49 4.87 -7.81 -3.23
C CYS A 49 5.87 -7.02 -4.07
N PRO A 50 5.41 -5.91 -4.66
CA PRO A 50 6.24 -5.04 -5.49
C PRO A 50 7.28 -4.28 -4.67
N MET A 51 7.43 -4.66 -3.40
CA MET A 51 8.38 -4.01 -2.51
C MET A 51 9.41 -5.03 -1.99
N CYS A 52 8.91 -6.10 -1.40
CA CYS A 52 9.77 -7.14 -0.86
C CYS A 52 9.75 -8.38 -1.74
N ARG A 53 8.81 -8.43 -2.66
CA ARG A 53 8.67 -9.56 -3.58
C ARG A 53 8.45 -10.86 -2.79
N GLN A 54 7.52 -10.82 -1.85
CA GLN A 54 7.20 -11.99 -1.03
C GLN A 54 5.95 -12.69 -1.54
N PHE A 55 6.07 -14.00 -1.78
CA PHE A 55 4.94 -14.79 -2.27
C PHE A 55 3.69 -14.53 -1.44
N VAL A 56 2.72 -13.86 -2.04
CA VAL A 56 1.47 -13.54 -1.36
C VAL A 56 0.61 -14.79 -1.20
N GLN A 57 0.59 -15.33 0.02
CA GLN A 57 -0.20 -16.52 0.31
C GLN A 57 -1.62 -16.15 0.73
N GLU A 58 -1.75 -15.00 1.39
CA GLU A 58 -3.05 -14.54 1.84
C GLU A 58 -3.13 -13.02 1.82
N SER A 59 -4.29 -12.50 1.44
CA SER A 59 -4.50 -11.05 1.36
C SER A 59 -5.90 -10.67 1.83
N PHE A 60 -5.97 -9.79 2.82
CA PHE A 60 -7.26 -9.34 3.36
C PHE A 60 -7.32 -7.83 3.42
N ALA A 61 -8.50 -7.27 3.15
CA ALA A 61 -8.70 -5.84 3.18
C ALA A 61 -8.80 -5.32 4.61
N LEU A 62 -8.00 -4.31 4.93
CA LEU A 62 -8.00 -3.73 6.27
C LEU A 62 -9.42 -3.43 6.73
N SER A 63 -10.22 -2.85 5.84
CA SER A 63 -11.61 -2.51 6.15
C SER A 63 -12.33 -3.70 6.78
N GLY A 64 -12.19 -4.87 6.15
CA GLY A 64 -12.83 -6.07 6.65
C GLY A 64 -13.50 -6.87 5.55
N PRO A 65 -13.18 -8.17 5.48
CA PRO A 65 -13.75 -9.07 4.49
C PRO A 65 -15.23 -9.35 4.72
N SER A 66 -15.63 -9.37 5.99
CA SER A 66 -17.02 -9.61 6.35
C SER A 66 -17.95 -8.63 5.65
N SER A 67 -17.79 -7.35 5.96
CA SER A 67 -18.62 -6.31 5.36
C SER A 67 -17.86 -4.99 5.27
N GLY A 68 -17.72 -4.47 4.06
CA GLY A 68 -17.00 -3.22 3.86
C GLY A 68 -16.17 -3.22 2.60
N GLY A 1 9.84 17.01 -22.99
CA GLY A 1 9.72 17.79 -21.77
C GLY A 1 9.39 16.93 -20.56
N SER A 2 9.33 17.56 -19.39
CA SER A 2 9.02 16.85 -18.16
C SER A 2 8.47 17.80 -17.10
N SER A 3 7.28 17.50 -16.60
CA SER A 3 6.65 18.33 -15.58
C SER A 3 5.97 17.47 -14.52
N GLY A 4 6.12 17.87 -13.26
CA GLY A 4 5.52 17.12 -12.17
C GLY A 4 5.25 17.99 -10.95
N SER A 5 4.55 19.10 -11.17
CA SER A 5 4.24 20.02 -10.07
C SER A 5 2.77 19.88 -9.66
N SER A 6 2.54 19.86 -8.36
CA SER A 6 1.19 19.72 -7.83
C SER A 6 1.12 20.16 -6.37
N GLY A 7 0.02 20.80 -5.99
CA GLY A 7 -0.14 21.26 -4.62
C GLY A 7 -1.41 20.73 -3.98
N VAL A 8 -1.79 21.33 -2.86
CA VAL A 8 -2.99 20.92 -2.14
C VAL A 8 -3.09 19.40 -2.07
N GLU A 9 -1.95 18.74 -1.83
CA GLU A 9 -1.92 17.28 -1.74
C GLU A 9 -2.79 16.79 -0.60
N PRO A 10 -3.41 15.62 -0.79
CA PRO A 10 -4.28 15.00 0.21
C PRO A 10 -3.51 14.50 1.43
N SER A 11 -4.23 14.08 2.46
CA SER A 11 -3.62 13.59 3.68
C SER A 11 -2.44 12.68 3.36
N GLU A 12 -2.68 11.67 2.52
CA GLU A 12 -1.64 10.73 2.14
C GLU A 12 -0.29 11.43 2.01
N GLU A 13 0.72 10.89 2.70
CA GLU A 13 2.06 11.47 2.67
C GLU A 13 3.11 10.39 2.45
N ASN A 14 2.80 9.43 1.58
CA ASN A 14 3.71 8.33 1.29
C ASN A 14 3.89 7.43 2.51
N SER A 15 2.78 7.12 3.18
CA SER A 15 2.82 6.27 4.36
C SER A 15 1.88 5.07 4.20
N LYS A 16 0.67 5.34 3.72
CA LYS A 16 -0.32 4.30 3.52
C LYS A 16 -0.98 4.42 2.15
N ASP A 17 -0.18 4.75 1.14
CA ASP A 17 -0.69 4.91 -0.21
C ASP A 17 -0.04 3.90 -1.16
N CYS A 18 -0.63 3.74 -2.34
CA CYS A 18 -0.11 2.80 -3.33
C CYS A 18 1.20 3.32 -3.93
N VAL A 19 2.07 2.40 -4.31
CA VAL A 19 3.36 2.75 -4.91
C VAL A 19 3.37 2.48 -6.40
N VAL A 20 2.64 1.44 -6.82
CA VAL A 20 2.57 1.08 -8.23
C VAL A 20 1.94 2.20 -9.05
N CYS A 21 0.77 2.66 -8.63
CA CYS A 21 0.07 3.73 -9.33
C CYS A 21 0.14 5.03 -8.54
N GLN A 22 0.06 4.93 -7.22
CA GLN A 22 0.12 6.10 -6.35
C GLN A 22 -1.04 7.05 -6.65
N ASN A 23 -2.24 6.49 -6.77
CA ASN A 23 -3.43 7.30 -7.05
C ASN A 23 -4.58 6.90 -6.13
N GLY A 24 -4.74 5.59 -5.92
CA GLY A 24 -5.81 5.11 -5.07
C GLY A 24 -5.32 4.79 -3.66
N THR A 25 -6.25 4.45 -2.78
CA THR A 25 -5.92 4.11 -1.41
C THR A 25 -5.79 2.61 -1.22
N VAL A 26 -4.58 2.17 -0.90
CA VAL A 26 -4.30 0.75 -0.69
C VAL A 26 -5.09 0.21 0.49
N ASN A 27 -6.03 -0.69 0.22
CA ASN A 27 -6.86 -1.28 1.25
C ASN A 27 -6.69 -2.79 1.29
N TRP A 28 -5.48 -3.26 0.96
CA TRP A 28 -5.20 -4.69 0.96
C TRP A 28 -3.78 -4.95 1.46
N VAL A 29 -3.64 -5.99 2.28
CA VAL A 29 -2.34 -6.36 2.83
C VAL A 29 -1.77 -7.60 2.14
N LEU A 30 -0.48 -7.58 1.88
CA LEU A 30 0.19 -8.69 1.22
C LEU A 30 0.91 -9.57 2.23
N LEU A 31 0.15 -10.31 3.03
CA LEU A 31 0.73 -11.19 4.05
C LEU A 31 1.61 -12.25 3.41
N PRO A 32 2.55 -12.79 4.19
CA PRO A 32 2.73 -12.41 5.59
C PRO A 32 3.29 -11.00 5.73
N CYS A 33 4.30 -10.68 4.93
CA CYS A 33 4.93 -9.36 4.95
C CYS A 33 3.93 -8.29 5.38
N ARG A 34 2.70 -8.40 4.87
CA ARG A 34 1.66 -7.44 5.20
C ARG A 34 2.04 -6.04 4.72
N HIS A 35 2.34 -5.93 3.43
CA HIS A 35 2.72 -4.65 2.84
C HIS A 35 1.59 -4.10 1.97
N THR A 36 0.93 -3.04 2.44
CA THR A 36 -0.15 -2.43 1.70
C THR A 36 0.37 -1.49 0.62
N CYS A 37 0.80 -2.06 -0.50
CA CYS A 37 1.32 -1.29 -1.61
C CYS A 37 0.62 -1.63 -2.91
N LEU A 38 -0.67 -1.96 -2.80
CA LEU A 38 -1.46 -2.32 -3.97
C LEU A 38 -2.94 -2.04 -3.73
N CYS A 39 -3.52 -1.17 -4.55
CA CYS A 39 -4.94 -0.83 -4.42
C CYS A 39 -5.82 -2.04 -4.66
N ASP A 40 -7.11 -1.88 -4.42
CA ASP A 40 -8.07 -2.97 -4.61
C ASP A 40 -7.92 -3.58 -6.00
N GLY A 41 -7.26 -2.86 -6.89
CA GLY A 41 -7.07 -3.35 -8.24
C GLY A 41 -5.63 -3.78 -8.50
N CYS A 42 -4.68 -3.02 -7.97
CA CYS A 42 -3.27 -3.32 -8.15
C CYS A 42 -2.88 -4.58 -7.38
N VAL A 43 -3.72 -4.97 -6.44
CA VAL A 43 -3.46 -6.16 -5.63
C VAL A 43 -3.41 -7.41 -6.50
N LYS A 44 -4.26 -7.44 -7.54
CA LYS A 44 -4.31 -8.58 -8.45
C LYS A 44 -3.30 -8.41 -9.58
N TYR A 45 -2.81 -7.19 -9.75
CA TYR A 45 -1.85 -6.89 -10.79
C TYR A 45 -0.55 -7.66 -10.59
N PHE A 46 -0.16 -7.83 -9.32
CA PHE A 46 1.06 -8.55 -8.99
C PHE A 46 0.80 -9.57 -7.89
N GLN A 47 0.93 -10.84 -8.23
CA GLN A 47 0.71 -11.92 -7.27
C GLN A 47 1.73 -11.87 -6.15
N GLN A 48 2.79 -11.09 -6.34
CA GLN A 48 3.84 -10.96 -5.34
C GLN A 48 4.01 -9.50 -4.93
N CYS A 49 4.64 -9.29 -3.78
CA CYS A 49 4.86 -7.93 -3.27
C CYS A 49 5.96 -7.24 -4.07
N PRO A 50 5.61 -6.12 -4.72
CA PRO A 50 6.55 -5.33 -5.52
C PRO A 50 7.58 -4.61 -4.66
N MET A 51 7.61 -4.94 -3.38
CA MET A 51 8.56 -4.33 -2.45
C MET A 51 9.51 -5.37 -1.88
N CYS A 52 8.96 -6.36 -1.18
CA CYS A 52 9.76 -7.42 -0.58
C CYS A 52 9.78 -8.65 -1.47
N ARG A 53 8.87 -8.70 -2.44
CA ARG A 53 8.80 -9.82 -3.36
C ARG A 53 8.47 -11.11 -2.62
N GLN A 54 7.49 -11.05 -1.73
CA GLN A 54 7.08 -12.22 -0.96
C GLN A 54 5.82 -12.84 -1.52
N PHE A 55 5.85 -14.15 -1.73
CA PHE A 55 4.70 -14.87 -2.27
C PHE A 55 3.45 -14.58 -1.47
N VAL A 56 2.51 -13.85 -2.08
CA VAL A 56 1.26 -13.50 -1.42
C VAL A 56 0.38 -14.74 -1.20
N GLN A 57 0.48 -15.32 -0.01
CA GLN A 57 -0.31 -16.50 0.33
C GLN A 57 -1.69 -16.12 0.83
N GLU A 58 -1.79 -14.93 1.43
CA GLU A 58 -3.06 -14.44 1.95
C GLU A 58 -3.12 -12.91 1.93
N SER A 59 -4.30 -12.38 1.63
CA SER A 59 -4.48 -10.94 1.57
C SER A 59 -5.89 -10.55 1.98
N PHE A 60 -6.00 -9.70 2.99
CA PHE A 60 -7.29 -9.25 3.49
C PHE A 60 -7.40 -7.73 3.44
N ALA A 61 -8.62 -7.23 3.43
CA ALA A 61 -8.86 -5.79 3.39
C ALA A 61 -8.80 -5.18 4.78
N LEU A 62 -8.12 -4.04 4.89
CA LEU A 62 -7.98 -3.36 6.17
C LEU A 62 -9.34 -3.11 6.81
N SER A 63 -10.22 -2.43 6.08
CA SER A 63 -11.56 -2.13 6.58
C SER A 63 -12.52 -3.28 6.29
N GLY A 64 -13.37 -3.58 7.27
CA GLY A 64 -14.32 -4.67 7.10
C GLY A 64 -15.74 -4.22 7.39
N PRO A 65 -16.50 -5.08 8.12
CA PRO A 65 -17.89 -4.79 8.47
C PRO A 65 -18.01 -3.65 9.49
N SER A 66 -18.74 -2.61 9.11
CA SER A 66 -18.93 -1.46 9.98
C SER A 66 -19.50 -1.89 11.33
N SER A 67 -20.70 -2.48 11.30
CA SER A 67 -21.37 -2.93 12.50
C SER A 67 -21.86 -4.37 12.35
N GLY A 68 -21.11 -5.31 12.91
CA GLY A 68 -21.49 -6.71 12.82
C GLY A 68 -20.31 -7.59 12.45
N GLY A 1 16.82 42.11 10.12
CA GLY A 1 16.59 40.69 10.05
C GLY A 1 15.12 40.33 10.15
N SER A 2 14.52 39.95 9.01
CA SER A 2 13.12 39.59 8.98
C SER A 2 12.94 38.08 8.87
N SER A 3 12.40 37.47 9.92
CA SER A 3 12.19 36.03 9.94
C SER A 3 10.81 35.68 9.40
N GLY A 4 10.78 34.84 8.36
CA GLY A 4 9.52 34.44 7.76
C GLY A 4 9.04 33.09 8.27
N SER A 5 9.21 32.06 7.46
CA SER A 5 8.77 30.72 7.83
C SER A 5 9.95 29.74 7.78
N SER A 6 10.45 29.37 8.95
CA SER A 6 11.57 28.44 9.05
C SER A 6 11.18 27.05 8.54
N GLY A 7 10.05 26.55 9.04
CA GLY A 7 9.58 25.24 8.63
C GLY A 7 8.17 24.96 9.10
N VAL A 8 7.18 25.34 8.28
CA VAL A 8 5.79 25.11 8.62
C VAL A 8 5.13 24.15 7.63
N GLU A 9 4.77 22.97 8.13
CA GLU A 9 4.13 21.96 7.30
C GLU A 9 3.28 21.02 8.13
N PRO A 10 2.20 20.49 7.53
CA PRO A 10 1.29 19.56 8.21
C PRO A 10 1.93 18.20 8.48
N SER A 11 1.44 17.52 9.50
CA SER A 11 1.96 16.20 9.86
C SER A 11 1.38 15.13 8.96
N GLU A 12 1.79 15.12 7.70
CA GLU A 12 1.32 14.14 6.73
C GLU A 12 2.48 13.40 6.08
N GLU A 13 2.36 12.07 6.00
CA GLU A 13 3.41 11.25 5.42
C GLU A 13 2.80 10.07 4.65
N ASN A 14 3.08 10.00 3.36
CA ASN A 14 2.57 8.92 2.51
C ASN A 14 2.90 7.56 3.11
N SER A 15 1.91 6.95 3.75
CA SER A 15 2.09 5.64 4.37
C SER A 15 1.20 4.59 3.70
N LYS A 16 -0.08 4.92 3.56
CA LYS A 16 -1.03 4.01 2.94
C LYS A 16 -1.31 4.42 1.50
N ASP A 17 -0.24 4.68 0.75
CA ASP A 17 -0.37 5.07 -0.65
C ASP A 17 0.22 4.00 -1.57
N CYS A 18 -0.45 3.75 -2.69
CA CYS A 18 0.00 2.76 -3.65
C CYS A 18 1.31 3.20 -4.31
N VAL A 19 2.29 2.31 -4.31
CA VAL A 19 3.58 2.61 -4.92
C VAL A 19 3.64 2.14 -6.37
N VAL A 20 2.46 1.88 -6.95
CA VAL A 20 2.36 1.43 -8.33
C VAL A 20 1.74 2.49 -9.22
N CYS A 21 0.49 2.84 -8.93
CA CYS A 21 -0.22 3.85 -9.70
C CYS A 21 -0.21 5.19 -8.99
N GLN A 22 -0.19 5.15 -7.66
CA GLN A 22 -0.17 6.36 -6.86
C GLN A 22 -1.41 7.21 -7.11
N ASN A 23 -2.56 6.55 -7.21
CA ASN A 23 -3.82 7.24 -7.47
C ASN A 23 -4.88 6.84 -6.45
N GLY A 24 -4.94 5.55 -6.14
CA GLY A 24 -5.91 5.05 -5.18
C GLY A 24 -5.29 4.72 -3.84
N THR A 25 -6.12 4.59 -2.82
CA THR A 25 -5.65 4.29 -1.48
C THR A 25 -5.55 2.78 -1.26
N VAL A 26 -4.35 2.30 -0.95
CA VAL A 26 -4.13 0.89 -0.72
C VAL A 26 -4.91 0.40 0.50
N ASN A 27 -5.71 -0.64 0.30
CA ASN A 27 -6.53 -1.20 1.38
C ASN A 27 -6.44 -2.72 1.39
N TRP A 28 -5.24 -3.25 1.17
CA TRP A 28 -5.03 -4.69 1.15
C TRP A 28 -3.61 -5.04 1.60
N VAL A 29 -3.50 -5.97 2.53
CA VAL A 29 -2.21 -6.39 3.05
C VAL A 29 -1.70 -7.62 2.31
N LEU A 30 -0.46 -7.54 1.82
CA LEU A 30 0.15 -8.65 1.10
C LEU A 30 0.83 -9.63 2.06
N LEU A 31 0.01 -10.37 2.80
CA LEU A 31 0.53 -11.35 3.75
C LEU A 31 1.46 -12.35 3.07
N PRO A 32 2.35 -12.96 3.85
CA PRO A 32 2.45 -12.71 5.29
C PRO A 32 3.00 -11.31 5.59
N CYS A 33 4.07 -10.94 4.90
CA CYS A 33 4.69 -9.64 5.09
C CYS A 33 3.66 -8.61 5.57
N ARG A 34 2.47 -8.64 4.97
CA ARG A 34 1.41 -7.72 5.33
C ARG A 34 1.75 -6.30 4.88
N HIS A 35 2.07 -6.14 3.60
CA HIS A 35 2.42 -4.84 3.06
C HIS A 35 1.28 -4.29 2.19
N THR A 36 0.83 -3.08 2.52
CA THR A 36 -0.26 -2.45 1.78
C THR A 36 0.28 -1.50 0.73
N CYS A 37 0.68 -2.03 -0.41
CA CYS A 37 1.22 -1.22 -1.50
C CYS A 37 0.57 -1.60 -2.83
N LEU A 38 -0.72 -1.93 -2.78
CA LEU A 38 -1.45 -2.31 -3.98
C LEU A 38 -2.95 -2.06 -3.80
N CYS A 39 -3.46 -1.06 -4.52
CA CYS A 39 -4.87 -0.72 -4.44
C CYS A 39 -5.74 -1.97 -4.57
N ASP A 40 -7.03 -1.82 -4.26
CA ASP A 40 -7.96 -2.93 -4.35
C ASP A 40 -7.80 -3.68 -5.66
N GLY A 41 -7.21 -3.01 -6.65
CA GLY A 41 -7.02 -3.62 -7.94
C GLY A 41 -5.57 -4.04 -8.18
N CYS A 42 -4.65 -3.13 -7.89
CA CYS A 42 -3.22 -3.40 -8.07
C CYS A 42 -2.80 -4.63 -7.26
N VAL A 43 -3.65 -5.03 -6.31
CA VAL A 43 -3.36 -6.18 -5.47
C VAL A 43 -3.25 -7.45 -6.30
N LYS A 44 -4.09 -7.55 -7.33
CA LYS A 44 -4.09 -8.72 -8.20
C LYS A 44 -3.10 -8.54 -9.34
N TYR A 45 -2.68 -7.30 -9.57
CA TYR A 45 -1.74 -7.00 -10.64
C TYR A 45 -0.40 -7.71 -10.40
N PHE A 46 0.06 -7.69 -9.16
CA PHE A 46 1.31 -8.33 -8.80
C PHE A 46 1.10 -9.41 -7.74
N GLN A 47 0.96 -10.65 -8.21
CA GLN A 47 0.75 -11.78 -7.30
C GLN A 47 1.69 -11.72 -6.12
N GLN A 48 2.80 -11.01 -6.29
CA GLN A 48 3.80 -10.87 -5.23
C GLN A 48 3.86 -9.44 -4.73
N CYS A 49 4.64 -9.22 -3.66
CA CYS A 49 4.78 -7.89 -3.08
C CYS A 49 5.82 -7.08 -3.85
N PRO A 50 5.39 -5.90 -4.36
CA PRO A 50 6.27 -5.01 -5.11
C PRO A 50 7.33 -4.35 -4.24
N MET A 51 7.39 -4.78 -2.98
CA MET A 51 8.36 -4.23 -2.03
C MET A 51 9.35 -5.30 -1.58
N CYS A 52 8.85 -6.34 -0.95
CA CYS A 52 9.69 -7.43 -0.48
C CYS A 52 9.69 -8.60 -1.46
N ARG A 53 8.67 -8.64 -2.32
CA ARG A 53 8.55 -9.70 -3.31
C ARG A 53 8.39 -11.06 -2.64
N GLN A 54 7.45 -11.15 -1.71
CA GLN A 54 7.19 -12.39 -1.00
C GLN A 54 5.88 -13.03 -1.46
N PHE A 55 5.97 -14.25 -1.97
CA PHE A 55 4.79 -14.97 -2.45
C PHE A 55 3.57 -14.65 -1.59
N VAL A 56 2.60 -13.94 -2.17
CA VAL A 56 1.40 -13.58 -1.46
C VAL A 56 0.48 -14.78 -1.27
N GLN A 57 0.52 -15.37 -0.07
CA GLN A 57 -0.31 -16.52 0.23
C GLN A 57 -1.75 -16.11 0.52
N GLU A 58 -1.91 -14.94 1.13
CA GLU A 58 -3.23 -14.43 1.46
C GLU A 58 -3.24 -12.90 1.50
N SER A 59 -4.41 -12.31 1.30
CA SER A 59 -4.55 -10.86 1.30
C SER A 59 -5.94 -10.45 1.79
N PHE A 60 -5.97 -9.60 2.81
CA PHE A 60 -7.23 -9.14 3.38
C PHE A 60 -7.24 -7.61 3.49
N ALA A 61 -8.43 -7.03 3.39
CA ALA A 61 -8.58 -5.58 3.48
C ALA A 61 -8.48 -5.11 4.94
N LEU A 62 -7.57 -4.19 5.19
CA LEU A 62 -7.38 -3.65 6.54
C LEU A 62 -8.72 -3.45 7.24
N SER A 63 -9.63 -2.74 6.56
CA SER A 63 -10.95 -2.47 7.13
C SER A 63 -11.75 -3.75 7.28
N GLY A 64 -11.82 -4.54 6.20
CA GLY A 64 -12.56 -5.78 6.23
C GLY A 64 -13.76 -5.77 5.31
N PRO A 65 -14.65 -6.76 5.48
CA PRO A 65 -15.86 -6.88 4.67
C PRO A 65 -16.87 -5.79 4.98
N SER A 66 -18.02 -5.84 4.30
CA SER A 66 -19.07 -4.86 4.50
C SER A 66 -19.69 -4.99 5.88
N SER A 67 -20.62 -4.09 6.20
CA SER A 67 -21.28 -4.11 7.50
C SER A 67 -22.78 -3.84 7.35
N GLY A 68 -23.59 -4.77 7.86
CA GLY A 68 -25.03 -4.61 7.77
C GLY A 68 -25.51 -4.48 6.33
N GLY A 1 31.22 34.06 10.70
CA GLY A 1 31.31 32.91 9.83
C GLY A 1 29.97 32.43 9.33
N SER A 2 29.71 31.13 9.44
CA SER A 2 28.46 30.56 9.01
C SER A 2 27.82 29.72 10.11
N SER A 3 26.57 29.33 9.90
CA SER A 3 25.84 28.53 10.89
C SER A 3 25.36 27.22 10.27
N GLY A 4 25.00 26.26 11.12
CA GLY A 4 24.54 24.97 10.65
C GLY A 4 23.02 24.88 10.60
N SER A 5 22.50 24.30 9.53
CA SER A 5 21.05 24.16 9.38
C SER A 5 20.61 22.76 9.80
N SER A 6 19.88 22.69 10.91
CA SER A 6 19.38 21.41 11.42
C SER A 6 18.32 20.83 10.50
N GLY A 7 18.59 19.65 9.96
CA GLY A 7 17.66 19.01 9.06
C GLY A 7 17.72 17.49 9.14
N VAL A 8 17.66 16.96 10.37
CA VAL A 8 17.71 15.53 10.57
C VAL A 8 16.38 15.00 11.10
N GLU A 9 15.71 14.19 10.29
CA GLU A 9 14.42 13.61 10.68
C GLU A 9 14.37 12.12 10.37
N PRO A 10 13.56 11.38 11.13
CA PRO A 10 13.40 9.94 10.95
C PRO A 10 12.66 9.59 9.66
N SER A 11 12.79 8.33 9.23
CA SER A 11 12.15 7.88 8.01
C SER A 11 10.72 7.43 8.28
N GLU A 12 9.89 8.37 8.73
CA GLU A 12 8.49 8.08 9.02
C GLU A 12 7.56 9.04 8.29
N GLU A 13 7.15 8.66 7.08
CA GLU A 13 6.26 9.49 6.28
C GLU A 13 4.82 8.99 6.36
N ASN A 14 3.88 9.92 6.42
CA ASN A 14 2.47 9.57 6.50
C ASN A 14 1.84 9.50 5.11
N SER A 15 2.07 8.37 4.43
CA SER A 15 1.53 8.19 3.09
C SER A 15 0.64 6.93 3.03
N LYS A 16 1.22 5.80 3.41
CA LYS A 16 0.50 4.53 3.40
C LYS A 16 -0.39 4.42 2.17
N ASP A 17 0.15 4.80 1.02
CA ASP A 17 -0.59 4.74 -0.24
C ASP A 17 0.09 3.79 -1.22
N CYS A 18 -0.61 3.48 -2.31
CA CYS A 18 -0.08 2.58 -3.32
C CYS A 18 1.26 3.08 -3.84
N VAL A 19 1.97 2.22 -4.57
CA VAL A 19 3.27 2.56 -5.12
C VAL A 19 3.34 2.27 -6.62
N VAL A 20 2.71 1.18 -7.03
CA VAL A 20 2.68 0.79 -8.44
C VAL A 20 2.01 1.86 -9.29
N CYS A 21 1.00 2.51 -8.73
CA CYS A 21 0.26 3.55 -9.44
C CYS A 21 0.36 4.88 -8.69
N GLN A 22 0.28 4.81 -7.37
CA GLN A 22 0.35 6.01 -6.54
C GLN A 22 -0.78 6.97 -6.86
N ASN A 23 -1.99 6.42 -6.98
CA ASN A 23 -3.17 7.22 -7.27
C ASN A 23 -4.32 6.86 -6.35
N GLY A 24 -4.52 5.57 -6.12
CA GLY A 24 -5.59 5.12 -5.25
C GLY A 24 -5.09 4.72 -3.88
N THR A 25 -6.02 4.53 -2.95
CA THR A 25 -5.68 4.15 -1.58
C THR A 25 -5.56 2.63 -1.45
N VAL A 26 -4.48 2.18 -0.83
CA VAL A 26 -4.25 0.75 -0.64
C VAL A 26 -5.08 0.22 0.52
N ASN A 27 -5.97 -0.72 0.21
CA ASN A 27 -6.84 -1.31 1.23
C ASN A 27 -6.69 -2.83 1.24
N TRP A 28 -5.47 -3.31 1.07
CA TRP A 28 -5.21 -4.75 1.06
C TRP A 28 -3.79 -5.04 1.56
N VAL A 29 -3.68 -6.05 2.42
CA VAL A 29 -2.39 -6.43 2.98
C VAL A 29 -1.80 -7.62 2.23
N LEU A 30 -0.50 -7.56 1.95
CA LEU A 30 0.19 -8.63 1.24
C LEU A 30 0.94 -9.54 2.21
N LEU A 31 0.18 -10.30 2.99
CA LEU A 31 0.78 -11.22 3.96
C LEU A 31 1.68 -12.23 3.27
N PRO A 32 2.63 -12.80 4.03
CA PRO A 32 2.80 -12.48 5.45
C PRO A 32 3.33 -11.07 5.68
N CYS A 33 4.36 -10.71 4.91
CA CYS A 33 4.97 -9.39 5.01
C CYS A 33 3.94 -8.35 5.48
N ARG A 34 2.74 -8.45 4.93
CA ARG A 34 1.67 -7.52 5.29
C ARG A 34 2.02 -6.10 4.86
N HIS A 35 2.32 -5.93 3.58
CA HIS A 35 2.68 -4.62 3.04
C HIS A 35 1.55 -4.09 2.15
N THR A 36 0.85 -3.07 2.65
CA THR A 36 -0.25 -2.47 1.90
C THR A 36 0.28 -1.51 0.84
N CYS A 37 0.65 -2.05 -0.31
CA CYS A 37 1.17 -1.25 -1.40
C CYS A 37 0.51 -1.63 -2.72
N LEU A 38 -0.77 -2.00 -2.66
CA LEU A 38 -1.52 -2.39 -3.84
C LEU A 38 -3.01 -2.09 -3.67
N CYS A 39 -3.51 -1.13 -4.43
CA CYS A 39 -4.92 -0.75 -4.36
C CYS A 39 -5.82 -1.98 -4.48
N ASP A 40 -7.12 -1.78 -4.25
CA ASP A 40 -8.08 -2.87 -4.34
C ASP A 40 -7.90 -3.65 -5.65
N GLY A 41 -7.43 -2.96 -6.68
CA GLY A 41 -7.23 -3.59 -7.97
C GLY A 41 -5.79 -4.01 -8.18
N CYS A 42 -4.85 -3.13 -7.85
CA CYS A 42 -3.43 -3.42 -8.02
C CYS A 42 -3.04 -4.66 -7.22
N VAL A 43 -3.89 -5.05 -6.29
CA VAL A 43 -3.63 -6.23 -5.46
C VAL A 43 -3.49 -7.48 -6.31
N LYS A 44 -4.24 -7.53 -7.41
CA LYS A 44 -4.20 -8.66 -8.32
C LYS A 44 -3.19 -8.43 -9.44
N TYR A 45 -2.81 -7.19 -9.63
CA TYR A 45 -1.84 -6.83 -10.67
C TYR A 45 -0.50 -7.53 -10.43
N PHE A 46 -0.09 -7.57 -9.17
CA PHE A 46 1.17 -8.20 -8.80
C PHE A 46 0.96 -9.27 -7.72
N GLN A 47 0.78 -10.51 -8.17
CA GLN A 47 0.57 -11.62 -7.24
C GLN A 47 1.54 -11.55 -6.07
N GLN A 48 2.68 -10.90 -6.29
CA GLN A 48 3.69 -10.77 -5.25
C GLN A 48 3.80 -9.32 -4.79
N CYS A 49 4.53 -9.10 -3.70
CA CYS A 49 4.71 -7.76 -3.15
C CYS A 49 5.76 -6.99 -3.95
N PRO A 50 5.34 -5.85 -4.52
CA PRO A 50 6.22 -4.99 -5.32
C PRO A 50 7.27 -4.30 -4.48
N MET A 51 7.38 -4.70 -3.21
CA MET A 51 8.35 -4.11 -2.29
C MET A 51 9.36 -5.16 -1.83
N CYS A 52 8.86 -6.20 -1.17
CA CYS A 52 9.72 -7.27 -0.67
C CYS A 52 9.73 -8.45 -1.64
N ARG A 53 8.73 -8.50 -2.51
CA ARG A 53 8.62 -9.58 -3.49
C ARG A 53 8.41 -10.93 -2.79
N GLN A 54 7.46 -10.96 -1.86
CA GLN A 54 7.16 -12.18 -1.11
C GLN A 54 5.85 -12.80 -1.58
N PHE A 55 5.94 -14.03 -2.09
CA PHE A 55 4.76 -14.73 -2.58
C PHE A 55 3.55 -14.47 -1.67
N VAL A 56 2.54 -13.82 -2.24
CA VAL A 56 1.33 -13.50 -1.48
C VAL A 56 0.49 -14.75 -1.26
N GLN A 57 0.48 -15.23 -0.02
CA GLN A 57 -0.29 -16.42 0.33
C GLN A 57 -1.70 -16.05 0.77
N GLU A 58 -1.82 -14.94 1.49
CA GLU A 58 -3.12 -14.48 1.95
C GLU A 58 -3.21 -12.96 1.88
N SER A 59 -4.37 -12.47 1.44
CA SER A 59 -4.59 -11.03 1.31
C SER A 59 -6.00 -10.66 1.77
N PHE A 60 -6.08 -9.76 2.74
CA PHE A 60 -7.36 -9.32 3.27
C PHE A 60 -7.44 -7.80 3.29
N ALA A 61 -8.66 -7.28 3.16
CA ALA A 61 -8.88 -5.84 3.16
C ALA A 61 -8.78 -5.27 4.57
N LEU A 62 -7.97 -4.23 4.74
CA LEU A 62 -7.79 -3.60 6.03
C LEU A 62 -9.12 -3.41 6.75
N SER A 63 -10.06 -2.75 6.09
CA SER A 63 -11.38 -2.50 6.65
C SER A 63 -12.42 -3.43 6.03
N GLY A 64 -12.42 -3.49 4.70
CA GLY A 64 -13.36 -4.34 4.00
C GLY A 64 -13.85 -3.72 2.71
N PRO A 65 -15.18 -3.73 2.51
CA PRO A 65 -15.80 -3.18 1.31
C PRO A 65 -15.71 -1.65 1.26
N SER A 66 -16.09 -1.01 2.36
CA SER A 66 -16.05 0.45 2.45
C SER A 66 -15.76 0.90 3.88
N SER A 67 -15.15 2.08 4.01
CA SER A 67 -14.82 2.62 5.32
C SER A 67 -16.07 2.78 6.19
N GLY A 68 -16.28 1.83 7.10
CA GLY A 68 -17.44 1.89 7.97
C GLY A 68 -18.72 2.20 7.21
N GLY A 1 -13.56 25.46 -3.87
CA GLY A 1 -12.17 25.47 -3.47
C GLY A 1 -11.77 24.25 -2.69
N SER A 2 -11.21 23.26 -3.36
CA SER A 2 -10.80 22.02 -2.71
C SER A 2 -9.63 22.27 -1.77
N SER A 3 -8.54 22.80 -2.32
CA SER A 3 -7.34 23.08 -1.53
C SER A 3 -6.90 24.53 -1.72
N GLY A 4 -6.14 25.05 -0.75
CA GLY A 4 -5.66 26.41 -0.84
C GLY A 4 -5.58 27.08 0.52
N SER A 5 -4.50 26.82 1.24
CA SER A 5 -4.30 27.41 2.56
C SER A 5 -2.84 27.75 2.80
N SER A 6 -2.58 29.00 3.17
CA SER A 6 -1.21 29.46 3.41
C SER A 6 -0.95 29.59 4.91
N GLY A 7 0.29 29.91 5.26
CA GLY A 7 0.65 30.06 6.66
C GLY A 7 1.74 29.09 7.07
N VAL A 8 1.37 27.83 7.28
CA VAL A 8 2.32 26.81 7.70
C VAL A 8 2.24 25.59 6.77
N GLU A 9 3.35 25.30 6.09
CA GLU A 9 3.41 24.17 5.18
C GLU A 9 2.66 22.97 5.75
N PRO A 10 1.91 22.27 4.88
CA PRO A 10 1.13 21.10 5.28
C PRO A 10 2.01 19.90 5.63
N SER A 11 1.38 18.78 5.96
CA SER A 11 2.11 17.57 6.31
C SER A 11 1.55 16.36 5.57
N GLU A 12 1.21 16.56 4.29
CA GLU A 12 0.66 15.49 3.48
C GLU A 12 1.74 14.50 3.07
N GLU A 13 1.86 13.41 3.82
CA GLU A 13 2.86 12.39 3.55
C GLU A 13 2.23 11.17 2.87
N ASN A 14 3.07 10.30 2.34
CA ASN A 14 2.60 9.10 1.66
C ASN A 14 3.03 7.84 2.41
N SER A 15 2.29 7.51 3.46
CA SER A 15 2.59 6.33 4.27
C SER A 15 1.62 5.19 3.96
N LYS A 16 0.33 5.50 3.97
CA LYS A 16 -0.70 4.51 3.69
C LYS A 16 -1.29 4.72 2.30
N ASP A 17 -0.49 4.50 1.27
CA ASP A 17 -0.94 4.66 -0.10
C ASP A 17 -0.24 3.68 -1.03
N CYS A 18 -0.74 3.54 -2.25
CA CYS A 18 -0.16 2.63 -3.22
C CYS A 18 1.16 3.18 -3.76
N VAL A 19 1.91 2.32 -4.45
CA VAL A 19 3.19 2.72 -5.01
C VAL A 19 3.29 2.38 -6.49
N VAL A 20 2.65 1.27 -6.87
CA VAL A 20 2.65 0.82 -8.26
C VAL A 20 1.97 1.83 -9.17
N CYS A 21 0.96 2.51 -8.63
CA CYS A 21 0.22 3.52 -9.38
C CYS A 21 0.34 4.89 -8.74
N GLN A 22 0.39 4.91 -7.41
CA GLN A 22 0.51 6.15 -6.66
C GLN A 22 -0.67 7.08 -6.98
N ASN A 23 -1.83 6.50 -7.22
CA ASN A 23 -3.03 7.27 -7.53
C ASN A 23 -4.18 6.90 -6.59
N GLY A 24 -4.35 5.60 -6.37
CA GLY A 24 -5.42 5.13 -5.50
C GLY A 24 -4.91 4.76 -4.12
N THR A 25 -5.83 4.41 -3.23
CA THR A 25 -5.47 4.04 -1.86
C THR A 25 -5.34 2.52 -1.73
N VAL A 26 -4.45 2.09 -0.84
CA VAL A 26 -4.24 0.66 -0.61
C VAL A 26 -5.13 0.14 0.51
N ASN A 27 -5.93 -0.88 0.19
CA ASN A 27 -6.83 -1.46 1.17
C ASN A 27 -6.72 -2.99 1.18
N TRP A 28 -5.50 -3.49 1.04
CA TRP A 28 -5.25 -4.92 1.02
C TRP A 28 -3.81 -5.23 1.43
N VAL A 29 -3.65 -5.91 2.56
CA VAL A 29 -2.32 -6.27 3.05
C VAL A 29 -1.81 -7.53 2.38
N LEU A 30 -0.54 -7.51 1.98
CA LEU A 30 0.08 -8.66 1.32
C LEU A 30 0.84 -9.52 2.32
N LEU A 31 0.10 -10.36 3.04
CA LEU A 31 0.72 -11.25 4.03
C LEU A 31 1.62 -12.28 3.36
N PRO A 32 2.56 -12.83 4.14
CA PRO A 32 2.72 -12.48 5.55
C PRO A 32 3.26 -11.07 5.74
N CYS A 33 4.31 -10.74 5.01
CA CYS A 33 4.93 -9.42 5.10
C CYS A 33 3.90 -8.37 5.52
N ARG A 34 2.71 -8.45 4.94
CA ARG A 34 1.65 -7.51 5.26
C ARG A 34 1.98 -6.11 4.75
N HIS A 35 2.26 -6.02 3.45
CA HIS A 35 2.60 -4.74 2.84
C HIS A 35 1.45 -4.23 1.96
N THR A 36 0.67 -3.31 2.52
CA THR A 36 -0.47 -2.74 1.78
C THR A 36 0.00 -1.77 0.71
N CYS A 37 0.74 -2.29 -0.27
CA CYS A 37 1.24 -1.46 -1.36
C CYS A 37 0.56 -1.82 -2.68
N LEU A 38 -0.74 -2.07 -2.60
CA LEU A 38 -1.52 -2.43 -3.79
C LEU A 38 -3.00 -2.11 -3.59
N CYS A 39 -3.52 -1.22 -4.42
CA CYS A 39 -4.93 -0.83 -4.32
C CYS A 39 -5.84 -2.04 -4.45
N ASP A 40 -7.13 -1.83 -4.24
CA ASP A 40 -8.10 -2.91 -4.32
C ASP A 40 -7.93 -3.70 -5.61
N GLY A 41 -7.43 -3.03 -6.65
CA GLY A 41 -7.22 -3.69 -7.92
C GLY A 41 -5.78 -4.13 -8.12
N CYS A 42 -4.84 -3.22 -7.84
CA CYS A 42 -3.43 -3.52 -7.99
C CYS A 42 -3.06 -4.80 -7.25
N VAL A 43 -3.83 -5.13 -6.22
CA VAL A 43 -3.58 -6.33 -5.44
C VAL A 43 -3.43 -7.55 -6.33
N LYS A 44 -4.15 -7.55 -7.44
CA LYS A 44 -4.08 -8.67 -8.39
C LYS A 44 -3.07 -8.38 -9.49
N TYR A 45 -2.73 -7.11 -9.66
CA TYR A 45 -1.77 -6.71 -10.68
C TYR A 45 -0.43 -7.40 -10.47
N PHE A 46 0.03 -7.44 -9.23
CA PHE A 46 1.29 -8.08 -8.89
C PHE A 46 1.11 -9.15 -7.82
N GLN A 47 0.87 -10.38 -8.26
CA GLN A 47 0.67 -11.50 -7.34
C GLN A 47 1.70 -11.47 -6.22
N GLN A 48 2.83 -10.82 -6.47
CA GLN A 48 3.89 -10.73 -5.48
C GLN A 48 4.07 -9.28 -5.01
N CYS A 49 4.52 -9.12 -3.78
CA CYS A 49 4.74 -7.79 -3.21
C CYS A 49 5.77 -7.01 -4.02
N PRO A 50 5.35 -5.87 -4.60
CA PRO A 50 6.21 -5.02 -5.40
C PRO A 50 7.27 -4.31 -4.57
N MET A 51 7.39 -4.72 -3.30
CA MET A 51 8.36 -4.12 -2.40
C MET A 51 9.35 -5.17 -1.90
N CYS A 52 8.85 -6.16 -1.18
CA CYS A 52 9.69 -7.23 -0.64
C CYS A 52 9.73 -8.41 -1.60
N ARG A 53 8.77 -8.46 -2.52
CA ARG A 53 8.69 -9.55 -3.49
C ARG A 53 8.42 -10.88 -2.81
N GLN A 54 7.44 -10.88 -1.91
CA GLN A 54 7.07 -12.10 -1.18
C GLN A 54 5.78 -12.70 -1.73
N PHE A 55 5.82 -13.98 -2.05
CA PHE A 55 4.66 -14.68 -2.59
C PHE A 55 3.43 -14.42 -1.73
N VAL A 56 2.46 -13.70 -2.29
CA VAL A 56 1.22 -13.38 -1.57
C VAL A 56 0.34 -14.62 -1.43
N GLN A 57 0.40 -15.25 -0.26
CA GLN A 57 -0.40 -16.44 0.02
C GLN A 57 -1.78 -16.07 0.54
N GLU A 58 -1.85 -14.98 1.30
CA GLU A 58 -3.10 -14.52 1.88
C GLU A 58 -3.14 -13.00 1.94
N SER A 59 -4.32 -12.43 1.71
CA SER A 59 -4.49 -10.98 1.74
C SER A 59 -5.90 -10.62 2.21
N PHE A 60 -5.99 -9.57 3.03
CA PHE A 60 -7.27 -9.12 3.54
C PHE A 60 -7.35 -7.59 3.57
N ALA A 61 -8.55 -7.06 3.45
CA ALA A 61 -8.75 -5.61 3.46
C ALA A 61 -8.77 -5.06 4.89
N LEU A 62 -7.95 -4.06 5.14
CA LEU A 62 -7.87 -3.45 6.46
C LEU A 62 -9.26 -3.22 7.04
N SER A 63 -10.08 -2.48 6.31
CA SER A 63 -11.44 -2.18 6.75
C SER A 63 -12.38 -3.35 6.44
N GLY A 64 -12.38 -3.79 5.19
CA GLY A 64 -13.23 -4.89 4.79
C GLY A 64 -12.96 -6.16 5.58
N PRO A 65 -13.91 -7.09 5.56
CA PRO A 65 -13.80 -8.37 6.28
C PRO A 65 -12.75 -9.29 5.66
N SER A 66 -11.93 -9.89 6.51
CA SER A 66 -10.87 -10.80 6.05
C SER A 66 -11.47 -12.13 5.61
N SER A 67 -10.75 -12.84 4.75
CA SER A 67 -11.20 -14.13 4.24
C SER A 67 -10.48 -15.27 4.97
N GLY A 68 -10.98 -15.61 6.16
CA GLY A 68 -10.38 -16.67 6.94
C GLY A 68 -8.87 -16.66 6.86
N GLY A 1 11.86 32.48 4.00
CA GLY A 1 10.68 32.74 3.19
C GLY A 1 9.40 32.37 3.91
N SER A 2 8.80 31.26 3.50
CA SER A 2 7.56 30.80 4.11
C SER A 2 7.60 29.31 4.39
N SER A 3 6.55 28.78 5.02
CA SER A 3 6.47 27.37 5.35
C SER A 3 5.87 26.57 4.20
N GLY A 4 6.68 25.71 3.58
CA GLY A 4 6.21 24.91 2.47
C GLY A 4 5.94 23.47 2.87
N SER A 5 6.99 22.65 2.86
CA SER A 5 6.87 21.24 3.22
C SER A 5 6.53 21.09 4.70
N SER A 6 5.72 20.08 5.01
CA SER A 6 5.31 19.83 6.40
C SER A 6 5.69 18.41 6.81
N GLY A 7 6.13 18.26 8.06
CA GLY A 7 6.52 16.96 8.56
C GLY A 7 7.94 16.59 8.19
N VAL A 8 8.20 15.29 8.06
CA VAL A 8 9.51 14.81 7.69
C VAL A 8 9.42 13.63 6.73
N GLU A 9 9.89 13.82 5.50
CA GLU A 9 9.85 12.78 4.49
C GLU A 9 11.10 12.84 3.62
N PRO A 10 11.52 11.67 3.11
CA PRO A 10 12.70 11.56 2.25
C PRO A 10 12.48 12.17 0.87
N SER A 11 13.46 12.01 -0.01
CA SER A 11 13.37 12.55 -1.36
C SER A 11 12.49 11.67 -2.24
N GLU A 12 12.69 10.35 -2.13
CA GLU A 12 11.93 9.39 -2.92
C GLU A 12 10.45 9.44 -2.54
N GLU A 13 9.60 8.98 -3.44
CA GLU A 13 8.15 8.97 -3.21
C GLU A 13 7.82 8.25 -1.90
N ASN A 14 6.86 8.80 -1.16
CA ASN A 14 6.45 8.21 0.10
C ASN A 14 6.05 6.74 -0.08
N SER A 15 6.00 6.01 1.03
CA SER A 15 5.64 4.60 0.99
C SER A 15 4.31 4.36 1.70
N LYS A 16 3.47 5.39 1.73
CA LYS A 16 2.16 5.30 2.37
C LYS A 16 1.09 4.90 1.36
N ASP A 17 1.11 5.55 0.20
CA ASP A 17 0.14 5.28 -0.85
C ASP A 17 0.66 4.20 -1.80
N CYS A 18 -0.20 3.77 -2.72
CA CYS A 18 0.18 2.74 -3.69
C CYS A 18 1.44 3.15 -4.47
N VAL A 19 2.41 2.26 -4.51
CA VAL A 19 3.67 2.53 -5.22
C VAL A 19 3.63 1.96 -6.63
N VAL A 20 2.42 1.87 -7.20
CA VAL A 20 2.26 1.34 -8.55
C VAL A 20 1.51 2.34 -9.43
N CYS A 21 0.40 2.87 -8.91
CA CYS A 21 -0.41 3.83 -9.66
C CYS A 21 -0.42 5.18 -8.95
N GLN A 22 -0.32 5.16 -7.63
CA GLN A 22 -0.31 6.38 -6.84
C GLN A 22 -1.58 7.20 -7.11
N ASN A 23 -2.71 6.52 -7.15
CA ASN A 23 -3.99 7.19 -7.40
C ASN A 23 -5.04 6.72 -6.39
N GLY A 24 -4.95 5.46 -5.98
CA GLY A 24 -5.89 4.92 -5.02
C GLY A 24 -5.25 4.58 -3.69
N THR A 25 -6.06 4.53 -2.64
CA THR A 25 -5.57 4.22 -1.30
C THR A 25 -5.45 2.72 -1.10
N VAL A 26 -4.24 2.26 -0.77
CA VAL A 26 -3.99 0.85 -0.55
C VAL A 26 -4.80 0.33 0.64
N ASN A 27 -5.78 -0.52 0.36
CA ASN A 27 -6.63 -1.09 1.41
C ASN A 27 -6.52 -2.61 1.43
N TRP A 28 -5.34 -3.12 1.14
CA TRP A 28 -5.10 -4.57 1.12
C TRP A 28 -3.69 -4.90 1.57
N VAL A 29 -3.57 -5.92 2.42
CA VAL A 29 -2.28 -6.34 2.93
C VAL A 29 -1.78 -7.59 2.21
N LEU A 30 -0.49 -7.62 1.91
CA LEU A 30 0.11 -8.76 1.22
C LEU A 30 0.81 -9.69 2.21
N LEU A 31 0.02 -10.47 2.94
CA LEU A 31 0.55 -11.41 3.91
C LEU A 31 1.48 -12.42 3.25
N PRO A 32 2.38 -13.02 4.04
CA PRO A 32 2.49 -12.71 5.48
C PRO A 32 3.04 -11.32 5.73
N CYS A 33 4.08 -10.95 5.01
CA CYS A 33 4.71 -9.64 5.16
C CYS A 33 3.67 -8.60 5.61
N ARG A 34 2.49 -8.66 5.02
CA ARG A 34 1.42 -7.73 5.36
C ARG A 34 1.80 -6.30 4.96
N HIS A 35 2.14 -6.12 3.69
CA HIS A 35 2.52 -4.81 3.18
C HIS A 35 1.41 -4.24 2.29
N THR A 36 0.96 -3.03 2.63
CA THR A 36 -0.09 -2.37 1.86
C THR A 36 0.50 -1.48 0.78
N CYS A 37 0.80 -2.07 -0.37
CA CYS A 37 1.37 -1.32 -1.49
C CYS A 37 0.65 -1.66 -2.79
N LEU A 38 -0.63 -1.99 -2.69
CA LEU A 38 -1.43 -2.34 -3.86
C LEU A 38 -2.91 -2.05 -3.60
N CYS A 39 -3.45 -1.10 -4.35
CA CYS A 39 -4.86 -0.72 -4.21
C CYS A 39 -5.76 -1.94 -4.36
N ASP A 40 -7.05 -1.76 -4.12
CA ASP A 40 -8.02 -2.84 -4.23
C ASP A 40 -7.94 -3.51 -5.59
N GLY A 41 -7.31 -2.82 -6.54
CA GLY A 41 -7.18 -3.37 -7.88
C GLY A 41 -5.77 -3.83 -8.17
N CYS A 42 -4.79 -3.02 -7.79
CA CYS A 42 -3.38 -3.34 -8.01
C CYS A 42 -2.98 -4.59 -7.24
N VAL A 43 -3.78 -4.96 -6.25
CA VAL A 43 -3.51 -6.13 -5.42
C VAL A 43 -3.47 -7.39 -6.28
N LYS A 44 -4.25 -7.40 -7.35
CA LYS A 44 -4.30 -8.55 -8.26
C LYS A 44 -3.27 -8.41 -9.38
N TYR A 45 -2.89 -7.16 -9.65
CA TYR A 45 -1.91 -6.89 -10.70
C TYR A 45 -0.61 -7.65 -10.45
N PHE A 46 -0.17 -7.67 -9.20
CA PHE A 46 1.06 -8.36 -8.84
C PHE A 46 0.78 -9.48 -7.84
N GLN A 47 1.16 -10.70 -8.20
CA GLN A 47 0.94 -11.85 -7.34
C GLN A 47 1.85 -11.80 -6.12
N GLN A 48 2.93 -11.03 -6.23
CA GLN A 48 3.88 -10.89 -5.13
C GLN A 48 3.97 -9.44 -4.66
N CYS A 49 4.72 -9.21 -3.59
CA CYS A 49 4.88 -7.88 -3.03
C CYS A 49 5.93 -7.08 -3.81
N PRO A 50 5.51 -5.95 -4.37
CA PRO A 50 6.40 -5.08 -5.15
C PRO A 50 7.44 -4.38 -4.28
N MET A 51 7.51 -4.78 -3.01
CA MET A 51 8.46 -4.20 -2.08
C MET A 51 9.43 -5.25 -1.57
N CYS A 52 8.90 -6.29 -0.91
CA CYS A 52 9.72 -7.36 -0.37
C CYS A 52 9.76 -8.54 -1.33
N ARG A 53 8.83 -8.56 -2.27
CA ARG A 53 8.75 -9.65 -3.25
C ARG A 53 8.52 -10.99 -2.56
N GLN A 54 7.53 -11.03 -1.66
CA GLN A 54 7.21 -12.24 -0.93
C GLN A 54 5.93 -12.86 -1.46
N PHE A 55 6.01 -14.13 -1.86
CA PHE A 55 4.85 -14.85 -2.38
C PHE A 55 3.61 -14.56 -1.55
N VAL A 56 2.61 -13.96 -2.20
CA VAL A 56 1.36 -13.62 -1.51
C VAL A 56 0.47 -14.85 -1.36
N GLN A 57 0.48 -15.44 -0.17
CA GLN A 57 -0.34 -16.62 0.11
C GLN A 57 -1.74 -16.23 0.54
N GLU A 58 -1.86 -15.09 1.20
CA GLU A 58 -3.16 -14.60 1.66
C GLU A 58 -3.20 -13.07 1.64
N SER A 59 -4.38 -12.53 1.35
CA SER A 59 -4.56 -11.07 1.30
C SER A 59 -5.97 -10.69 1.73
N PHE A 60 -6.05 -9.81 2.72
CA PHE A 60 -7.34 -9.35 3.24
C PHE A 60 -7.40 -7.82 3.26
N ALA A 61 -8.58 -7.29 3.01
CA ALA A 61 -8.77 -5.84 3.01
C ALA A 61 -8.72 -5.27 4.42
N LEU A 62 -7.89 -4.27 4.63
CA LEU A 62 -7.74 -3.65 5.94
C LEU A 62 -9.10 -3.43 6.59
N SER A 63 -10.06 -2.92 5.83
CA SER A 63 -11.40 -2.67 6.34
C SER A 63 -12.43 -3.52 5.58
N GLY A 64 -12.77 -4.66 6.15
CA GLY A 64 -13.75 -5.54 5.52
C GLY A 64 -14.87 -5.92 6.46
N PRO A 65 -15.17 -7.23 6.52
CA PRO A 65 -16.23 -7.76 7.38
C PRO A 65 -15.87 -7.68 8.86
N SER A 66 -14.59 -7.58 9.15
CA SER A 66 -14.10 -7.51 10.53
C SER A 66 -15.07 -6.68 11.39
N SER A 67 -15.38 -5.48 10.92
CA SER A 67 -16.28 -4.59 11.64
C SER A 67 -17.25 -3.91 10.69
N GLY A 68 -18.24 -3.21 11.25
CA GLY A 68 -19.22 -2.51 10.43
C GLY A 68 -20.26 -1.80 11.26
N GLY A 1 12.62 30.99 27.08
CA GLY A 1 12.52 30.72 25.65
C GLY A 1 11.49 29.66 25.34
N SER A 2 11.87 28.72 24.46
CA SER A 2 10.97 27.65 24.06
C SER A 2 11.75 26.41 23.64
N SER A 3 11.44 25.28 24.25
CA SER A 3 12.11 24.02 23.95
C SER A 3 11.64 23.46 22.61
N GLY A 4 12.51 22.73 21.94
CA GLY A 4 12.16 22.14 20.65
C GLY A 4 13.07 20.98 20.28
N SER A 5 12.97 19.89 21.02
CA SER A 5 13.79 18.71 20.77
C SER A 5 13.01 17.69 19.94
N SER A 6 13.12 17.79 18.63
CA SER A 6 12.44 16.87 17.72
C SER A 6 13.14 15.52 17.68
N GLY A 7 14.43 15.53 17.31
CA GLY A 7 15.19 14.31 17.25
C GLY A 7 15.46 13.87 15.81
N VAL A 8 14.80 12.80 15.39
CA VAL A 8 14.97 12.29 14.04
C VAL A 8 13.63 11.91 13.42
N GLU A 9 13.25 12.63 12.36
CA GLU A 9 11.99 12.38 11.67
C GLU A 9 11.90 10.93 11.21
N PRO A 10 10.67 10.41 11.11
CA PRO A 10 10.42 9.04 10.67
C PRO A 10 10.75 8.83 9.20
N SER A 11 10.80 7.57 8.77
CA SER A 11 11.10 7.23 7.39
C SER A 11 9.82 7.00 6.60
N GLU A 12 8.87 7.92 6.73
CA GLU A 12 7.60 7.82 6.02
C GLU A 12 7.57 8.74 4.80
N GLU A 13 7.70 8.16 3.62
CA GLU A 13 7.69 8.93 2.38
C GLU A 13 7.32 8.05 1.19
N ASN A 14 6.27 8.43 0.47
CA ASN A 14 5.82 7.67 -0.69
C ASN A 14 5.65 6.19 -0.34
N SER A 15 5.03 5.92 0.81
CA SER A 15 4.81 4.56 1.26
C SER A 15 3.34 4.35 1.63
N LYS A 16 2.81 5.24 2.46
CA LYS A 16 1.43 5.15 2.89
C LYS A 16 0.51 4.80 1.72
N ASP A 17 0.62 5.57 0.64
CA ASP A 17 -0.19 5.34 -0.55
C ASP A 17 0.40 4.23 -1.41
N CYS A 18 -0.30 3.89 -2.48
CA CYS A 18 0.14 2.83 -3.39
C CYS A 18 1.43 3.24 -4.11
N VAL A 19 2.34 2.28 -4.25
CA VAL A 19 3.62 2.54 -4.93
C VAL A 19 3.62 1.95 -6.33
N VAL A 20 2.45 1.91 -6.95
CA VAL A 20 2.33 1.36 -8.31
C VAL A 20 1.64 2.36 -9.23
N CYS A 21 0.52 2.92 -8.77
CA CYS A 21 -0.23 3.89 -9.56
C CYS A 21 -0.26 5.24 -8.87
N GLN A 22 -0.24 5.22 -7.54
CA GLN A 22 -0.27 6.46 -6.76
C GLN A 22 -1.52 7.27 -7.07
N ASN A 23 -2.65 6.58 -7.16
CA ASN A 23 -3.92 7.23 -7.46
C ASN A 23 -5.02 6.74 -6.52
N GLY A 24 -4.93 5.48 -6.12
CA GLY A 24 -5.91 4.91 -5.22
C GLY A 24 -5.33 4.57 -3.87
N THR A 25 -6.19 4.56 -2.84
CA THR A 25 -5.75 4.25 -1.49
C THR A 25 -5.59 2.75 -1.29
N VAL A 26 -4.41 2.35 -0.83
CA VAL A 26 -4.11 0.94 -0.60
C VAL A 26 -4.99 0.37 0.51
N ASN A 27 -5.92 -0.49 0.15
CA ASN A 27 -6.84 -1.10 1.12
C ASN A 27 -6.70 -2.62 1.10
N TRP A 28 -5.46 -3.10 1.01
CA TRP A 28 -5.20 -4.53 0.99
C TRP A 28 -3.82 -4.85 1.55
N VAL A 29 -3.68 -6.00 2.19
CA VAL A 29 -2.42 -6.42 2.77
C VAL A 29 -1.85 -7.64 2.05
N LEU A 30 -0.53 -7.69 1.93
CA LEU A 30 0.13 -8.81 1.26
C LEU A 30 0.85 -9.70 2.28
N LEU A 31 0.09 -10.48 3.03
CA LEU A 31 0.65 -11.38 4.03
C LEU A 31 1.54 -12.43 3.37
N PRO A 32 2.47 -12.99 4.17
CA PRO A 32 2.63 -12.64 5.58
C PRO A 32 3.19 -11.24 5.77
N CYS A 33 4.24 -10.91 5.01
CA CYS A 33 4.87 -9.61 5.08
C CYS A 33 3.85 -8.53 5.47
N ARG A 34 2.65 -8.65 4.93
CA ARG A 34 1.59 -7.69 5.22
C ARG A 34 2.03 -6.27 4.87
N HIS A 35 2.45 -6.08 3.62
CA HIS A 35 2.90 -4.78 3.16
C HIS A 35 1.83 -4.11 2.29
N THR A 36 1.12 -3.15 2.86
CA THR A 36 0.07 -2.44 2.14
C THR A 36 0.67 -1.53 1.07
N CYS A 37 0.95 -2.12 -0.09
CA CYS A 37 1.52 -1.36 -1.20
C CYS A 37 0.81 -1.70 -2.52
N LEU A 38 -0.51 -1.88 -2.45
CA LEU A 38 -1.30 -2.22 -3.62
C LEU A 38 -2.77 -1.88 -3.40
N CYS A 39 -3.35 -1.15 -4.34
CA CYS A 39 -4.76 -0.76 -4.25
C CYS A 39 -5.66 -1.96 -4.42
N ASP A 40 -6.97 -1.73 -4.35
CA ASP A 40 -7.96 -2.80 -4.50
C ASP A 40 -7.75 -3.54 -5.82
N GLY A 41 -7.20 -2.84 -6.80
CA GLY A 41 -6.97 -3.44 -8.10
C GLY A 41 -5.52 -3.88 -8.29
N CYS A 42 -4.59 -3.04 -7.86
CA CYS A 42 -3.17 -3.35 -8.00
C CYS A 42 -2.81 -4.61 -7.20
N VAL A 43 -3.53 -4.83 -6.11
CA VAL A 43 -3.30 -6.01 -5.27
C VAL A 43 -3.37 -7.29 -6.09
N LYS A 44 -4.23 -7.30 -7.10
CA LYS A 44 -4.40 -8.47 -7.95
C LYS A 44 -3.51 -8.36 -9.19
N TYR A 45 -3.04 -7.16 -9.48
CA TYR A 45 -2.18 -6.93 -10.63
C TYR A 45 -0.92 -7.77 -10.55
N PHE A 46 -0.39 -7.93 -9.34
CA PHE A 46 0.81 -8.71 -9.13
C PHE A 46 0.60 -9.74 -8.02
N GLN A 47 1.00 -10.98 -8.29
CA GLN A 47 0.85 -12.06 -7.33
C GLN A 47 2.00 -12.06 -6.33
N GLN A 48 2.68 -10.93 -6.21
CA GLN A 48 3.80 -10.80 -5.29
C GLN A 48 3.95 -9.36 -4.81
N CYS A 49 4.58 -9.18 -3.65
CA CYS A 49 4.79 -7.86 -3.09
C CYS A 49 5.78 -7.06 -3.92
N PRO A 50 5.34 -5.89 -4.40
CA PRO A 50 6.17 -5.00 -5.21
C PRO A 50 7.31 -4.37 -4.41
N MET A 51 7.48 -4.81 -3.17
CA MET A 51 8.53 -4.29 -2.31
C MET A 51 9.48 -5.41 -1.88
N CYS A 52 8.96 -6.36 -1.11
CA CYS A 52 9.77 -7.47 -0.63
C CYS A 52 9.74 -8.63 -1.61
N ARG A 53 8.72 -8.64 -2.47
CA ARG A 53 8.57 -9.69 -3.48
C ARG A 53 8.36 -11.04 -2.80
N GLN A 54 7.49 -11.07 -1.79
CA GLN A 54 7.21 -12.30 -1.06
C GLN A 54 5.94 -12.96 -1.60
N PHE A 55 6.04 -14.23 -1.97
CA PHE A 55 4.89 -14.97 -2.48
C PHE A 55 3.66 -14.73 -1.63
N VAL A 56 2.73 -13.94 -2.15
CA VAL A 56 1.50 -13.64 -1.44
C VAL A 56 0.66 -14.89 -1.22
N GLN A 57 0.60 -15.36 0.03
CA GLN A 57 -0.17 -16.55 0.37
C GLN A 57 -1.60 -16.19 0.76
N GLU A 58 -1.74 -15.11 1.52
CA GLU A 58 -3.05 -14.65 1.97
C GLU A 58 -3.15 -13.13 1.91
N SER A 59 -4.34 -12.64 1.58
CA SER A 59 -4.56 -11.20 1.49
C SER A 59 -5.99 -10.84 1.91
N PHE A 60 -6.13 -9.73 2.62
CA PHE A 60 -7.43 -9.28 3.09
C PHE A 60 -7.54 -7.76 3.03
N ALA A 61 -8.77 -7.26 3.00
CA ALA A 61 -9.01 -5.82 2.94
C ALA A 61 -8.97 -5.21 4.33
N LEU A 62 -8.17 -4.16 4.48
CA LEU A 62 -8.03 -3.49 5.76
C LEU A 62 -9.41 -3.16 6.35
N SER A 63 -10.15 -2.31 5.66
CA SER A 63 -11.48 -1.92 6.11
C SER A 63 -12.56 -2.40 5.14
N GLY A 64 -13.53 -3.15 5.65
CA GLY A 64 -14.59 -3.66 4.81
C GLY A 64 -15.85 -3.98 5.60
N PRO A 65 -16.98 -3.40 5.19
CA PRO A 65 -18.27 -3.62 5.85
C PRO A 65 -18.80 -5.02 5.64
N SER A 66 -18.53 -5.90 6.59
CA SER A 66 -18.97 -7.29 6.52
C SER A 66 -20.31 -7.48 7.22
N SER A 67 -21.40 -7.13 6.53
CA SER A 67 -22.73 -7.25 7.10
C SER A 67 -23.09 -8.72 7.33
N GLY A 68 -22.54 -9.60 6.50
CA GLY A 68 -22.81 -11.02 6.64
C GLY A 68 -23.67 -11.55 5.51
N GLY A 1 -20.07 20.44 -23.96
CA GLY A 1 -18.80 20.98 -23.52
C GLY A 1 -18.49 20.64 -22.07
N SER A 2 -17.81 19.52 -21.87
CA SER A 2 -17.46 19.09 -20.52
C SER A 2 -15.94 19.05 -20.34
N SER A 3 -15.50 19.32 -19.11
CA SER A 3 -14.08 19.33 -18.80
C SER A 3 -13.83 18.90 -17.36
N GLY A 4 -12.56 18.67 -17.02
CA GLY A 4 -12.22 18.25 -15.67
C GLY A 4 -10.87 17.58 -15.60
N SER A 5 -9.89 18.13 -16.30
CA SER A 5 -8.55 17.56 -16.31
C SER A 5 -7.68 18.17 -15.22
N SER A 6 -6.65 17.45 -14.81
CA SER A 6 -5.75 17.92 -13.77
C SER A 6 -4.73 18.90 -14.34
N GLY A 7 -4.24 19.79 -13.49
CA GLY A 7 -3.26 20.78 -13.92
C GLY A 7 -1.84 20.37 -13.56
N VAL A 8 -1.21 21.14 -12.69
CA VAL A 8 0.16 20.85 -12.27
C VAL A 8 0.21 20.50 -10.78
N GLU A 9 -0.25 19.30 -10.45
CA GLU A 9 -0.25 18.84 -9.07
C GLU A 9 0.40 17.46 -8.95
N PRO A 10 1.00 17.19 -7.78
CA PRO A 10 1.67 15.91 -7.52
C PRO A 10 0.69 14.76 -7.40
N SER A 11 1.21 13.54 -7.35
CA SER A 11 0.38 12.35 -7.24
C SER A 11 0.31 11.87 -5.79
N GLU A 12 0.05 12.79 -4.88
CA GLU A 12 -0.03 12.47 -3.45
C GLU A 12 0.95 11.36 -3.09
N GLU A 13 2.13 11.41 -3.70
CA GLU A 13 3.16 10.42 -3.44
C GLU A 13 3.34 10.19 -1.94
N ASN A 14 3.37 8.92 -1.54
CA ASN A 14 3.53 8.57 -0.13
C ASN A 14 3.80 7.08 0.03
N SER A 15 4.07 6.66 1.26
CA SER A 15 4.36 5.26 1.55
C SER A 15 3.07 4.49 1.80
N LYS A 16 2.32 4.92 2.82
CA LYS A 16 1.06 4.27 3.17
C LYS A 16 0.19 4.05 1.93
N ASP A 17 0.30 4.96 0.96
CA ASP A 17 -0.46 4.87 -0.27
C ASP A 17 0.20 3.92 -1.25
N CYS A 18 -0.53 3.55 -2.31
CA CYS A 18 0.00 2.65 -3.32
C CYS A 18 1.31 3.18 -3.90
N VAL A 19 2.00 2.32 -4.64
CA VAL A 19 3.27 2.70 -5.25
C VAL A 19 3.27 2.42 -6.75
N VAL A 20 2.63 1.32 -7.13
CA VAL A 20 2.55 0.94 -8.54
C VAL A 20 1.81 1.99 -9.36
N CYS A 21 0.85 2.66 -8.73
CA CYS A 21 0.08 3.70 -9.40
C CYS A 21 0.16 5.02 -8.64
N GLN A 22 0.03 4.93 -7.32
CA GLN A 22 0.09 6.13 -6.48
C GLN A 22 -1.06 7.07 -6.78
N ASN A 23 -2.24 6.50 -7.03
CA ASN A 23 -3.42 7.30 -7.33
C ASN A 23 -4.59 6.91 -6.43
N GLY A 24 -4.67 5.63 -6.09
CA GLY A 24 -5.74 5.15 -5.24
C GLY A 24 -5.25 4.73 -3.87
N THR A 25 -6.16 4.66 -2.90
CA THR A 25 -5.81 4.27 -1.54
C THR A 25 -5.69 2.76 -1.42
N VAL A 26 -4.60 2.30 -0.81
CA VAL A 26 -4.37 0.87 -0.63
C VAL A 26 -5.20 0.33 0.54
N ASN A 27 -6.04 -0.66 0.24
CA ASN A 27 -6.88 -1.27 1.27
C ASN A 27 -6.72 -2.78 1.27
N TRP A 28 -5.52 -3.24 0.97
CA TRP A 28 -5.23 -4.68 0.94
C TRP A 28 -3.82 -4.96 1.44
N VAL A 29 -3.69 -5.99 2.27
CA VAL A 29 -2.38 -6.37 2.81
C VAL A 29 -1.81 -7.57 2.06
N LEU A 30 -0.49 -7.57 1.90
CA LEU A 30 0.19 -8.66 1.19
C LEU A 30 0.94 -9.55 2.18
N LEU A 31 0.18 -10.32 2.95
CA LEU A 31 0.76 -11.24 3.93
C LEU A 31 1.68 -12.25 3.26
N PRO A 32 2.61 -12.81 4.04
CA PRO A 32 2.77 -12.47 5.45
C PRO A 32 3.30 -11.06 5.66
N CYS A 33 4.31 -10.68 4.87
CA CYS A 33 4.90 -9.36 4.97
C CYS A 33 3.87 -8.33 5.42
N ARG A 34 2.66 -8.45 4.89
CA ARG A 34 1.59 -7.53 5.25
C ARG A 34 1.93 -6.11 4.81
N HIS A 35 2.23 -5.94 3.53
CA HIS A 35 2.58 -4.63 2.99
C HIS A 35 1.45 -4.08 2.13
N THR A 36 0.79 -3.03 2.61
CA THR A 36 -0.31 -2.42 1.89
C THR A 36 0.19 -1.42 0.85
N CYS A 37 0.67 -1.94 -0.28
CA CYS A 37 1.18 -1.09 -1.35
C CYS A 37 0.56 -1.48 -2.69
N LEU A 38 -0.69 -1.89 -2.65
CA LEU A 38 -1.40 -2.29 -3.87
C LEU A 38 -2.91 -2.10 -3.71
N CYS A 39 -3.44 -1.08 -4.37
CA CYS A 39 -4.87 -0.78 -4.31
C CYS A 39 -5.69 -2.05 -4.56
N ASP A 40 -6.99 -1.97 -4.28
CA ASP A 40 -7.89 -3.10 -4.47
C ASP A 40 -7.78 -3.63 -5.89
N GLY A 41 -7.26 -2.82 -6.79
CA GLY A 41 -7.12 -3.23 -8.18
C GLY A 41 -5.68 -3.58 -8.53
N CYS A 42 -4.74 -3.14 -7.71
CA CYS A 42 -3.33 -3.42 -7.94
C CYS A 42 -2.89 -4.68 -7.20
N VAL A 43 -3.59 -4.99 -6.12
CA VAL A 43 -3.26 -6.17 -5.31
C VAL A 43 -3.36 -7.44 -6.15
N LYS A 44 -4.10 -7.37 -7.24
CA LYS A 44 -4.27 -8.51 -8.14
C LYS A 44 -3.27 -8.45 -9.28
N TYR A 45 -2.90 -7.24 -9.68
CA TYR A 45 -1.95 -7.05 -10.77
C TYR A 45 -0.60 -7.69 -10.45
N PHE A 46 -0.23 -7.63 -9.17
CA PHE A 46 1.03 -8.20 -8.71
C PHE A 46 0.80 -9.28 -7.66
N GLN A 47 0.74 -10.54 -8.10
CA GLN A 47 0.52 -11.65 -7.20
C GLN A 47 1.51 -11.62 -6.04
N GLN A 48 2.59 -10.86 -6.21
CA GLN A 48 3.61 -10.75 -5.19
C GLN A 48 3.81 -9.29 -4.77
N CYS A 49 4.52 -9.09 -3.66
CA CYS A 49 4.78 -7.75 -3.16
C CYS A 49 5.94 -7.10 -3.93
N PRO A 50 5.65 -5.97 -4.58
CA PRO A 50 6.65 -5.22 -5.35
C PRO A 50 7.69 -4.56 -4.47
N MET A 51 7.64 -4.86 -3.18
CA MET A 51 8.59 -4.29 -2.22
C MET A 51 9.54 -5.37 -1.69
N CYS A 52 8.97 -6.45 -1.17
CA CYS A 52 9.76 -7.54 -0.63
C CYS A 52 9.74 -8.74 -1.58
N ARG A 53 8.83 -8.72 -2.53
CA ARG A 53 8.70 -9.82 -3.50
C ARG A 53 8.45 -11.13 -2.79
N GLN A 54 7.51 -11.14 -1.86
CA GLN A 54 7.18 -12.35 -1.11
C GLN A 54 5.86 -12.93 -1.59
N PHE A 55 5.91 -14.18 -2.05
CA PHE A 55 4.72 -14.86 -2.55
C PHE A 55 3.52 -14.59 -1.63
N VAL A 56 2.52 -13.89 -2.17
CA VAL A 56 1.32 -13.57 -1.41
C VAL A 56 0.48 -14.81 -1.17
N GLN A 57 0.56 -15.34 0.05
CA GLN A 57 -0.19 -16.54 0.41
C GLN A 57 -1.61 -16.16 0.84
N GLU A 58 -1.75 -14.99 1.45
CA GLU A 58 -3.05 -14.53 1.92
C GLU A 58 -3.14 -13.00 1.84
N SER A 59 -4.32 -12.50 1.49
CA SER A 59 -4.54 -11.07 1.39
C SER A 59 -5.94 -10.68 1.87
N PHE A 60 -6.00 -9.79 2.86
CA PHE A 60 -7.27 -9.35 3.41
C PHE A 60 -7.39 -7.82 3.33
N ALA A 61 -8.63 -7.34 3.24
CA ALA A 61 -8.88 -5.90 3.16
C ALA A 61 -8.92 -5.28 4.55
N LEU A 62 -7.99 -4.36 4.81
CA LEU A 62 -7.92 -3.69 6.10
C LEU A 62 -9.31 -3.51 6.70
N SER A 63 -10.24 -2.99 5.90
CA SER A 63 -11.61 -2.78 6.35
C SER A 63 -12.16 -4.01 7.04
N GLY A 64 -12.20 -3.98 8.37
CA GLY A 64 -12.71 -5.12 9.12
C GLY A 64 -14.17 -4.97 9.47
N PRO A 65 -14.85 -6.11 9.70
CA PRO A 65 -16.28 -6.12 10.04
C PRO A 65 -16.54 -5.57 11.44
N SER A 66 -16.75 -4.27 11.53
CA SER A 66 -17.01 -3.62 12.81
C SER A 66 -18.47 -3.21 12.93
N SER A 67 -18.88 -2.86 14.13
CA SER A 67 -20.26 -2.46 14.38
C SER A 67 -20.82 -1.66 13.20
N GLY A 68 -20.19 -0.52 12.92
CA GLY A 68 -20.63 0.31 11.82
C GLY A 68 -21.51 1.47 12.28
N GLY A 1 -7.97 22.13 27.62
CA GLY A 1 -7.43 21.98 26.28
C GLY A 1 -6.27 21.02 26.22
N SER A 2 -6.53 19.75 26.54
CA SER A 2 -5.50 18.73 26.53
C SER A 2 -4.43 19.03 27.57
N SER A 3 -4.85 19.45 28.75
CA SER A 3 -3.93 19.77 29.83
C SER A 3 -2.86 18.70 29.97
N GLY A 4 -1.63 19.06 29.62
CA GLY A 4 -0.53 18.12 29.70
C GLY A 4 -0.70 16.94 28.77
N SER A 5 0.42 16.46 28.21
CA SER A 5 0.39 15.33 27.29
C SER A 5 0.22 14.02 28.05
N SER A 6 -0.04 12.94 27.31
CA SER A 6 -0.24 11.63 27.91
C SER A 6 0.90 10.69 27.53
N GLY A 7 1.88 10.56 28.43
CA GLY A 7 3.01 9.69 28.17
C GLY A 7 3.98 10.28 27.16
N VAL A 8 3.98 9.74 25.95
CA VAL A 8 4.87 10.23 24.90
C VAL A 8 4.56 9.54 23.57
N GLU A 9 4.77 10.28 22.48
CA GLU A 9 4.52 9.74 21.15
C GLU A 9 5.29 8.45 20.93
N PRO A 10 4.75 7.57 20.07
CA PRO A 10 5.37 6.29 19.75
C PRO A 10 6.65 6.45 18.93
N SER A 11 6.71 7.52 18.14
CA SER A 11 7.87 7.79 17.30
C SER A 11 7.97 6.77 16.17
N GLU A 12 6.89 6.65 15.39
CA GLU A 12 6.86 5.72 14.27
C GLU A 12 5.94 6.23 13.16
N GLU A 13 6.30 5.94 11.92
CA GLU A 13 5.50 6.37 10.78
C GLU A 13 5.06 5.17 9.93
N ASN A 14 4.02 5.37 9.15
CA ASN A 14 3.49 4.30 8.29
C ASN A 14 2.92 4.87 7.01
N SER A 15 3.09 4.13 5.91
CA SER A 15 2.58 4.57 4.62
C SER A 15 1.26 3.88 4.28
N LYS A 16 0.28 4.68 3.88
CA LYS A 16 -1.04 4.16 3.53
C LYS A 16 -1.42 4.55 2.11
N ASP A 17 -0.46 4.46 1.19
CA ASP A 17 -0.71 4.80 -0.20
C ASP A 17 -0.03 3.79 -1.13
N CYS A 18 -0.64 3.58 -2.29
CA CYS A 18 -0.10 2.64 -3.28
C CYS A 18 1.25 3.13 -3.82
N VAL A 19 1.99 2.22 -4.45
CA VAL A 19 3.29 2.55 -5.01
C VAL A 19 3.32 2.32 -6.52
N VAL A 20 2.66 1.25 -6.95
CA VAL A 20 2.61 0.92 -8.37
C VAL A 20 1.89 1.99 -9.17
N CYS A 21 0.89 2.61 -8.55
CA CYS A 21 0.11 3.67 -9.19
C CYS A 21 0.12 4.94 -8.35
N GLN A 22 0.29 4.77 -7.04
CA GLN A 22 0.31 5.90 -6.13
C GLN A 22 -0.79 6.90 -6.47
N ASN A 23 -1.96 6.39 -6.83
CA ASN A 23 -3.10 7.24 -7.19
C ASN A 23 -4.32 6.88 -6.36
N GLY A 24 -4.52 5.59 -6.12
CA GLY A 24 -5.65 5.14 -5.33
C GLY A 24 -5.27 4.77 -3.92
N THR A 25 -6.28 4.66 -3.05
CA THR A 25 -6.04 4.31 -1.65
C THR A 25 -5.92 2.80 -1.48
N VAL A 26 -4.80 2.36 -0.92
CA VAL A 26 -4.57 0.93 -0.70
C VAL A 26 -5.41 0.41 0.46
N ASN A 27 -6.22 -0.60 0.18
CA ASN A 27 -7.09 -1.19 1.20
C ASN A 27 -6.89 -2.70 1.28
N TRP A 28 -5.67 -3.14 1.01
CA TRP A 28 -5.35 -4.56 1.04
C TRP A 28 -3.93 -4.79 1.53
N VAL A 29 -3.69 -5.96 2.13
CA VAL A 29 -2.37 -6.30 2.64
C VAL A 29 -1.82 -7.56 1.97
N LEU A 30 -0.51 -7.60 1.80
CA LEU A 30 0.14 -8.75 1.17
C LEU A 30 0.88 -9.60 2.20
N LEU A 31 0.11 -10.34 3.00
CA LEU A 31 0.69 -11.19 4.03
C LEU A 31 1.60 -12.25 3.41
N PRO A 32 2.52 -12.79 4.22
CA PRO A 32 2.67 -12.38 5.63
C PRO A 32 3.22 -10.97 5.76
N CYS A 33 4.26 -10.66 4.99
CA CYS A 33 4.88 -9.34 5.02
C CYS A 33 3.86 -8.27 5.40
N ARG A 34 2.65 -8.40 4.88
CA ARG A 34 1.59 -7.45 5.15
C ARG A 34 1.98 -6.04 4.71
N HIS A 35 2.35 -5.91 3.44
CA HIS A 35 2.76 -4.62 2.89
C HIS A 35 1.65 -4.03 2.04
N THR A 36 1.02 -2.97 2.54
CA THR A 36 -0.07 -2.31 1.82
C THR A 36 0.48 -1.40 0.72
N CYS A 37 0.81 -2.00 -0.42
CA CYS A 37 1.35 -1.23 -1.55
C CYS A 37 0.59 -1.57 -2.83
N LEU A 38 -0.67 -1.95 -2.69
CA LEU A 38 -1.50 -2.30 -3.84
C LEU A 38 -2.97 -1.98 -3.57
N CYS A 39 -3.57 -1.23 -4.49
CA CYS A 39 -4.98 -0.85 -4.35
C CYS A 39 -5.89 -2.07 -4.56
N ASP A 40 -7.17 -1.90 -4.26
CA ASP A 40 -8.15 -2.97 -4.42
C ASP A 40 -7.92 -3.72 -5.74
N GLY A 41 -7.31 -3.03 -6.70
CA GLY A 41 -7.05 -3.65 -8.00
C GLY A 41 -5.62 -4.10 -8.13
N CYS A 42 -4.68 -3.18 -7.94
CA CYS A 42 -3.26 -3.50 -8.05
C CYS A 42 -2.92 -4.77 -7.28
N VAL A 43 -3.76 -5.11 -6.31
CA VAL A 43 -3.55 -6.31 -5.50
C VAL A 43 -3.39 -7.54 -6.37
N LYS A 44 -4.14 -7.58 -7.48
CA LYS A 44 -4.08 -8.70 -8.40
C LYS A 44 -3.06 -8.44 -9.51
N TYR A 45 -2.70 -7.17 -9.69
CA TYR A 45 -1.74 -6.79 -10.72
C TYR A 45 -0.41 -7.52 -10.52
N PHE A 46 0.00 -7.66 -9.26
CA PHE A 46 1.25 -8.34 -8.93
C PHE A 46 1.04 -9.36 -7.83
N GLN A 47 0.80 -10.62 -8.22
CA GLN A 47 0.59 -11.69 -7.27
C GLN A 47 1.59 -11.62 -6.14
N GLN A 48 2.73 -10.96 -6.39
CA GLN A 48 3.78 -10.83 -5.39
C GLN A 48 3.89 -9.38 -4.91
N CYS A 49 4.69 -9.17 -3.87
CA CYS A 49 4.89 -7.84 -3.32
C CYS A 49 5.97 -7.08 -4.09
N PRO A 50 5.58 -5.92 -4.65
CA PRO A 50 6.50 -5.08 -5.43
C PRO A 50 7.56 -4.43 -4.54
N MET A 51 7.62 -4.83 -3.29
CA MET A 51 8.59 -4.28 -2.35
C MET A 51 9.55 -5.37 -1.86
N CYS A 52 9.00 -6.40 -1.24
CA CYS A 52 9.80 -7.51 -0.73
C CYS A 52 9.80 -8.69 -1.71
N ARG A 53 8.81 -8.70 -2.60
CA ARG A 53 8.69 -9.77 -3.59
C ARG A 53 8.41 -11.11 -2.90
N GLN A 54 7.49 -11.09 -1.94
CA GLN A 54 7.13 -12.30 -1.21
C GLN A 54 5.83 -12.89 -1.75
N PHE A 55 5.85 -14.18 -2.03
CA PHE A 55 4.66 -14.87 -2.56
C PHE A 55 3.45 -14.60 -1.67
N VAL A 56 2.55 -13.75 -2.17
CA VAL A 56 1.34 -13.41 -1.41
C VAL A 56 0.45 -14.64 -1.22
N GLN A 57 0.49 -15.22 -0.03
CA GLN A 57 -0.31 -16.39 0.27
C GLN A 57 -1.71 -15.99 0.73
N GLU A 58 -1.79 -14.94 1.54
CA GLU A 58 -3.07 -14.46 2.04
C GLU A 58 -3.14 -12.94 1.99
N SER A 59 -4.33 -12.42 1.69
CA SER A 59 -4.54 -10.98 1.59
C SER A 59 -5.94 -10.59 2.06
N PHE A 60 -6.01 -9.70 3.04
CA PHE A 60 -7.28 -9.24 3.57
C PHE A 60 -7.38 -7.72 3.53
N ALA A 61 -8.60 -7.22 3.36
CA ALA A 61 -8.83 -5.78 3.30
C ALA A 61 -8.85 -5.17 4.70
N LEU A 62 -7.92 -4.25 4.95
CA LEU A 62 -7.83 -3.59 6.24
C LEU A 62 -9.22 -3.32 6.82
N SER A 63 -10.01 -2.54 6.09
CA SER A 63 -11.36 -2.20 6.53
C SER A 63 -12.37 -2.47 5.42
N GLY A 64 -13.63 -2.62 5.80
CA GLY A 64 -14.68 -2.87 4.83
C GLY A 64 -16.07 -2.57 5.38
N PRO A 65 -17.00 -2.25 4.47
CA PRO A 65 -18.38 -1.92 4.84
C PRO A 65 -19.15 -3.15 5.33
N SER A 66 -19.62 -3.08 6.57
CA SER A 66 -20.37 -4.19 7.16
C SER A 66 -21.79 -3.76 7.50
N SER A 67 -22.72 -4.72 7.42
CA SER A 67 -24.12 -4.45 7.71
C SER A 67 -24.48 -4.90 9.13
N GLY A 68 -24.51 -3.94 10.05
CA GLY A 68 -24.84 -4.25 11.42
C GLY A 68 -23.60 -4.43 12.30
N GLY A 1 31.26 17.94 16.16
CA GLY A 1 30.13 18.85 16.17
C GLY A 1 30.01 19.61 17.47
N SER A 2 29.21 20.67 17.46
CA SER A 2 29.03 21.50 18.65
C SER A 2 27.55 21.54 19.05
N SER A 3 26.69 21.82 18.08
CA SER A 3 25.26 21.89 18.32
C SER A 3 24.46 21.55 17.07
N GLY A 4 23.18 21.24 17.25
CA GLY A 4 22.34 20.90 16.12
C GLY A 4 21.70 19.53 16.26
N SER A 5 20.74 19.43 17.18
CA SER A 5 20.05 18.16 17.41
C SER A 5 18.60 18.24 16.95
N SER A 6 18.23 17.33 16.04
CA SER A 6 16.88 17.29 15.51
C SER A 6 16.64 16.00 14.72
N GLY A 7 15.49 15.38 14.96
CA GLY A 7 15.15 14.15 14.27
C GLY A 7 14.52 13.12 15.19
N VAL A 8 13.40 13.50 15.80
CA VAL A 8 12.68 12.60 16.70
C VAL A 8 11.45 12.01 16.04
N GLU A 9 11.54 10.73 15.67
CA GLU A 9 10.43 10.05 15.02
C GLU A 9 10.45 8.56 15.33
N PRO A 10 9.28 7.92 15.31
CA PRO A 10 9.14 6.49 15.58
C PRO A 10 9.73 5.63 14.46
N SER A 11 9.79 4.32 14.70
CA SER A 11 10.34 3.40 13.73
C SER A 11 9.23 2.85 12.82
N GLU A 12 8.47 3.76 12.22
CA GLU A 12 7.39 3.36 11.32
C GLU A 12 7.14 4.44 10.27
N GLU A 13 6.61 4.03 9.13
CA GLU A 13 6.32 4.94 8.03
C GLU A 13 4.83 5.25 7.95
N ASN A 14 4.50 6.48 7.57
CA ASN A 14 3.11 6.90 7.46
C ASN A 14 2.80 7.38 6.03
N SER A 15 2.49 6.43 5.15
CA SER A 15 2.18 6.75 3.77
C SER A 15 0.82 6.16 3.37
N LYS A 16 0.64 4.88 3.65
CA LYS A 16 -0.61 4.21 3.31
C LYS A 16 -1.08 4.58 1.92
N ASP A 17 -0.14 4.64 0.97
CA ASP A 17 -0.46 4.97 -0.41
C ASP A 17 0.20 4.00 -1.37
N CYS A 18 -0.52 3.65 -2.43
CA CYS A 18 -0.02 2.72 -3.43
C CYS A 18 1.25 3.26 -4.09
N VAL A 19 2.15 2.37 -4.48
CA VAL A 19 3.39 2.75 -5.12
C VAL A 19 3.37 2.43 -6.61
N VAL A 20 2.59 1.43 -6.97
CA VAL A 20 2.47 1.00 -8.37
C VAL A 20 1.88 2.11 -9.22
N CYS A 21 0.69 2.57 -8.85
CA CYS A 21 0.02 3.63 -9.58
C CYS A 21 0.16 4.98 -8.86
N GLN A 22 0.13 4.93 -7.54
CA GLN A 22 0.25 6.14 -6.73
C GLN A 22 -0.92 7.08 -6.96
N ASN A 23 -2.12 6.51 -7.02
CA ASN A 23 -3.33 7.29 -7.24
C ASN A 23 -4.44 6.88 -6.29
N GLY A 24 -4.61 5.56 -6.13
CA GLY A 24 -5.64 5.05 -5.25
C GLY A 24 -5.09 4.67 -3.89
N THR A 25 -5.96 4.62 -2.88
CA THR A 25 -5.55 4.27 -1.53
C THR A 25 -5.45 2.75 -1.37
N VAL A 26 -4.33 2.30 -0.80
CA VAL A 26 -4.11 0.88 -0.58
C VAL A 26 -4.91 0.37 0.61
N ASN A 27 -5.85 -0.53 0.35
CA ASN A 27 -6.68 -1.10 1.40
C ASN A 27 -6.58 -2.62 1.42
N TRP A 28 -5.36 -3.12 1.20
CA TRP A 28 -5.12 -4.57 1.19
C TRP A 28 -3.72 -4.88 1.69
N VAL A 29 -3.61 -5.95 2.48
CA VAL A 29 -2.32 -6.37 3.02
C VAL A 29 -1.79 -7.59 2.30
N LEU A 30 -0.49 -7.60 2.03
CA LEU A 30 0.15 -8.71 1.35
C LEU A 30 0.89 -9.62 2.33
N LEU A 31 0.13 -10.44 3.05
CA LEU A 31 0.71 -11.35 4.03
C LEU A 31 1.65 -12.35 3.35
N PRO A 32 2.59 -12.89 4.12
CA PRO A 32 2.74 -12.57 5.54
C PRO A 32 3.25 -11.14 5.76
N CYS A 33 4.30 -10.78 5.03
CA CYS A 33 4.88 -9.45 5.14
C CYS A 33 3.83 -8.43 5.53
N ARG A 34 2.63 -8.56 4.96
CA ARG A 34 1.53 -7.65 5.25
C ARG A 34 1.90 -6.22 4.84
N HIS A 35 2.28 -6.05 3.58
CA HIS A 35 2.65 -4.75 3.06
C HIS A 35 1.54 -4.17 2.18
N THR A 36 0.91 -3.10 2.65
CA THR A 36 -0.17 -2.46 1.90
C THR A 36 0.38 -1.54 0.83
N CYS A 37 0.70 -2.11 -0.33
CA CYS A 37 1.24 -1.33 -1.44
C CYS A 37 0.54 -1.69 -2.75
N LEU A 38 -0.76 -2.00 -2.66
CA LEU A 38 -1.54 -2.36 -3.83
C LEU A 38 -3.02 -2.04 -3.63
N CYS A 39 -3.53 -1.12 -4.43
CA CYS A 39 -4.93 -0.72 -4.33
C CYS A 39 -5.85 -1.93 -4.48
N ASP A 40 -7.12 -1.74 -4.11
CA ASP A 40 -8.10 -2.82 -4.21
C ASP A 40 -7.93 -3.60 -5.51
N GLY A 41 -7.46 -2.91 -6.55
CA GLY A 41 -7.26 -3.55 -7.84
C GLY A 41 -5.83 -3.99 -8.05
N CYS A 42 -4.90 -3.06 -7.89
CA CYS A 42 -3.47 -3.36 -8.07
C CYS A 42 -3.09 -4.63 -7.33
N VAL A 43 -3.89 -4.99 -6.33
CA VAL A 43 -3.63 -6.19 -5.54
C VAL A 43 -3.55 -7.43 -6.43
N LYS A 44 -4.39 -7.46 -7.46
CA LYS A 44 -4.43 -8.58 -8.39
C LYS A 44 -3.44 -8.38 -9.53
N TYR A 45 -3.02 -7.13 -9.73
CA TYR A 45 -2.07 -6.80 -10.79
C TYR A 45 -0.77 -7.55 -10.60
N PHE A 46 -0.34 -7.71 -9.35
CA PHE A 46 0.88 -8.41 -9.03
C PHE A 46 0.64 -9.51 -8.01
N GLN A 47 1.14 -10.71 -8.31
CA GLN A 47 0.98 -11.85 -7.41
C GLN A 47 2.11 -11.92 -6.40
N GLN A 48 2.84 -10.82 -6.25
CA GLN A 48 3.95 -10.76 -5.32
C GLN A 48 4.24 -9.33 -4.90
N CYS A 49 4.45 -9.12 -3.60
CA CYS A 49 4.73 -7.78 -3.08
C CYS A 49 5.80 -7.08 -3.91
N PRO A 50 5.42 -5.97 -4.54
CA PRO A 50 6.33 -5.18 -5.39
C PRO A 50 7.40 -4.47 -4.56
N MET A 51 7.45 -4.78 -3.27
CA MET A 51 8.43 -4.17 -2.38
C MET A 51 9.42 -5.20 -1.86
N CYS A 52 8.91 -6.18 -1.11
CA CYS A 52 9.75 -7.24 -0.56
C CYS A 52 9.78 -8.45 -1.49
N ARG A 53 8.77 -8.55 -2.36
CA ARG A 53 8.69 -9.66 -3.30
C ARG A 53 8.49 -10.98 -2.57
N GLN A 54 7.49 -11.03 -1.69
CA GLN A 54 7.20 -12.23 -0.93
C GLN A 54 5.92 -12.90 -1.43
N PHE A 55 6.05 -14.14 -1.88
CA PHE A 55 4.91 -14.89 -2.39
C PHE A 55 3.66 -14.63 -1.54
N VAL A 56 2.70 -13.93 -2.14
CA VAL A 56 1.46 -13.60 -1.44
C VAL A 56 0.58 -14.84 -1.28
N GLN A 57 0.52 -15.38 -0.08
CA GLN A 57 -0.28 -16.57 0.20
C GLN A 57 -1.68 -16.17 0.65
N GLU A 58 -1.78 -15.05 1.36
CA GLU A 58 -3.08 -14.57 1.85
C GLU A 58 -3.13 -13.05 1.83
N SER A 59 -4.29 -12.50 1.49
CA SER A 59 -4.46 -11.05 1.43
C SER A 59 -5.89 -10.67 1.81
N PHE A 60 -6.01 -9.72 2.74
CA PHE A 60 -7.33 -9.26 3.19
C PHE A 60 -7.39 -7.74 3.22
N ALA A 61 -8.57 -7.19 2.98
CA ALA A 61 -8.77 -5.75 2.98
C ALA A 61 -8.99 -5.22 4.39
N LEU A 62 -8.12 -4.33 4.83
CA LEU A 62 -8.22 -3.75 6.16
C LEU A 62 -9.66 -3.33 6.47
N SER A 63 -10.19 -2.41 5.67
CA SER A 63 -11.55 -1.93 5.85
C SER A 63 -12.36 -2.09 4.56
N GLY A 64 -13.25 -3.08 4.57
CA GLY A 64 -14.08 -3.33 3.40
C GLY A 64 -15.05 -4.48 3.61
N PRO A 65 -16.17 -4.44 2.89
CA PRO A 65 -17.20 -5.48 2.97
C PRO A 65 -16.75 -6.80 2.39
N SER A 66 -15.45 -6.91 2.14
CA SER A 66 -14.88 -8.13 1.56
C SER A 66 -15.72 -9.36 1.94
N SER A 67 -15.80 -9.63 3.24
CA SER A 67 -16.56 -10.77 3.73
C SER A 67 -18.05 -10.47 3.73
N GLY A 68 -18.46 -9.52 4.56
CA GLY A 68 -19.87 -9.15 4.64
C GLY A 68 -20.59 -9.86 5.76
N GLY A 1 17.34 31.44 -22.99
CA GLY A 1 17.32 30.30 -22.10
C GLY A 1 16.47 30.54 -20.87
N SER A 2 15.63 29.55 -20.54
CA SER A 2 14.75 29.66 -19.39
C SER A 2 14.03 28.34 -19.13
N SER A 3 14.05 27.90 -17.88
CA SER A 3 13.40 26.65 -17.51
C SER A 3 13.26 26.54 -15.99
N GLY A 4 12.49 25.55 -15.54
CA GLY A 4 12.29 25.36 -14.12
C GLY A 4 12.30 23.90 -13.72
N SER A 5 12.76 23.62 -12.50
CA SER A 5 12.82 22.25 -12.00
C SER A 5 11.43 21.65 -11.86
N SER A 6 11.01 20.88 -12.85
CA SER A 6 9.70 20.25 -12.84
C SER A 6 9.81 18.75 -13.03
N GLY A 7 10.78 18.14 -12.34
CA GLY A 7 10.97 16.70 -12.44
C GLY A 7 11.08 16.03 -11.10
N VAL A 8 11.78 16.69 -10.17
CA VAL A 8 11.97 16.15 -8.83
C VAL A 8 11.01 16.81 -7.84
N GLU A 9 9.99 16.06 -7.42
CA GLU A 9 9.01 16.57 -6.47
C GLU A 9 9.40 16.22 -5.04
N PRO A 10 8.95 17.04 -4.08
CA PRO A 10 9.25 16.83 -2.66
C PRO A 10 8.53 15.62 -2.08
N SER A 11 8.76 15.35 -0.81
CA SER A 11 8.15 14.21 -0.14
C SER A 11 6.92 14.65 0.66
N GLU A 12 6.09 15.49 0.04
CA GLU A 12 4.88 15.98 0.69
C GLU A 12 3.65 15.23 0.21
N GLU A 13 3.81 13.93 -0.04
CA GLU A 13 2.71 13.09 -0.51
C GLU A 13 2.44 11.95 0.46
N ASN A 14 1.27 11.33 0.32
CA ASN A 14 0.89 10.22 1.19
C ASN A 14 2.02 9.20 1.30
N SER A 15 2.13 8.57 2.46
CA SER A 15 3.17 7.57 2.69
C SER A 15 2.62 6.16 2.50
N LYS A 16 1.54 5.86 3.20
CA LYS A 16 0.91 4.54 3.10
C LYS A 16 0.05 4.43 1.85
N ASP A 17 0.59 4.91 0.74
CA ASP A 17 -0.12 4.87 -0.54
C ASP A 17 0.43 3.76 -1.43
N CYS A 18 -0.19 3.57 -2.59
CA CYS A 18 0.23 2.55 -3.54
C CYS A 18 1.52 2.96 -4.24
N VAL A 19 2.49 2.06 -4.26
CA VAL A 19 3.78 2.33 -4.90
C VAL A 19 3.82 1.78 -6.32
N VAL A 20 2.67 1.80 -6.98
CA VAL A 20 2.57 1.30 -8.36
C VAL A 20 1.95 2.34 -9.28
N CYS A 21 0.74 2.79 -8.93
CA CYS A 21 0.05 3.79 -9.72
C CYS A 21 0.08 5.16 -9.04
N GLN A 22 0.06 5.14 -7.71
CA GLN A 22 0.09 6.38 -6.93
C GLN A 22 -1.13 7.24 -7.24
N ASN A 23 -2.30 6.61 -7.29
CA ASN A 23 -3.54 7.32 -7.58
C ASN A 23 -4.62 6.92 -6.58
N GLY A 24 -4.66 5.65 -6.22
CA GLY A 24 -5.67 5.17 -5.28
C GLY A 24 -5.05 4.78 -3.94
N THR A 25 -5.90 4.68 -2.92
CA THR A 25 -5.44 4.32 -1.59
C THR A 25 -5.42 2.81 -1.40
N VAL A 26 -4.28 2.30 -0.96
CA VAL A 26 -4.12 0.85 -0.74
C VAL A 26 -4.97 0.38 0.44
N ASN A 27 -5.78 -0.65 0.21
CA ASN A 27 -6.64 -1.19 1.25
C ASN A 27 -6.53 -2.70 1.31
N TRP A 28 -5.33 -3.22 1.05
CA TRP A 28 -5.09 -4.65 1.07
C TRP A 28 -3.69 -4.96 1.61
N VAL A 29 -3.60 -5.99 2.45
CA VAL A 29 -2.32 -6.40 3.02
C VAL A 29 -1.80 -7.67 2.37
N LEU A 30 -0.54 -7.63 1.95
CA LEU A 30 0.08 -8.79 1.31
C LEU A 30 0.81 -9.66 2.33
N LEU A 31 0.05 -10.48 3.05
CA LEU A 31 0.61 -11.36 4.05
C LEU A 31 1.55 -12.39 3.41
N PRO A 32 2.46 -12.94 4.23
CA PRO A 32 2.56 -12.60 5.66
C PRO A 32 3.08 -11.19 5.87
N CYS A 33 4.17 -10.85 5.19
CA CYS A 33 4.77 -9.52 5.31
C CYS A 33 3.72 -8.48 5.66
N ARG A 34 2.55 -8.59 5.04
CA ARG A 34 1.46 -7.66 5.28
C ARG A 34 1.85 -6.24 4.88
N HIS A 35 2.29 -6.08 3.63
CA HIS A 35 2.69 -4.79 3.12
C HIS A 35 1.63 -4.19 2.21
N THR A 36 0.92 -3.18 2.70
CA THR A 36 -0.13 -2.53 1.93
C THR A 36 0.46 -1.59 0.89
N CYS A 37 0.77 -2.13 -0.28
CA CYS A 37 1.34 -1.33 -1.36
C CYS A 37 0.67 -1.66 -2.68
N LEU A 38 -0.64 -1.92 -2.64
CA LEU A 38 -1.39 -2.26 -3.84
C LEU A 38 -2.87 -1.93 -3.65
N CYS A 39 -3.39 -1.06 -4.52
CA CYS A 39 -4.80 -0.66 -4.45
C CYS A 39 -5.72 -1.87 -4.65
N ASP A 40 -6.97 -1.71 -4.25
CA ASP A 40 -7.96 -2.79 -4.39
C ASP A 40 -7.81 -3.48 -5.75
N GLY A 41 -7.31 -2.75 -6.72
CA GLY A 41 -7.13 -3.32 -8.05
C GLY A 41 -5.73 -3.82 -8.29
N CYS A 42 -4.74 -2.99 -7.97
CA CYS A 42 -3.33 -3.36 -8.15
C CYS A 42 -2.99 -4.61 -7.34
N VAL A 43 -3.86 -4.95 -6.39
CA VAL A 43 -3.65 -6.12 -5.55
C VAL A 43 -3.56 -7.39 -6.39
N LYS A 44 -4.46 -7.52 -7.35
CA LYS A 44 -4.47 -8.69 -8.23
C LYS A 44 -3.54 -8.49 -9.42
N TYR A 45 -3.14 -7.24 -9.65
CA TYR A 45 -2.25 -6.91 -10.75
C TYR A 45 -0.94 -7.69 -10.65
N PHE A 46 -0.44 -7.84 -9.43
CA PHE A 46 0.80 -8.56 -9.19
C PHE A 46 0.62 -9.62 -8.11
N GLN A 47 0.96 -10.86 -8.44
CA GLN A 47 0.84 -11.96 -7.48
C GLN A 47 1.99 -11.97 -6.50
N GLN A 48 2.49 -10.78 -6.18
CA GLN A 48 3.61 -10.65 -5.24
C GLN A 48 3.66 -9.24 -4.64
N CYS A 49 4.56 -9.05 -3.69
CA CYS A 49 4.70 -7.74 -3.04
C CYS A 49 5.66 -6.84 -3.83
N PRO A 50 5.15 -5.69 -4.27
CA PRO A 50 5.93 -4.72 -5.04
C PRO A 50 6.99 -4.03 -4.20
N MET A 51 7.18 -4.53 -2.97
CA MET A 51 8.16 -3.96 -2.06
C MET A 51 9.21 -5.00 -1.69
N CYS A 52 8.77 -6.06 -1.02
CA CYS A 52 9.67 -7.12 -0.59
C CYS A 52 9.65 -8.29 -1.58
N ARG A 53 8.62 -8.30 -2.43
CA ARG A 53 8.48 -9.36 -3.43
C ARG A 53 8.31 -10.72 -2.76
N GLN A 54 7.45 -10.77 -1.75
CA GLN A 54 7.19 -12.01 -1.03
C GLN A 54 5.94 -12.71 -1.56
N PHE A 55 6.09 -13.98 -1.91
CA PHE A 55 4.97 -14.76 -2.44
C PHE A 55 3.71 -14.54 -1.61
N VAL A 56 2.72 -13.89 -2.22
CA VAL A 56 1.46 -13.61 -1.53
C VAL A 56 0.63 -14.88 -1.38
N GLN A 57 0.55 -15.39 -0.15
CA GLN A 57 -0.21 -16.60 0.13
C GLN A 57 -1.61 -16.25 0.61
N GLU A 58 -1.72 -15.15 1.35
CA GLU A 58 -3.01 -14.72 1.89
C GLU A 58 -3.11 -13.19 1.87
N SER A 59 -4.32 -12.69 1.63
CA SER A 59 -4.56 -11.25 1.58
C SER A 59 -5.96 -10.91 2.05
N PHE A 60 -6.05 -9.97 3.00
CA PHE A 60 -7.35 -9.56 3.53
C PHE A 60 -7.47 -8.04 3.55
N ALA A 61 -8.69 -7.55 3.33
CA ALA A 61 -8.94 -6.11 3.33
C ALA A 61 -8.84 -5.53 4.73
N LEU A 62 -7.95 -4.55 4.90
CA LEU A 62 -7.75 -3.91 6.18
C LEU A 62 -9.08 -3.77 6.94
N SER A 63 -10.04 -3.11 6.32
CA SER A 63 -11.36 -2.91 6.92
C SER A 63 -12.00 -4.25 7.27
N GLY A 64 -12.07 -4.55 8.56
CA GLY A 64 -12.66 -5.79 9.00
C GLY A 64 -14.05 -6.02 8.42
N PRO A 65 -14.73 -7.07 8.88
CA PRO A 65 -16.07 -7.42 8.42
C PRO A 65 -17.12 -6.41 8.87
N SER A 66 -16.66 -5.29 9.42
CA SER A 66 -17.57 -4.25 9.90
C SER A 66 -17.96 -3.31 8.77
N SER A 67 -18.95 -3.71 8.00
CA SER A 67 -19.43 -2.89 6.88
C SER A 67 -20.81 -2.33 7.17
N GLY A 68 -21.71 -3.19 7.64
CA GLY A 68 -23.06 -2.76 7.95
C GLY A 68 -23.92 -3.88 8.52
N GLY A 1 21.03 38.15 5.70
CA GLY A 1 19.93 37.64 4.91
C GLY A 1 19.99 36.13 4.74
N SER A 2 19.17 35.43 5.52
CA SER A 2 19.13 33.98 5.46
C SER A 2 17.70 33.47 5.60
N SER A 3 17.39 32.38 4.89
CA SER A 3 16.06 31.80 4.92
C SER A 3 15.94 30.78 6.04
N GLY A 4 14.74 30.22 6.22
CA GLY A 4 14.52 29.23 7.25
C GLY A 4 15.73 28.34 7.46
N SER A 5 16.29 28.36 8.68
CA SER A 5 17.45 27.55 9.00
C SER A 5 17.03 26.16 9.48
N SER A 6 17.05 25.19 8.57
CA SER A 6 16.67 23.83 8.90
C SER A 6 17.73 23.16 9.77
N GLY A 7 17.29 22.50 10.83
CA GLY A 7 18.21 21.82 11.72
C GLY A 7 17.52 20.79 12.59
N VAL A 8 17.13 21.21 13.80
CA VAL A 8 16.46 20.32 14.73
C VAL A 8 15.14 19.79 14.14
N GLU A 9 15.25 18.83 13.24
CA GLU A 9 14.08 18.24 12.60
C GLU A 9 14.37 16.81 12.15
N PRO A 10 13.38 15.92 12.35
CA PRO A 10 13.50 14.51 11.97
C PRO A 10 13.50 14.31 10.46
N SER A 11 12.52 14.90 9.79
CA SER A 11 12.40 14.79 8.34
C SER A 11 12.10 13.35 7.93
N GLU A 12 11.14 12.74 8.61
CA GLU A 12 10.75 11.36 8.32
C GLU A 12 9.61 11.32 7.32
N GLU A 13 9.66 10.35 6.41
CA GLU A 13 8.63 10.19 5.39
C GLU A 13 7.74 8.99 5.69
N ASN A 14 6.43 9.17 5.49
CA ASN A 14 5.48 8.10 5.74
C ASN A 14 4.52 7.93 4.57
N SER A 15 4.65 6.83 3.85
CA SER A 15 3.79 6.55 2.70
C SER A 15 2.66 5.62 3.08
N LYS A 16 1.44 6.14 3.09
CA LYS A 16 0.26 5.36 3.43
C LYS A 16 -0.66 5.20 2.23
N ASP A 17 -0.06 4.94 1.06
CA ASP A 17 -0.83 4.77 -0.17
C ASP A 17 -0.11 3.82 -1.12
N CYS A 18 -0.74 3.54 -2.25
CA CYS A 18 -0.17 2.65 -3.26
C CYS A 18 1.17 3.18 -3.75
N VAL A 19 1.93 2.32 -4.42
CA VAL A 19 3.23 2.70 -4.96
C VAL A 19 3.31 2.45 -6.46
N VAL A 20 2.69 1.37 -6.90
CA VAL A 20 2.68 1.01 -8.32
C VAL A 20 2.01 2.09 -9.15
N CYS A 21 1.00 2.74 -8.56
CA CYS A 21 0.26 3.79 -9.25
C CYS A 21 0.28 5.09 -8.45
N GLN A 22 0.09 4.95 -7.13
CA GLN A 22 0.08 6.11 -6.24
C GLN A 22 -1.05 7.06 -6.60
N ASN A 23 -2.23 6.50 -6.85
CA ASN A 23 -3.40 7.30 -7.20
C ASN A 23 -4.60 6.91 -6.34
N GLY A 24 -4.75 5.62 -6.09
CA GLY A 24 -5.85 5.15 -5.28
C GLY A 24 -5.42 4.75 -3.88
N THR A 25 -6.38 4.65 -2.96
CA THR A 25 -6.10 4.29 -1.59
C THR A 25 -5.99 2.78 -1.42
N VAL A 26 -4.86 2.33 -0.89
CA VAL A 26 -4.63 0.90 -0.68
C VAL A 26 -5.47 0.37 0.48
N ASN A 27 -6.23 -0.68 0.22
CA ASN A 27 -7.07 -1.28 1.25
C ASN A 27 -6.87 -2.79 1.31
N TRP A 28 -5.67 -3.23 0.98
CA TRP A 28 -5.34 -4.65 0.99
C TRP A 28 -3.91 -4.88 1.48
N VAL A 29 -3.73 -5.96 2.26
CA VAL A 29 -2.41 -6.29 2.79
C VAL A 29 -1.85 -7.53 2.12
N LEU A 30 -0.56 -7.48 1.81
CA LEU A 30 0.12 -8.60 1.16
C LEU A 30 0.86 -9.46 2.18
N LEU A 31 0.11 -10.26 2.92
CA LEU A 31 0.69 -11.14 3.94
C LEU A 31 1.58 -12.20 3.29
N PRO A 32 2.51 -12.76 4.08
CA PRO A 32 2.69 -12.37 5.48
C PRO A 32 3.25 -10.96 5.63
N CYS A 33 4.30 -10.68 4.87
CA CYS A 33 4.94 -9.36 4.91
C CYS A 33 3.94 -8.28 5.34
N ARG A 34 2.74 -8.34 4.78
CA ARG A 34 1.70 -7.38 5.10
C ARG A 34 2.11 -5.98 4.65
N HIS A 35 2.43 -5.85 3.37
CA HIS A 35 2.84 -4.55 2.82
C HIS A 35 1.73 -3.97 1.93
N THR A 36 0.96 -3.06 2.49
CA THR A 36 -0.13 -2.42 1.76
C THR A 36 0.40 -1.48 0.69
N CYS A 37 0.76 -2.05 -0.46
CA CYS A 37 1.29 -1.26 -1.56
C CYS A 37 0.58 -1.61 -2.86
N LEU A 38 -0.70 -1.97 -2.76
CA LEU A 38 -1.49 -2.33 -3.94
C LEU A 38 -2.97 -2.03 -3.71
N CYS A 39 -3.52 -1.13 -4.52
CA CYS A 39 -4.91 -0.76 -4.41
C CYS A 39 -5.82 -1.98 -4.55
N ASP A 40 -7.13 -1.78 -4.42
CA ASP A 40 -8.10 -2.86 -4.54
C ASP A 40 -7.95 -3.58 -5.88
N GLY A 41 -7.23 -2.95 -6.81
CA GLY A 41 -7.03 -3.55 -8.12
C GLY A 41 -5.59 -3.96 -8.35
N CYS A 42 -4.66 -3.12 -7.90
CA CYS A 42 -3.24 -3.40 -8.07
C CYS A 42 -2.82 -4.63 -7.27
N VAL A 43 -3.70 -5.05 -6.35
CA VAL A 43 -3.42 -6.21 -5.52
C VAL A 43 -3.33 -7.48 -6.36
N LYS A 44 -4.09 -7.51 -7.45
CA LYS A 44 -4.10 -8.67 -8.34
C LYS A 44 -3.11 -8.47 -9.49
N TYR A 45 -2.66 -7.24 -9.67
CA TYR A 45 -1.72 -6.92 -10.74
C TYR A 45 -0.38 -7.64 -10.52
N PHE A 46 0.01 -7.76 -9.26
CA PHE A 46 1.27 -8.43 -8.92
C PHE A 46 1.05 -9.47 -7.83
N GLN A 47 0.88 -10.72 -8.23
CA GLN A 47 0.66 -11.81 -7.29
C GLN A 47 1.67 -11.76 -6.15
N GLN A 48 2.77 -11.05 -6.38
CA GLN A 48 3.82 -10.92 -5.37
C GLN A 48 3.96 -9.46 -4.93
N CYS A 49 4.71 -9.26 -3.84
CA CYS A 49 4.92 -7.91 -3.31
C CYS A 49 6.02 -7.19 -4.07
N PRO A 50 5.67 -6.04 -4.67
CA PRO A 50 6.62 -5.23 -5.44
C PRO A 50 7.67 -4.57 -4.55
N MET A 51 7.68 -4.93 -3.28
CA MET A 51 8.62 -4.37 -2.33
C MET A 51 9.55 -5.45 -1.79
N CYS A 52 8.97 -6.46 -1.15
CA CYS A 52 9.75 -7.56 -0.59
C CYS A 52 9.76 -8.76 -1.54
N ARG A 53 8.79 -8.80 -2.44
CA ARG A 53 8.69 -9.90 -3.40
C ARG A 53 8.42 -11.22 -2.69
N GLN A 54 7.45 -11.21 -1.77
CA GLN A 54 7.10 -12.40 -1.02
C GLN A 54 5.80 -13.00 -1.55
N PHE A 55 5.86 -14.26 -1.97
CA PHE A 55 4.69 -14.96 -2.50
C PHE A 55 3.47 -14.69 -1.63
N VAL A 56 2.55 -13.88 -2.15
CA VAL A 56 1.32 -13.55 -1.43
C VAL A 56 0.43 -14.77 -1.26
N GLN A 57 0.41 -15.33 -0.04
CA GLN A 57 -0.39 -16.50 0.25
C GLN A 57 -1.78 -16.09 0.73
N GLU A 58 -1.86 -14.96 1.42
CA GLU A 58 -3.13 -14.47 1.94
C GLU A 58 -3.17 -12.95 1.91
N SER A 59 -4.35 -12.40 1.65
CA SER A 59 -4.52 -10.95 1.59
C SER A 59 -5.92 -10.55 2.05
N PHE A 60 -5.99 -9.70 3.07
CA PHE A 60 -7.26 -9.25 3.61
C PHE A 60 -7.36 -7.72 3.56
N ALA A 61 -8.58 -7.21 3.55
CA ALA A 61 -8.81 -5.78 3.51
C ALA A 61 -8.71 -5.16 4.90
N LEU A 62 -7.89 -4.12 5.02
CA LEU A 62 -7.71 -3.44 6.29
C LEU A 62 -9.04 -3.27 7.02
N SER A 63 -10.04 -2.79 6.29
CA SER A 63 -11.37 -2.58 6.86
C SER A 63 -12.33 -3.68 6.44
N GLY A 64 -12.92 -4.34 7.43
CA GLY A 64 -13.86 -5.43 7.14
C GLY A 64 -13.23 -6.79 7.32
N PRO A 65 -13.78 -7.57 8.26
CA PRO A 65 -13.28 -8.93 8.55
C PRO A 65 -13.58 -9.90 7.41
N SER A 66 -14.59 -9.59 6.61
CA SER A 66 -14.98 -10.44 5.49
C SER A 66 -14.80 -9.71 4.16
N SER A 67 -13.70 -9.99 3.48
CA SER A 67 -13.41 -9.36 2.19
C SER A 67 -14.52 -9.65 1.18
N GLY A 68 -14.67 -8.75 0.22
CA GLY A 68 -15.70 -8.93 -0.80
C GLY A 68 -16.30 -7.61 -1.25
N GLY A 1 16.37 30.75 -11.03
CA GLY A 1 15.29 30.52 -10.08
C GLY A 1 15.80 30.23 -8.68
N SER A 2 15.69 31.22 -7.80
CA SER A 2 16.14 31.07 -6.42
C SER A 2 15.22 30.14 -5.63
N SER A 3 15.71 28.95 -5.32
CA SER A 3 14.93 27.97 -4.57
C SER A 3 15.83 27.10 -3.72
N GLY A 4 15.32 26.68 -2.56
CA GLY A 4 16.09 25.85 -1.67
C GLY A 4 15.84 24.37 -1.88
N SER A 5 16.87 23.55 -1.68
CA SER A 5 16.76 22.11 -1.86
C SER A 5 17.43 21.36 -0.71
N SER A 6 16.69 20.46 -0.09
CA SER A 6 17.22 19.68 1.03
C SER A 6 18.25 18.66 0.54
N GLY A 7 19.39 18.63 1.21
CA GLY A 7 20.44 17.70 0.83
C GLY A 7 20.02 16.25 1.00
N VAL A 8 19.37 15.95 2.12
CA VAL A 8 18.92 14.59 2.40
C VAL A 8 17.41 14.55 2.62
N GLU A 9 16.70 13.86 1.73
CA GLU A 9 15.24 13.75 1.84
C GLU A 9 14.83 13.39 3.26
N PRO A 10 13.62 13.84 3.65
CA PRO A 10 13.08 13.59 4.99
C PRO A 10 12.71 12.11 5.19
N SER A 11 12.58 11.38 4.08
CA SER A 11 12.23 9.97 4.15
C SER A 11 10.80 9.79 4.63
N GLU A 12 9.87 10.53 4.03
CA GLU A 12 8.47 10.46 4.41
C GLU A 12 7.59 11.18 3.38
N GLU A 13 6.61 10.46 2.85
CA GLU A 13 5.70 11.03 1.86
C GLU A 13 4.25 10.85 2.30
N ASN A 14 3.49 11.95 2.25
CA ASN A 14 2.08 11.91 2.63
C ASN A 14 1.22 11.31 1.52
N SER A 15 1.69 10.19 0.97
CA SER A 15 0.96 9.52 -0.10
C SER A 15 -0.01 8.47 0.46
N LYS A 16 0.54 7.52 1.20
CA LYS A 16 -0.26 6.45 1.80
C LYS A 16 -1.41 6.07 0.89
N ASP A 17 -1.13 5.98 -0.41
CA ASP A 17 -2.14 5.60 -1.39
C ASP A 17 -1.72 4.34 -2.15
N CYS A 18 -0.61 4.41 -2.86
CA CYS A 18 -0.11 3.27 -3.62
C CYS A 18 1.31 3.53 -4.11
N VAL A 19 1.99 2.48 -4.54
CA VAL A 19 3.36 2.58 -5.03
C VAL A 19 3.41 2.34 -6.53
N VAL A 20 2.59 1.42 -7.02
CA VAL A 20 2.54 1.10 -8.44
C VAL A 20 1.85 2.20 -9.23
N CYS A 21 0.83 2.81 -8.62
CA CYS A 21 0.08 3.88 -9.27
C CYS A 21 0.00 5.11 -8.36
N GLN A 22 0.24 4.91 -7.07
CA GLN A 22 0.21 6.00 -6.10
C GLN A 22 -0.94 6.96 -6.42
N ASN A 23 -2.06 6.40 -6.88
CA ASN A 23 -3.22 7.21 -7.21
C ASN A 23 -4.42 6.81 -6.35
N GLY A 24 -4.47 5.54 -5.96
CA GLY A 24 -5.56 5.05 -5.14
C GLY A 24 -5.11 4.67 -3.74
N THR A 25 -6.07 4.48 -2.84
CA THR A 25 -5.76 4.11 -1.46
C THR A 25 -5.57 2.60 -1.33
N VAL A 26 -4.47 2.21 -0.71
CA VAL A 26 -4.17 0.79 -0.50
C VAL A 26 -4.99 0.22 0.64
N ASN A 27 -5.91 -0.69 0.31
CA ASN A 27 -6.76 -1.32 1.31
C ASN A 27 -6.65 -2.84 1.25
N TRP A 28 -5.43 -3.33 1.02
CA TRP A 28 -5.19 -4.76 0.94
C TRP A 28 -3.76 -5.10 1.36
N VAL A 29 -3.64 -5.93 2.38
CA VAL A 29 -2.33 -6.34 2.88
C VAL A 29 -1.82 -7.57 2.14
N LEU A 30 -0.53 -7.58 1.84
CA LEU A 30 0.08 -8.71 1.14
C LEU A 30 0.83 -9.62 2.12
N LEU A 31 0.07 -10.42 2.86
CA LEU A 31 0.66 -11.34 3.83
C LEU A 31 1.59 -12.35 3.14
N PRO A 32 2.52 -12.92 3.91
CA PRO A 32 2.67 -12.61 5.33
C PRO A 32 3.20 -11.20 5.57
N CYS A 33 4.25 -10.84 4.84
CA CYS A 33 4.85 -9.52 4.97
C CYS A 33 3.81 -8.48 5.42
N ARG A 34 2.62 -8.55 4.82
CA ARG A 34 1.55 -7.63 5.16
C ARG A 34 1.91 -6.21 4.75
N HIS A 35 2.25 -6.03 3.48
CA HIS A 35 2.62 -4.71 2.96
C HIS A 35 1.52 -4.16 2.07
N THR A 36 0.91 -3.06 2.50
CA THR A 36 -0.16 -2.42 1.74
C THR A 36 0.41 -1.48 0.68
N CYS A 37 0.85 -2.04 -0.43
CA CYS A 37 1.41 -1.25 -1.52
C CYS A 37 0.72 -1.57 -2.85
N LEU A 38 -0.57 -1.89 -2.77
CA LEU A 38 -1.34 -2.22 -3.96
C LEU A 38 -2.83 -1.97 -3.72
N CYS A 39 -3.39 -1.03 -4.47
CA CYS A 39 -4.80 -0.69 -4.34
C CYS A 39 -5.68 -1.93 -4.48
N ASP A 40 -6.98 -1.76 -4.30
CA ASP A 40 -7.92 -2.87 -4.41
C ASP A 40 -7.65 -3.68 -5.67
N GLY A 41 -7.20 -3.01 -6.72
CA GLY A 41 -6.91 -3.69 -7.97
C GLY A 41 -5.46 -4.10 -8.09
N CYS A 42 -4.56 -3.13 -7.92
CA CYS A 42 -3.13 -3.40 -8.01
C CYS A 42 -2.75 -4.64 -7.23
N VAL A 43 -3.57 -4.97 -6.23
CA VAL A 43 -3.33 -6.14 -5.40
C VAL A 43 -3.23 -7.41 -6.24
N LYS A 44 -4.07 -7.50 -7.26
CA LYS A 44 -4.09 -8.65 -8.16
C LYS A 44 -3.11 -8.46 -9.31
N TYR A 45 -2.70 -7.21 -9.53
CA TYR A 45 -1.77 -6.90 -10.62
C TYR A 45 -0.45 -7.63 -10.43
N PHE A 46 0.00 -7.73 -9.17
CA PHE A 46 1.24 -8.41 -8.85
C PHE A 46 1.05 -9.44 -7.74
N GLN A 47 0.78 -10.68 -8.13
CA GLN A 47 0.57 -11.75 -7.17
C GLN A 47 1.59 -11.67 -6.02
N GLN A 48 2.71 -11.02 -6.28
CA GLN A 48 3.76 -10.87 -5.28
C GLN A 48 3.87 -9.41 -4.82
N CYS A 49 4.64 -9.19 -3.77
CA CYS A 49 4.84 -7.86 -3.23
C CYS A 49 5.94 -7.11 -3.99
N PRO A 50 5.59 -5.96 -4.58
CA PRO A 50 6.53 -5.14 -5.34
C PRO A 50 7.57 -4.47 -4.43
N MET A 51 7.56 -4.84 -3.15
CA MET A 51 8.50 -4.27 -2.19
C MET A 51 9.46 -5.35 -1.68
N CYS A 52 8.89 -6.37 -1.05
CA CYS A 52 9.69 -7.47 -0.50
C CYS A 52 9.74 -8.63 -1.47
N ARG A 53 8.77 -8.69 -2.38
CA ARG A 53 8.71 -9.76 -3.37
C ARG A 53 8.48 -11.11 -2.69
N GLN A 54 7.45 -11.18 -1.84
CA GLN A 54 7.13 -12.41 -1.13
C GLN A 54 5.82 -12.99 -1.64
N PHE A 55 5.85 -14.27 -2.01
CA PHE A 55 4.66 -14.95 -2.51
C PHE A 55 3.45 -14.65 -1.62
N VAL A 56 2.45 -13.99 -2.20
CA VAL A 56 1.24 -13.65 -1.46
C VAL A 56 0.33 -14.87 -1.30
N GLN A 57 0.33 -15.45 -0.12
CA GLN A 57 -0.50 -16.62 0.16
C GLN A 57 -1.90 -16.20 0.63
N GLU A 58 -1.96 -15.07 1.32
CA GLU A 58 -3.24 -14.57 1.82
C GLU A 58 -3.26 -13.04 1.80
N SER A 59 -4.45 -12.48 1.58
CA SER A 59 -4.61 -11.03 1.53
C SER A 59 -5.99 -10.62 2.04
N PHE A 60 -6.00 -9.74 3.04
CA PHE A 60 -7.25 -9.27 3.63
C PHE A 60 -7.27 -7.74 3.70
N ALA A 61 -8.42 -7.16 3.40
CA ALA A 61 -8.57 -5.70 3.44
C ALA A 61 -8.61 -5.19 4.88
N LEU A 62 -7.85 -4.14 5.16
CA LEU A 62 -7.79 -3.56 6.49
C LEU A 62 -9.19 -3.34 7.04
N SER A 63 -10.02 -2.65 6.27
CA SER A 63 -11.40 -2.36 6.68
C SER A 63 -12.30 -3.57 6.43
N GLY A 64 -11.85 -4.74 6.89
CA GLY A 64 -12.64 -5.95 6.71
C GLY A 64 -13.15 -6.10 5.29
N PRO A 65 -14.26 -6.84 5.14
CA PRO A 65 -14.87 -7.08 3.83
C PRO A 65 -15.51 -5.82 3.24
N SER A 66 -15.56 -5.74 1.92
CA SER A 66 -16.14 -4.59 1.24
C SER A 66 -17.65 -4.56 1.42
N SER A 67 -18.09 -4.01 2.55
CA SER A 67 -19.51 -3.92 2.85
C SER A 67 -19.90 -2.49 3.24
N GLY A 68 -21.20 -2.26 3.39
CA GLY A 68 -21.67 -0.94 3.76
C GLY A 68 -22.26 -0.18 2.59
N GLY A 1 34.20 -3.68 4.60
CA GLY A 1 33.70 -2.70 5.55
C GLY A 1 32.19 -2.69 5.65
N SER A 2 31.68 -2.78 6.87
CA SER A 2 30.25 -2.79 7.10
C SER A 2 29.57 -1.63 6.38
N SER A 3 28.38 -1.88 5.83
CA SER A 3 27.64 -0.85 5.11
C SER A 3 26.30 -0.57 5.80
N GLY A 4 26.06 0.71 6.10
CA GLY A 4 24.82 1.09 6.75
C GLY A 4 24.30 2.42 6.25
N SER A 5 23.30 2.36 5.37
CA SER A 5 22.71 3.56 4.81
C SER A 5 21.22 3.38 4.57
N SER A 6 20.45 4.46 4.73
CA SER A 6 19.01 4.41 4.52
C SER A 6 18.43 3.12 5.08
N GLY A 7 18.88 2.74 6.27
CA GLY A 7 18.40 1.52 6.89
C GLY A 7 16.88 1.45 6.92
N VAL A 8 16.36 0.37 7.50
CA VAL A 8 14.91 0.18 7.59
C VAL A 8 14.29 1.19 8.54
N GLU A 9 14.11 2.42 8.06
CA GLU A 9 13.52 3.49 8.87
C GLU A 9 12.17 3.05 9.44
N PRO A 10 11.79 3.63 10.58
CA PRO A 10 10.52 3.32 11.25
C PRO A 10 9.32 3.85 10.47
N SER A 11 8.13 3.71 11.07
CA SER A 11 6.91 4.17 10.43
C SER A 11 6.65 5.64 10.73
N GLU A 12 7.71 6.45 10.64
CA GLU A 12 7.60 7.87 10.91
C GLU A 12 7.33 8.64 9.62
N GLU A 13 6.67 7.99 8.66
CA GLU A 13 6.35 8.60 7.39
C GLU A 13 5.02 8.09 6.85
N ASN A 14 4.40 8.87 5.99
CA ASN A 14 3.11 8.50 5.40
C ASN A 14 3.31 7.56 4.22
N SER A 15 3.28 6.26 4.48
CA SER A 15 3.47 5.26 3.44
C SER A 15 2.15 4.52 3.17
N LYS A 16 1.04 5.19 3.39
CA LYS A 16 -0.28 4.60 3.17
C LYS A 16 -0.76 4.88 1.76
N ASP A 17 0.15 4.80 0.79
CA ASP A 17 -0.19 5.05 -0.61
C ASP A 17 0.35 3.93 -1.50
N CYS A 18 -0.28 3.74 -2.64
CA CYS A 18 0.14 2.71 -3.59
C CYS A 18 1.44 3.11 -4.29
N VAL A 19 2.35 2.15 -4.42
CA VAL A 19 3.63 2.40 -5.07
C VAL A 19 3.66 1.82 -6.48
N VAL A 20 2.50 1.84 -7.14
CA VAL A 20 2.40 1.32 -8.50
C VAL A 20 1.70 2.31 -9.42
N CYS A 21 0.58 2.87 -8.95
CA CYS A 21 -0.17 3.84 -9.73
C CYS A 21 -0.16 5.21 -9.06
N GLN A 22 -0.21 5.21 -7.73
CA GLN A 22 -0.21 6.45 -6.97
C GLN A 22 -1.45 7.27 -7.27
N ASN A 23 -2.60 6.62 -7.31
CA ASN A 23 -3.87 7.30 -7.58
C ASN A 23 -4.95 6.86 -6.61
N GLY A 24 -4.89 5.59 -6.21
CA GLY A 24 -5.87 5.07 -5.28
C GLY A 24 -5.26 4.66 -3.95
N THR A 25 -6.08 4.63 -2.91
CA THR A 25 -5.61 4.26 -1.57
C THR A 25 -5.51 2.75 -1.42
N VAL A 26 -4.42 2.29 -0.81
CA VAL A 26 -4.21 0.86 -0.60
C VAL A 26 -4.98 0.37 0.62
N ASN A 27 -5.85 -0.62 0.40
CA ASN A 27 -6.65 -1.18 1.48
C ASN A 27 -6.55 -2.70 1.48
N TRP A 28 -5.35 -3.21 1.20
CA TRP A 28 -5.12 -4.65 1.18
C TRP A 28 -3.72 -4.98 1.66
N VAL A 29 -3.61 -6.03 2.49
CA VAL A 29 -2.33 -6.45 3.02
C VAL A 29 -1.80 -7.67 2.28
N LEU A 30 -0.53 -7.61 1.88
CA LEU A 30 0.10 -8.70 1.15
C LEU A 30 0.81 -9.65 2.11
N LEU A 31 0.02 -10.42 2.87
CA LEU A 31 0.56 -11.37 3.83
C LEU A 31 1.45 -12.39 3.13
N PRO A 32 2.35 -13.02 3.90
CA PRO A 32 2.49 -12.75 5.34
C PRO A 32 3.08 -11.37 5.61
N CYS A 33 4.14 -11.02 4.90
CA CYS A 33 4.79 -9.73 5.07
C CYS A 33 3.81 -8.68 5.56
N ARG A 34 2.61 -8.68 4.99
CA ARG A 34 1.58 -7.73 5.37
C ARG A 34 1.97 -6.31 4.97
N HIS A 35 2.26 -6.12 3.69
CA HIS A 35 2.65 -4.82 3.18
C HIS A 35 1.57 -4.24 2.28
N THR A 36 0.93 -3.16 2.74
CA THR A 36 -0.13 -2.52 1.98
C THR A 36 0.44 -1.59 0.92
N CYS A 37 0.79 -2.16 -0.24
CA CYS A 37 1.35 -1.37 -1.34
C CYS A 37 0.67 -1.73 -2.65
N LEU A 38 -0.63 -1.98 -2.60
CA LEU A 38 -1.39 -2.33 -3.79
C LEU A 38 -2.88 -2.03 -3.60
N CYS A 39 -3.41 -1.13 -4.40
CA CYS A 39 -4.82 -0.76 -4.32
C CYS A 39 -5.71 -1.98 -4.47
N ASP A 40 -6.99 -1.83 -4.13
CA ASP A 40 -7.95 -2.93 -4.22
C ASP A 40 -7.76 -3.70 -5.53
N GLY A 41 -7.38 -2.99 -6.58
CA GLY A 41 -7.18 -3.62 -7.88
C GLY A 41 -5.73 -4.03 -8.10
N CYS A 42 -4.81 -3.11 -7.85
CA CYS A 42 -3.39 -3.38 -8.02
C CYS A 42 -2.97 -4.63 -7.25
N VAL A 43 -3.76 -4.97 -6.24
CA VAL A 43 -3.47 -6.16 -5.42
C VAL A 43 -3.40 -7.41 -6.27
N LYS A 44 -4.23 -7.46 -7.32
CA LYS A 44 -4.25 -8.61 -8.22
C LYS A 44 -3.27 -8.43 -9.37
N TYR A 45 -2.91 -7.18 -9.63
CA TYR A 45 -1.97 -6.86 -10.70
C TYR A 45 -0.67 -7.63 -10.54
N PHE A 46 -0.18 -7.70 -9.30
CA PHE A 46 1.05 -8.40 -8.99
C PHE A 46 0.82 -9.52 -7.98
N GLN A 47 1.30 -10.72 -8.31
CA GLN A 47 1.13 -11.86 -7.44
C GLN A 47 2.26 -11.95 -6.42
N GLN A 48 2.98 -10.84 -6.26
CA GLN A 48 4.10 -10.79 -5.32
C GLN A 48 4.37 -9.35 -4.88
N CYS A 49 4.54 -9.16 -3.58
CA CYS A 49 4.81 -7.83 -3.03
C CYS A 49 5.88 -7.12 -3.85
N PRO A 50 5.49 -5.99 -4.47
CA PRO A 50 6.41 -5.19 -5.28
C PRO A 50 7.47 -4.48 -4.46
N MET A 51 7.52 -4.81 -3.17
CA MET A 51 8.50 -4.20 -2.26
C MET A 51 9.46 -5.26 -1.72
N CYS A 52 8.93 -6.21 -0.96
CA CYS A 52 9.73 -7.27 -0.38
C CYS A 52 9.80 -8.48 -1.32
N ARG A 53 8.84 -8.55 -2.24
CA ARG A 53 8.79 -9.66 -3.19
C ARG A 53 8.48 -10.97 -2.49
N GLN A 54 7.52 -10.93 -1.56
CA GLN A 54 7.13 -12.12 -0.81
C GLN A 54 5.90 -12.77 -1.43
N PHE A 55 6.00 -14.06 -1.72
CA PHE A 55 4.89 -14.81 -2.31
C PHE A 55 3.60 -14.54 -1.56
N VAL A 56 2.69 -13.79 -2.19
CA VAL A 56 1.40 -13.47 -1.56
C VAL A 56 0.49 -14.68 -1.53
N GLN A 57 0.31 -15.25 -0.34
CA GLN A 57 -0.54 -16.42 -0.18
C GLN A 57 -1.95 -16.02 0.27
N GLU A 58 -2.02 -14.95 1.06
CA GLU A 58 -3.31 -14.47 1.56
C GLU A 58 -3.31 -12.94 1.64
N SER A 59 -4.47 -12.34 1.40
CA SER A 59 -4.62 -10.89 1.45
C SER A 59 -6.02 -10.50 1.91
N PHE A 60 -6.08 -9.69 2.97
CA PHE A 60 -7.35 -9.24 3.51
C PHE A 60 -7.41 -7.71 3.56
N ALA A 61 -8.61 -7.16 3.38
CA ALA A 61 -8.79 -5.72 3.41
C ALA A 61 -8.80 -5.19 4.83
N LEU A 62 -7.99 -4.17 5.09
CA LEU A 62 -7.89 -3.57 6.41
C LEU A 62 -9.29 -3.30 6.99
N SER A 63 -10.03 -2.42 6.33
CA SER A 63 -11.37 -2.07 6.78
C SER A 63 -11.37 -1.68 8.25
N GLY A 64 -10.38 -0.90 8.66
CA GLY A 64 -10.28 -0.47 10.04
C GLY A 64 -11.47 0.37 10.47
N PRO A 65 -11.47 0.78 11.75
CA PRO A 65 -12.55 1.59 12.32
C PRO A 65 -12.56 3.01 11.76
N SER A 66 -11.74 3.24 10.73
CA SER A 66 -11.65 4.55 10.11
C SER A 66 -12.37 4.57 8.76
N SER A 67 -13.44 5.35 8.69
CA SER A 67 -14.23 5.46 7.45
C SER A 67 -13.31 5.46 6.23
N GLY A 68 -13.58 4.55 5.30
CA GLY A 68 -12.78 4.46 4.10
C GLY A 68 -13.39 3.55 3.06
N GLY A 1 7.68 33.93 -19.34
CA GLY A 1 8.49 33.56 -18.19
C GLY A 1 8.96 32.12 -18.26
N SER A 2 8.81 31.40 -17.15
CA SER A 2 9.23 30.01 -17.08
C SER A 2 8.84 29.38 -15.74
N SER A 3 8.97 28.07 -15.65
CA SER A 3 8.63 27.34 -14.44
C SER A 3 9.09 25.89 -14.50
N GLY A 4 8.96 25.18 -13.40
CA GLY A 4 9.37 23.80 -13.35
C GLY A 4 8.73 23.03 -12.21
N SER A 5 9.52 22.21 -11.53
CA SER A 5 9.03 21.41 -10.41
C SER A 5 8.00 22.20 -9.60
N SER A 6 6.75 21.73 -9.62
CA SER A 6 5.68 22.40 -8.90
C SER A 6 5.49 21.76 -7.52
N GLY A 7 6.59 21.47 -6.85
CA GLY A 7 6.53 20.86 -5.54
C GLY A 7 7.45 19.66 -5.40
N VAL A 8 7.76 19.30 -4.16
CA VAL A 8 8.63 18.16 -3.89
C VAL A 8 8.18 17.40 -2.65
N GLU A 9 8.04 16.08 -2.79
CA GLU A 9 7.62 15.24 -1.67
C GLU A 9 8.34 15.63 -0.39
N PRO A 10 7.70 15.38 0.76
CA PRO A 10 8.26 15.69 2.07
C PRO A 10 9.43 14.79 2.43
N SER A 11 9.97 14.97 3.63
CA SER A 11 11.10 14.17 4.09
C SER A 11 10.65 13.11 5.10
N GLU A 12 9.50 12.49 4.81
CA GLU A 12 8.96 11.46 5.69
C GLU A 12 8.44 10.27 4.89
N GLU A 13 8.94 9.09 5.20
CA GLU A 13 8.52 7.87 4.50
C GLU A 13 7.00 7.71 4.56
N ASN A 14 6.43 7.27 3.45
CA ASN A 14 4.99 7.07 3.37
C ASN A 14 4.65 5.60 3.15
N SER A 15 3.96 5.01 4.13
CA SER A 15 3.58 3.60 4.06
C SER A 15 2.07 3.45 4.15
N LYS A 16 1.34 4.50 3.74
CA LYS A 16 -0.12 4.47 3.77
C LYS A 16 -0.70 4.84 2.41
N ASP A 17 -0.11 4.28 1.36
CA ASP A 17 -0.57 4.56 0.00
C ASP A 17 0.07 3.60 -0.99
N CYS A 18 -0.56 3.45 -2.16
CA CYS A 18 -0.04 2.56 -3.20
C CYS A 18 1.30 3.06 -3.73
N VAL A 19 2.00 2.20 -4.46
CA VAL A 19 3.29 2.57 -5.04
C VAL A 19 3.33 2.27 -6.53
N VAL A 20 2.59 1.25 -6.95
CA VAL A 20 2.54 0.87 -8.36
C VAL A 20 1.84 1.94 -9.19
N CYS A 21 0.84 2.58 -8.60
CA CYS A 21 0.09 3.63 -9.28
C CYS A 21 0.22 4.96 -8.55
N GLN A 22 0.23 4.90 -7.22
CA GLN A 22 0.34 6.11 -6.40
C GLN A 22 -0.76 7.10 -6.74
N ASN A 23 -1.97 6.59 -6.95
CA ASN A 23 -3.11 7.43 -7.28
C ASN A 23 -4.33 7.07 -6.44
N GLY A 24 -4.47 5.78 -6.13
CA GLY A 24 -5.58 5.32 -5.33
C GLY A 24 -5.21 5.11 -3.88
N THR A 25 -6.00 4.32 -3.17
CA THR A 25 -5.75 4.04 -1.77
C THR A 25 -5.56 2.55 -1.52
N VAL A 26 -4.40 2.19 -0.96
CA VAL A 26 -4.10 0.79 -0.67
C VAL A 26 -5.00 0.25 0.43
N ASN A 27 -5.77 -0.79 0.09
CA ASN A 27 -6.67 -1.40 1.05
C ASN A 27 -6.55 -2.93 1.02
N TRP A 28 -5.32 -3.42 0.91
CA TRP A 28 -5.07 -4.86 0.86
C TRP A 28 -3.66 -5.18 1.32
N VAL A 29 -3.55 -5.88 2.45
CA VAL A 29 -2.26 -6.25 3.01
C VAL A 29 -1.73 -7.53 2.35
N LEU A 30 -0.45 -7.51 1.99
CA LEU A 30 0.18 -8.65 1.35
C LEU A 30 0.92 -9.51 2.38
N LEU A 31 0.17 -10.35 3.07
CA LEU A 31 0.75 -11.23 4.09
C LEU A 31 1.69 -12.25 3.46
N PRO A 32 2.62 -12.77 4.26
CA PRO A 32 2.75 -12.40 5.68
C PRO A 32 3.25 -10.98 5.86
N CYS A 33 4.31 -10.64 5.13
CA CYS A 33 4.90 -9.30 5.22
C CYS A 33 3.84 -8.27 5.56
N ARG A 34 2.65 -8.42 4.97
CA ARG A 34 1.55 -7.49 5.22
C ARG A 34 1.92 -6.09 4.76
N HIS A 35 2.31 -5.97 3.49
CA HIS A 35 2.68 -4.67 2.93
C HIS A 35 1.58 -4.14 2.02
N THR A 36 0.72 -3.28 2.58
CA THR A 36 -0.38 -2.69 1.83
C THR A 36 0.14 -1.70 0.79
N CYS A 37 0.69 -2.22 -0.30
CA CYS A 37 1.22 -1.37 -1.37
C CYS A 37 0.53 -1.68 -2.69
N LEU A 38 -0.74 -2.08 -2.63
CA LEU A 38 -1.50 -2.40 -3.82
C LEU A 38 -2.99 -2.11 -3.62
N CYS A 39 -3.53 -1.24 -4.46
CA CYS A 39 -4.94 -0.87 -4.37
C CYS A 39 -5.83 -2.08 -4.64
N ASP A 40 -7.11 -1.94 -4.29
CA ASP A 40 -8.06 -3.02 -4.49
C ASP A 40 -7.98 -3.58 -5.91
N GLY A 41 -7.41 -2.79 -6.81
CA GLY A 41 -7.27 -3.22 -8.19
C GLY A 41 -5.85 -3.60 -8.55
N CYS A 42 -4.89 -3.09 -7.78
CA CYS A 42 -3.48 -3.37 -8.01
C CYS A 42 -3.09 -4.70 -7.37
N VAL A 43 -3.66 -4.98 -6.21
CA VAL A 43 -3.36 -6.23 -5.49
C VAL A 43 -3.53 -7.44 -6.40
N LYS A 44 -4.30 -7.26 -7.47
CA LYS A 44 -4.54 -8.34 -8.42
C LYS A 44 -3.55 -8.28 -9.58
N TYR A 45 -3.07 -7.08 -9.88
CA TYR A 45 -2.11 -6.89 -10.96
C TYR A 45 -0.79 -7.60 -10.67
N PHE A 46 -0.48 -7.73 -9.38
CA PHE A 46 0.75 -8.39 -8.96
C PHE A 46 0.45 -9.50 -7.94
N GLN A 47 1.00 -10.68 -8.19
CA GLN A 47 0.79 -11.81 -7.30
C GLN A 47 1.75 -11.76 -6.12
N GLN A 48 2.82 -10.99 -6.27
CA GLN A 48 3.82 -10.85 -5.21
C GLN A 48 3.91 -9.40 -4.74
N CYS A 49 4.62 -9.18 -3.63
CA CYS A 49 4.78 -7.84 -3.07
C CYS A 49 5.76 -7.03 -3.91
N PRO A 50 5.28 -5.90 -4.44
CA PRO A 50 6.10 -5.00 -5.27
C PRO A 50 7.17 -4.28 -4.45
N MET A 51 7.37 -4.73 -3.22
CA MET A 51 8.37 -4.13 -2.34
C MET A 51 9.41 -5.15 -1.92
N CYS A 52 8.96 -6.21 -1.26
CA CYS A 52 9.86 -7.26 -0.79
C CYS A 52 9.80 -8.47 -1.73
N ARG A 53 8.79 -8.50 -2.59
CA ARG A 53 8.63 -9.59 -3.54
C ARG A 53 8.40 -10.91 -2.80
N GLN A 54 7.46 -10.91 -1.86
CA GLN A 54 7.16 -12.10 -1.09
C GLN A 54 5.89 -12.78 -1.61
N PHE A 55 5.98 -14.06 -1.92
CA PHE A 55 4.84 -14.82 -2.43
C PHE A 55 3.61 -14.56 -1.58
N VAL A 56 2.65 -13.84 -2.14
CA VAL A 56 1.40 -13.53 -1.44
C VAL A 56 0.57 -14.78 -1.22
N GLN A 57 0.64 -15.33 -0.02
CA GLN A 57 -0.12 -16.54 0.31
C GLN A 57 -1.52 -16.19 0.77
N GLU A 58 -1.65 -15.06 1.48
CA GLU A 58 -2.94 -14.61 1.98
C GLU A 58 -3.04 -13.10 1.96
N SER A 59 -4.24 -12.57 1.71
CA SER A 59 -4.45 -11.13 1.67
C SER A 59 -5.87 -10.79 2.14
N PHE A 60 -6.02 -9.60 2.72
CA PHE A 60 -7.31 -9.15 3.21
C PHE A 60 -7.38 -7.62 3.23
N ALA A 61 -8.60 -7.09 3.11
CA ALA A 61 -8.80 -5.65 3.12
C ALA A 61 -8.81 -5.10 4.54
N LEU A 62 -8.02 -4.05 4.77
CA LEU A 62 -7.94 -3.43 6.08
C LEU A 62 -9.33 -3.25 6.69
N SER A 63 -10.27 -2.80 5.87
CA SER A 63 -11.65 -2.58 6.32
C SER A 63 -12.58 -3.62 5.73
N GLY A 64 -13.54 -4.07 6.54
CA GLY A 64 -14.49 -5.07 6.08
C GLY A 64 -14.91 -4.85 4.63
N PRO A 65 -14.71 -5.87 3.79
CA PRO A 65 -15.06 -5.80 2.37
C PRO A 65 -16.57 -5.79 2.15
N SER A 66 -17.32 -5.78 3.24
CA SER A 66 -18.78 -5.77 3.17
C SER A 66 -19.30 -4.35 3.03
N SER A 67 -20.26 -4.16 2.13
CA SER A 67 -20.84 -2.84 1.90
C SER A 67 -21.65 -2.39 3.12
N GLY A 68 -22.48 -3.28 3.63
CA GLY A 68 -23.29 -2.95 4.79
C GLY A 68 -24.62 -3.67 4.79
N GLY A 1 -22.91 24.93 8.54
CA GLY A 1 -22.91 24.94 9.99
C GLY A 1 -22.51 23.60 10.57
N SER A 2 -21.43 23.02 10.04
CA SER A 2 -20.94 21.74 10.51
C SER A 2 -20.83 21.72 12.04
N SER A 3 -21.63 20.88 12.67
CA SER A 3 -21.63 20.77 14.12
C SER A 3 -21.11 19.41 14.57
N GLY A 4 -20.06 19.40 15.36
CA GLY A 4 -19.49 18.15 15.84
C GLY A 4 -18.22 17.77 15.09
N SER A 5 -17.19 17.39 15.83
CA SER A 5 -15.92 17.00 15.23
C SER A 5 -15.37 18.12 14.35
N SER A 6 -15.51 19.35 14.82
CA SER A 6 -15.03 20.51 14.07
C SER A 6 -13.74 21.05 14.68
N GLY A 7 -12.85 21.56 13.82
CA GLY A 7 -11.59 22.10 14.29
C GLY A 7 -10.71 22.58 13.15
N VAL A 8 -10.34 21.65 12.27
CA VAL A 8 -9.49 21.99 11.14
C VAL A 8 -9.32 20.79 10.20
N GLU A 9 -9.22 21.05 8.91
CA GLU A 9 -9.07 20.00 7.92
C GLU A 9 -8.09 18.94 8.41
N PRO A 10 -8.40 17.66 8.11
CA PRO A 10 -7.56 16.53 8.51
C PRO A 10 -6.23 16.49 7.75
N SER A 11 -5.14 16.45 8.51
CA SER A 11 -3.80 16.42 7.92
C SER A 11 -3.47 15.01 7.43
N GLU A 12 -4.33 14.46 6.58
CA GLU A 12 -4.13 13.12 6.04
C GLU A 12 -3.10 13.14 4.91
N GLU A 13 -2.01 12.41 5.10
CA GLU A 13 -0.95 12.34 4.09
C GLU A 13 -0.94 10.98 3.41
N ASN A 14 -0.30 10.92 2.25
CA ASN A 14 -0.21 9.67 1.49
C ASN A 14 0.96 8.82 1.99
N SER A 15 1.12 8.75 3.30
CA SER A 15 2.19 7.98 3.90
C SER A 15 2.03 6.49 3.59
N LYS A 16 0.82 5.98 3.80
CA LYS A 16 0.53 4.57 3.54
C LYS A 16 -0.36 4.42 2.30
N ASP A 17 0.17 4.81 1.15
CA ASP A 17 -0.57 4.71 -0.10
C ASP A 17 0.11 3.75 -1.06
N CYS A 18 -0.54 3.48 -2.18
CA CYS A 18 0.00 2.56 -3.18
C CYS A 18 1.33 3.08 -3.73
N VAL A 19 2.09 2.19 -4.36
CA VAL A 19 3.38 2.56 -4.92
C VAL A 19 3.42 2.29 -6.43
N VAL A 20 2.80 1.19 -6.84
CA VAL A 20 2.77 0.83 -8.25
C VAL A 20 2.08 1.91 -9.08
N CYS A 21 1.10 2.56 -8.48
CA CYS A 21 0.37 3.62 -9.16
C CYS A 21 0.35 4.90 -8.33
N GLN A 22 0.47 4.75 -7.02
CA GLN A 22 0.48 5.89 -6.11
C GLN A 22 -0.63 6.88 -6.48
N ASN A 23 -1.78 6.35 -6.87
CA ASN A 23 -2.92 7.20 -7.25
C ASN A 23 -4.14 6.87 -6.40
N GLY A 24 -4.35 5.58 -6.14
CA GLY A 24 -5.49 5.17 -5.33
C GLY A 24 -5.08 4.73 -3.94
N THR A 25 -6.06 4.65 -3.04
CA THR A 25 -5.80 4.24 -1.67
C THR A 25 -5.70 2.72 -1.55
N VAL A 26 -4.65 2.25 -0.89
CA VAL A 26 -4.45 0.82 -0.70
C VAL A 26 -5.26 0.29 0.47
N ASN A 27 -6.06 -0.74 0.23
CA ASN A 27 -6.88 -1.33 1.27
C ASN A 27 -6.74 -2.86 1.28
N TRP A 28 -5.55 -3.33 0.92
CA TRP A 28 -5.27 -4.76 0.89
C TRP A 28 -3.83 -5.05 1.26
N VAL A 29 -3.63 -5.77 2.36
CA VAL A 29 -2.29 -6.12 2.82
C VAL A 29 -1.80 -7.41 2.17
N LEU A 30 -0.51 -7.46 1.86
CA LEU A 30 0.09 -8.63 1.24
C LEU A 30 0.87 -9.46 2.26
N LEU A 31 0.13 -10.26 3.03
CA LEU A 31 0.75 -11.11 4.05
C LEU A 31 1.69 -12.13 3.41
N PRO A 32 2.63 -12.65 4.21
CA PRO A 32 2.78 -12.27 5.62
C PRO A 32 3.29 -10.85 5.78
N CYS A 33 4.35 -10.51 5.04
CA CYS A 33 4.93 -9.18 5.11
C CYS A 33 3.88 -8.14 5.48
N ARG A 34 2.69 -8.27 4.91
CA ARG A 34 1.59 -7.35 5.18
C ARG A 34 1.89 -5.96 4.59
N HIS A 35 2.22 -5.94 3.31
CA HIS A 35 2.53 -4.69 2.63
C HIS A 35 1.35 -4.24 1.76
N THR A 36 0.62 -3.24 2.25
CA THR A 36 -0.53 -2.72 1.52
C THR A 36 -0.10 -1.80 0.39
N CYS A 37 0.89 -2.25 -0.39
CA CYS A 37 1.40 -1.46 -1.50
C CYS A 37 0.69 -1.84 -2.80
N LEU A 38 -0.62 -2.06 -2.70
CA LEU A 38 -1.42 -2.43 -3.87
C LEU A 38 -2.89 -2.08 -3.65
N CYS A 39 -3.43 -1.24 -4.52
CA CYS A 39 -4.83 -0.83 -4.41
C CYS A 39 -5.76 -2.02 -4.61
N ASP A 40 -7.03 -1.84 -4.24
CA ASP A 40 -8.02 -2.90 -4.38
C ASP A 40 -7.84 -3.66 -5.69
N GLY A 41 -7.34 -2.96 -6.70
CA GLY A 41 -7.13 -3.57 -8.00
C GLY A 41 -5.70 -4.04 -8.19
N CYS A 42 -4.75 -3.18 -7.82
CA CYS A 42 -3.33 -3.51 -7.95
C CYS A 42 -2.98 -4.77 -7.18
N VAL A 43 -3.73 -5.03 -6.11
CA VAL A 43 -3.50 -6.21 -5.28
C VAL A 43 -3.43 -7.48 -6.14
N LYS A 44 -4.21 -7.50 -7.21
CA LYS A 44 -4.23 -8.65 -8.11
C LYS A 44 -3.29 -8.44 -9.28
N TYR A 45 -2.89 -7.19 -9.51
CA TYR A 45 -1.99 -6.86 -10.60
C TYR A 45 -0.67 -7.60 -10.46
N PHE A 46 -0.15 -7.66 -9.24
CA PHE A 46 1.12 -8.34 -8.97
C PHE A 46 0.94 -9.39 -7.87
N GLN A 47 0.76 -10.64 -8.29
CA GLN A 47 0.58 -11.74 -7.35
C GLN A 47 1.61 -11.66 -6.22
N GLN A 48 2.72 -10.99 -6.49
CA GLN A 48 3.79 -10.84 -5.49
C GLN A 48 3.89 -9.40 -5.02
N CYS A 49 4.56 -9.20 -3.89
CA CYS A 49 4.74 -7.87 -3.33
C CYS A 49 5.75 -7.06 -4.15
N PRO A 50 5.29 -5.94 -4.73
CA PRO A 50 6.13 -5.06 -5.53
C PRO A 50 7.17 -4.32 -4.70
N MET A 51 7.27 -4.69 -3.43
CA MET A 51 8.22 -4.05 -2.52
C MET A 51 9.24 -5.06 -2.02
N CYS A 52 8.77 -6.10 -1.33
CA CYS A 52 9.65 -7.14 -0.80
C CYS A 52 9.72 -8.34 -1.74
N ARG A 53 8.73 -8.42 -2.64
CA ARG A 53 8.68 -9.52 -3.59
C ARG A 53 8.44 -10.86 -2.88
N GLN A 54 7.49 -10.86 -1.96
CA GLN A 54 7.16 -12.07 -1.20
C GLN A 54 5.87 -12.70 -1.72
N PHE A 55 5.93 -13.98 -2.03
CA PHE A 55 4.76 -14.71 -2.54
C PHE A 55 3.55 -14.47 -1.65
N VAL A 56 2.56 -13.76 -2.19
CA VAL A 56 1.35 -13.45 -1.45
C VAL A 56 0.52 -14.71 -1.22
N GLN A 57 0.56 -15.23 0.01
CA GLN A 57 -0.19 -16.43 0.35
C GLN A 57 -1.61 -16.08 0.83
N GLU A 58 -1.71 -15.00 1.59
CA GLU A 58 -3.00 -14.55 2.10
C GLU A 58 -3.12 -13.03 2.04
N SER A 59 -4.31 -12.55 1.70
CA SER A 59 -4.55 -11.12 1.60
C SER A 59 -5.97 -10.77 2.04
N PHE A 60 -6.10 -9.75 2.88
CA PHE A 60 -7.40 -9.32 3.37
C PHE A 60 -7.54 -7.79 3.30
N ALA A 61 -8.78 -7.32 3.35
CA ALA A 61 -9.04 -5.89 3.29
C ALA A 61 -9.09 -5.27 4.69
N LEU A 62 -8.17 -4.37 4.96
CA LEU A 62 -8.10 -3.71 6.26
C LEU A 62 -9.50 -3.37 6.77
N SER A 63 -10.32 -2.83 5.88
CA SER A 63 -11.69 -2.45 6.24
C SER A 63 -12.62 -3.65 6.16
N GLY A 64 -12.76 -4.36 7.27
CA GLY A 64 -13.62 -5.53 7.30
C GLY A 64 -14.96 -5.25 7.97
N PRO A 65 -15.61 -6.31 8.47
CA PRO A 65 -16.91 -6.19 9.14
C PRO A 65 -16.80 -5.50 10.50
N SER A 66 -17.02 -4.19 10.50
CA SER A 66 -16.94 -3.41 11.73
C SER A 66 -18.33 -3.24 12.36
N SER A 67 -18.62 -4.06 13.36
CA SER A 67 -19.92 -4.00 14.04
C SER A 67 -19.82 -4.60 15.43
N GLY A 68 -20.88 -4.44 16.21
CA GLY A 68 -20.90 -4.97 17.57
C GLY A 68 -22.29 -5.00 18.16
#